data_1YBX
# 
_entry.id   1YBX 
# 
_audit_conform.dict_name       mmcif_pdbx.dic 
_audit_conform.dict_version    5.397 
_audit_conform.dict_location   http://mmcif.pdb.org/dictionaries/ascii/mmcif_pdbx.dic 
# 
loop_
_database_2.database_id 
_database_2.database_code 
_database_2.pdbx_database_accession 
_database_2.pdbx_DOI 
PDB   1YBX         pdb_00001ybx 10.2210/pdb1ybx/pdb 
RCSB  RCSB031358   ?            ?                   
WWPDB D_1000031358 ?            ?                   
# 
loop_
_pdbx_audit_revision_history.ordinal 
_pdbx_audit_revision_history.data_content_type 
_pdbx_audit_revision_history.major_revision 
_pdbx_audit_revision_history.minor_revision 
_pdbx_audit_revision_history.revision_date 
1 'Structure model' 1 0 2005-02-01 
2 'Structure model' 1 1 2008-04-30 
3 'Structure model' 1 2 2011-07-13 
4 'Structure model' 1 3 2017-10-11 
5 'Structure model' 1 4 2024-10-16 
# 
_pdbx_audit_revision_details.ordinal             1 
_pdbx_audit_revision_details.revision_ordinal    1 
_pdbx_audit_revision_details.data_content_type   'Structure model' 
_pdbx_audit_revision_details.provider            repository 
_pdbx_audit_revision_details.type                'Initial release' 
_pdbx_audit_revision_details.description         ? 
_pdbx_audit_revision_details.details             ? 
# 
loop_
_pdbx_audit_revision_group.ordinal 
_pdbx_audit_revision_group.revision_ordinal 
_pdbx_audit_revision_group.data_content_type 
_pdbx_audit_revision_group.group 
1 2 'Structure model' 'Version format compliance' 
2 3 'Structure model' Advisory                    
3 3 'Structure model' 'Version format compliance' 
4 4 'Structure model' 'Refinement description'    
5 5 'Structure model' 'Data collection'           
6 5 'Structure model' 'Database references'       
7 5 'Structure model' 'Derived calculations'      
8 5 'Structure model' 'Structure summary'         
# 
loop_
_pdbx_audit_revision_category.ordinal 
_pdbx_audit_revision_category.revision_ordinal 
_pdbx_audit_revision_category.data_content_type 
_pdbx_audit_revision_category.category 
1 4 'Structure model' software                  
2 5 'Structure model' chem_comp_atom            
3 5 'Structure model' chem_comp_bond            
4 5 'Structure model' database_2                
5 5 'Structure model' pdbx_entry_details        
6 5 'Structure model' pdbx_modification_feature 
7 5 'Structure model' struct_conn               
8 5 'Structure model' struct_ref_seq_dif        
9 5 'Structure model' struct_site               
# 
loop_
_pdbx_audit_revision_item.ordinal 
_pdbx_audit_revision_item.revision_ordinal 
_pdbx_audit_revision_item.data_content_type 
_pdbx_audit_revision_item.item 
1  4 'Structure model' '_software.classification'            
2  4 'Structure model' '_software.contact_author'            
3  4 'Structure model' '_software.contact_author_email'      
4  4 'Structure model' '_software.date'                      
5  4 'Structure model' '_software.language'                  
6  4 'Structure model' '_software.location'                  
7  4 'Structure model' '_software.name'                      
8  4 'Structure model' '_software.type'                      
9  4 'Structure model' '_software.version'                   
10 5 'Structure model' '_database_2.pdbx_DOI'                
11 5 'Structure model' '_database_2.pdbx_database_accession' 
12 5 'Structure model' '_struct_conn.pdbx_leaving_atom_flag' 
13 5 'Structure model' '_struct_ref_seq_dif.details'         
14 5 'Structure model' '_struct_site.pdbx_auth_asym_id'      
15 5 'Structure model' '_struct_site.pdbx_auth_comp_id'      
16 5 'Structure model' '_struct_site.pdbx_auth_seq_id'       
# 
_pdbx_database_status.entry_id                        1YBX 
_pdbx_database_status.deposit_site                    RCSB 
_pdbx_database_status.process_site                    RCSB 
_pdbx_database_status.recvd_initial_deposition_date   2004-12-21 
_pdbx_database_status.status_code                     REL 
_pdbx_database_status.status_code_sf                  REL 
_pdbx_database_status.status_code_mr                  ? 
_pdbx_database_status.SG_entry                        Y 
_pdbx_database_status.pdb_format_compatible           Y 
_pdbx_database_status.status_code_cs                  ? 
_pdbx_database_status.methods_development_category    ? 
_pdbx_database_status.status_code_nmr_data            ? 
# 
_pdbx_database_related.db_name        TargetDB 
_pdbx_database_related.db_id          Cth-383 
_pdbx_database_related.details        . 
_pdbx_database_related.content_type   unspecified 
# 
loop_
_audit_author.name 
_audit_author.pdbx_ordinal 
'Tempel, W.'                                              1  
'Chang, J.'                                               2  
'Zhao, M.'                                                3  
'Habel, J.'                                               4  
'Kataeva, I.'                                             5  
'Xu, H.'                                                  6  
'Chen, L.'                                                7  
'Lee, D.'                                                 8  
'Nguyen, J.'                                              9  
'Chang, S.-H.'                                            10 
'Horanyi, P.'                                             11 
'Florence, Q.'                                            12 
'Zhou, W.'                                                13 
'Lin, D.'                                                 14 
'Zhang, H.'                                               15 
'Ljundahl, L.'                                            16 
'Liu, Z.-J.'                                              17 
'Rose, J.'                                                18 
'Wang, B.-C.'                                             19 
'Southeast Collaboratory for Structural Genomics (SECSG)' 20 
# 
_citation.id                        primary 
_citation.title                     'Conserved hypothetical protein Cth-383 from Clostridium thermocellum' 
_citation.journal_abbrev            'To be published' 
_citation.journal_volume            ? 
_citation.page_first                ? 
_citation.page_last                 ? 
_citation.year                      ? 
_citation.journal_id_ASTM           ? 
_citation.country                   ? 
_citation.journal_id_ISSN           ? 
_citation.journal_id_CSD            0353 
_citation.book_publisher            ? 
_citation.pdbx_database_id_PubMed   ? 
_citation.pdbx_database_id_DOI      ? 
# 
loop_
_citation_author.citation_id 
_citation_author.name 
_citation_author.ordinal 
_citation_author.identifier_ORCID 
primary 'Tempel, W.'   1  ? 
primary 'Chang, J.'    2  ? 
primary 'Zhao, M.'     3  ? 
primary 'Habel, J.'    4  ? 
primary 'Kataeva, I.'  5  ? 
primary 'Xu, H.'       6  ? 
primary 'Chen, L.'     7  ? 
primary 'Lee, D.'      8  ? 
primary 'Nguyen, J.'   9  ? 
primary 'Chang, S.-H.' 10 ? 
primary 'Horanyi, P.'  11 ? 
primary 'Florence, Q.' 12 ? 
primary 'Zhou, W.'     13 ? 
primary 'Lin, D.'      14 ? 
primary 'Zhang, H.'    15 ? 
primary 'Ljundahl, L.' 16 ? 
primary 'Liu, Z.-J.'   17 ? 
primary 'Rose, J.'     18 ? 
primary 'Wang, B.-C.'  19 ? 
# 
loop_
_entity.id 
_entity.type 
_entity.src_method 
_entity.pdbx_description 
_entity.formula_weight 
_entity.pdbx_number_of_molecules 
_entity.pdbx_ec 
_entity.pdbx_mutation 
_entity.pdbx_fragment 
_entity.details 
1 polymer     man 'Conserved hypothetical protein' 15503.752 2  ? ? ? ? 
2 non-polymer syn 'UNKNOWN ATOM OR ION'            ?         4  ? ? ? ? 
3 water       nat water                            18.015    90 ? ? ? ? 
# 
_entity_poly.entity_id                      1 
_entity_poly.type                           'polypeptide(L)' 
_entity_poly.nstd_linkage                   no 
_entity_poly.nstd_monomer                   yes 
_entity_poly.pdbx_seq_one_letter_code       
;(MSE)GSSHHHHHHSSGLVPRGSQSTSLYKKAGL(MSE)AKGGFPGFGGNINNLVKQAQK(MSE)QRD(MSE)ERVQEEL
KEKTVEASAGGGAVTVVATGRKDIKEITIKPEVVDPDDVE(MSE)LQDLILAAVNEALRKADE(MSE)VTAEISKITGGL
GGIPGLF
;
_entity_poly.pdbx_seq_one_letter_code_can   
;MGSSHHHHHHSSGLVPRGSQSTSLYKKAGLMAKGGFPGFGGNINNLVKQAQKMQRDMERVQEELKEKTVEASAGGGAVTV
VATGRKDIKEITIKPEVVDPDDVEMLQDLILAAVNEALRKADEMVTAEISKITGGLGGIPGLF
;
_entity_poly.pdbx_strand_id                 A,B 
_entity_poly.pdbx_target_identifier         Cth-383 
# 
loop_
_pdbx_entity_nonpoly.entity_id 
_pdbx_entity_nonpoly.name 
_pdbx_entity_nonpoly.comp_id 
2 'UNKNOWN ATOM OR ION' UNX 
3 water                 HOH 
# 
loop_
_entity_poly_seq.entity_id 
_entity_poly_seq.num 
_entity_poly_seq.mon_id 
_entity_poly_seq.hetero 
1 1   MSE n 
1 2   GLY n 
1 3   SER n 
1 4   SER n 
1 5   HIS n 
1 6   HIS n 
1 7   HIS n 
1 8   HIS n 
1 9   HIS n 
1 10  HIS n 
1 11  SER n 
1 12  SER n 
1 13  GLY n 
1 14  LEU n 
1 15  VAL n 
1 16  PRO n 
1 17  ARG n 
1 18  GLY n 
1 19  SER n 
1 20  GLN n 
1 21  SER n 
1 22  THR n 
1 23  SER n 
1 24  LEU n 
1 25  TYR n 
1 26  LYS n 
1 27  LYS n 
1 28  ALA n 
1 29  GLY n 
1 30  LEU n 
1 31  MSE n 
1 32  ALA n 
1 33  LYS n 
1 34  GLY n 
1 35  GLY n 
1 36  PHE n 
1 37  PRO n 
1 38  GLY n 
1 39  PHE n 
1 40  GLY n 
1 41  GLY n 
1 42  ASN n 
1 43  ILE n 
1 44  ASN n 
1 45  ASN n 
1 46  LEU n 
1 47  VAL n 
1 48  LYS n 
1 49  GLN n 
1 50  ALA n 
1 51  GLN n 
1 52  LYS n 
1 53  MSE n 
1 54  GLN n 
1 55  ARG n 
1 56  ASP n 
1 57  MSE n 
1 58  GLU n 
1 59  ARG n 
1 60  VAL n 
1 61  GLN n 
1 62  GLU n 
1 63  GLU n 
1 64  LEU n 
1 65  LYS n 
1 66  GLU n 
1 67  LYS n 
1 68  THR n 
1 69  VAL n 
1 70  GLU n 
1 71  ALA n 
1 72  SER n 
1 73  ALA n 
1 74  GLY n 
1 75  GLY n 
1 76  GLY n 
1 77  ALA n 
1 78  VAL n 
1 79  THR n 
1 80  VAL n 
1 81  VAL n 
1 82  ALA n 
1 83  THR n 
1 84  GLY n 
1 85  ARG n 
1 86  LYS n 
1 87  ASP n 
1 88  ILE n 
1 89  LYS n 
1 90  GLU n 
1 91  ILE n 
1 92  THR n 
1 93  ILE n 
1 94  LYS n 
1 95  PRO n 
1 96  GLU n 
1 97  VAL n 
1 98  VAL n 
1 99  ASP n 
1 100 PRO n 
1 101 ASP n 
1 102 ASP n 
1 103 VAL n 
1 104 GLU n 
1 105 MSE n 
1 106 LEU n 
1 107 GLN n 
1 108 ASP n 
1 109 LEU n 
1 110 ILE n 
1 111 LEU n 
1 112 ALA n 
1 113 ALA n 
1 114 VAL n 
1 115 ASN n 
1 116 GLU n 
1 117 ALA n 
1 118 LEU n 
1 119 ARG n 
1 120 LYS n 
1 121 ALA n 
1 122 ASP n 
1 123 GLU n 
1 124 MSE n 
1 125 VAL n 
1 126 THR n 
1 127 ALA n 
1 128 GLU n 
1 129 ILE n 
1 130 SER n 
1 131 LYS n 
1 132 ILE n 
1 133 THR n 
1 134 GLY n 
1 135 GLY n 
1 136 LEU n 
1 137 GLY n 
1 138 GLY n 
1 139 ILE n 
1 140 PRO n 
1 141 GLY n 
1 142 LEU n 
1 143 PHE n 
# 
_entity_src_gen.entity_id                          1 
_entity_src_gen.pdbx_src_id                        1 
_entity_src_gen.pdbx_alt_source_flag               sample 
_entity_src_gen.pdbx_seq_type                      ? 
_entity_src_gen.pdbx_beg_seq_num                   ? 
_entity_src_gen.pdbx_end_seq_num                   ? 
_entity_src_gen.gene_src_common_name               ? 
_entity_src_gen.gene_src_genus                     Clostridium 
_entity_src_gen.pdbx_gene_src_gene                 ? 
_entity_src_gen.gene_src_species                   ? 
_entity_src_gen.gene_src_strain                    ? 
_entity_src_gen.gene_src_tissue                    ? 
_entity_src_gen.gene_src_tissue_fraction           ? 
_entity_src_gen.gene_src_details                   ? 
_entity_src_gen.pdbx_gene_src_fragment             ? 
_entity_src_gen.pdbx_gene_src_scientific_name      'Clostridium thermocellum' 
_entity_src_gen.pdbx_gene_src_ncbi_taxonomy_id     1515 
_entity_src_gen.pdbx_gene_src_variant              ? 
_entity_src_gen.pdbx_gene_src_cell_line            ? 
_entity_src_gen.pdbx_gene_src_atcc                 27405 
_entity_src_gen.pdbx_gene_src_organ                ? 
_entity_src_gen.pdbx_gene_src_organelle            ? 
_entity_src_gen.pdbx_gene_src_cell                 ? 
_entity_src_gen.pdbx_gene_src_cellular_location    ? 
_entity_src_gen.host_org_common_name               ? 
_entity_src_gen.pdbx_host_org_scientific_name      'Escherichia coli' 
_entity_src_gen.pdbx_host_org_ncbi_taxonomy_id     562 
_entity_src_gen.host_org_genus                     Escherichia 
_entity_src_gen.pdbx_host_org_gene                 ? 
_entity_src_gen.pdbx_host_org_organ                ? 
_entity_src_gen.host_org_species                   ? 
_entity_src_gen.pdbx_host_org_tissue               ? 
_entity_src_gen.pdbx_host_org_tissue_fraction      ? 
_entity_src_gen.pdbx_host_org_strain               ? 
_entity_src_gen.pdbx_host_org_variant              ? 
_entity_src_gen.pdbx_host_org_cell_line            ? 
_entity_src_gen.pdbx_host_org_atcc                 ? 
_entity_src_gen.pdbx_host_org_culture_collection   ? 
_entity_src_gen.pdbx_host_org_cell                 ? 
_entity_src_gen.pdbx_host_org_organelle            ? 
_entity_src_gen.pdbx_host_org_cellular_location    ? 
_entity_src_gen.pdbx_host_org_vector_type          ? 
_entity_src_gen.pdbx_host_org_vector               ? 
_entity_src_gen.host_org_details                   ? 
_entity_src_gen.expression_system_id               ? 
_entity_src_gen.plasmid_name                       ? 
_entity_src_gen.plasmid_details                    ? 
_entity_src_gen.pdbx_description                   ? 
# 
loop_
_chem_comp.id 
_chem_comp.type 
_chem_comp.mon_nstd_flag 
_chem_comp.name 
_chem_comp.pdbx_synonyms 
_chem_comp.formula 
_chem_comp.formula_weight 
ALA 'L-peptide linking' y ALANINE               ? 'C3 H7 N O2'     89.093  
ARG 'L-peptide linking' y ARGININE              ? 'C6 H15 N4 O2 1' 175.209 
ASN 'L-peptide linking' y ASPARAGINE            ? 'C4 H8 N2 O3'    132.118 
ASP 'L-peptide linking' y 'ASPARTIC ACID'       ? 'C4 H7 N O4'     133.103 
GLN 'L-peptide linking' y GLUTAMINE             ? 'C5 H10 N2 O3'   146.144 
GLU 'L-peptide linking' y 'GLUTAMIC ACID'       ? 'C5 H9 N O4'     147.129 
GLY 'peptide linking'   y GLYCINE               ? 'C2 H5 N O2'     75.067  
HIS 'L-peptide linking' y HISTIDINE             ? 'C6 H10 N3 O2 1' 156.162 
HOH non-polymer         . WATER                 ? 'H2 O'           18.015  
ILE 'L-peptide linking' y ISOLEUCINE            ? 'C6 H13 N O2'    131.173 
LEU 'L-peptide linking' y LEUCINE               ? 'C6 H13 N O2'    131.173 
LYS 'L-peptide linking' y LYSINE                ? 'C6 H15 N2 O2 1' 147.195 
MET 'L-peptide linking' y METHIONINE            ? 'C5 H11 N O2 S'  149.211 
MSE 'L-peptide linking' n SELENOMETHIONINE      ? 'C5 H11 N O2 Se' 196.106 
PHE 'L-peptide linking' y PHENYLALANINE         ? 'C9 H11 N O2'    165.189 
PRO 'L-peptide linking' y PROLINE               ? 'C5 H9 N O2'     115.130 
SER 'L-peptide linking' y SERINE                ? 'C3 H7 N O3'     105.093 
THR 'L-peptide linking' y THREONINE             ? 'C4 H9 N O3'     119.119 
TYR 'L-peptide linking' y TYROSINE              ? 'C9 H11 N O3'    181.189 
UNX non-polymer         . 'UNKNOWN ATOM OR ION' ? ?                ?       
VAL 'L-peptide linking' y VALINE                ? 'C5 H11 N O2'    117.146 
# 
loop_
_pdbx_poly_seq_scheme.asym_id 
_pdbx_poly_seq_scheme.entity_id 
_pdbx_poly_seq_scheme.seq_id 
_pdbx_poly_seq_scheme.mon_id 
_pdbx_poly_seq_scheme.ndb_seq_num 
_pdbx_poly_seq_scheme.pdb_seq_num 
_pdbx_poly_seq_scheme.auth_seq_num 
_pdbx_poly_seq_scheme.pdb_mon_id 
_pdbx_poly_seq_scheme.auth_mon_id 
_pdbx_poly_seq_scheme.pdb_strand_id 
_pdbx_poly_seq_scheme.pdb_ins_code 
_pdbx_poly_seq_scheme.hetero 
A 1 1   MSE 1   -29 ?   ?   ?   A . n 
A 1 2   GLY 2   -28 ?   ?   ?   A . n 
A 1 3   SER 3   -27 ?   ?   ?   A . n 
A 1 4   SER 4   -26 ?   ?   ?   A . n 
A 1 5   HIS 5   -25 ?   ?   ?   A . n 
A 1 6   HIS 6   -24 ?   ?   ?   A . n 
A 1 7   HIS 7   -23 ?   ?   ?   A . n 
A 1 8   HIS 8   -22 ?   ?   ?   A . n 
A 1 9   HIS 9   -21 ?   ?   ?   A . n 
A 1 10  HIS 10  -20 ?   ?   ?   A . n 
A 1 11  SER 11  -19 ?   ?   ?   A . n 
A 1 12  SER 12  -18 ?   ?   ?   A . n 
A 1 13  GLY 13  -17 ?   ?   ?   A . n 
A 1 14  LEU 14  -16 ?   ?   ?   A . n 
A 1 15  VAL 15  -15 ?   ?   ?   A . n 
A 1 16  PRO 16  -14 ?   ?   ?   A . n 
A 1 17  ARG 17  -13 ?   ?   ?   A . n 
A 1 18  GLY 18  -12 ?   ?   ?   A . n 
A 1 19  SER 19  -11 ?   ?   ?   A . n 
A 1 20  GLN 20  -10 ?   ?   ?   A . n 
A 1 21  SER 21  -9  ?   ?   ?   A . n 
A 1 22  THR 22  -8  ?   ?   ?   A . n 
A 1 23  SER 23  -7  ?   ?   ?   A . n 
A 1 24  LEU 24  -6  ?   ?   ?   A . n 
A 1 25  TYR 25  -5  ?   ?   ?   A . n 
A 1 26  LYS 26  -4  ?   ?   ?   A . n 
A 1 27  LYS 27  -3  ?   ?   ?   A . n 
A 1 28  ALA 28  -2  ?   ?   ?   A . n 
A 1 29  GLY 29  -1  ?   ?   ?   A . n 
A 1 30  LEU 30  0   ?   ?   ?   A . n 
A 1 31  MSE 31  1   ?   ?   ?   A . n 
A 1 32  ALA 32  2   ?   ?   ?   A . n 
A 1 33  LYS 33  3   ?   ?   ?   A . n 
A 1 34  GLY 34  4   ?   ?   ?   A . n 
A 1 35  GLY 35  5   ?   ?   ?   A . n 
A 1 36  PHE 36  6   ?   ?   ?   A . n 
A 1 37  PRO 37  7   ?   ?   ?   A . n 
A 1 38  GLY 38  8   ?   ?   ?   A . n 
A 1 39  PHE 39  9   ?   ?   ?   A . n 
A 1 40  GLY 40  10  ?   ?   ?   A . n 
A 1 41  GLY 41  11  ?   ?   ?   A . n 
A 1 42  ASN 42  12  ?   ?   ?   A . n 
A 1 43  ILE 43  13  13  ILE ILE A . n 
A 1 44  ASN 44  14  14  ASN ASN A . n 
A 1 45  ASN 45  15  15  ASN ASN A . n 
A 1 46  LEU 46  16  16  LEU LEU A . n 
A 1 47  VAL 47  17  17  VAL VAL A . n 
A 1 48  LYS 48  18  18  LYS LYS A . n 
A 1 49  GLN 49  19  19  GLN GLN A . n 
A 1 50  ALA 50  20  20  ALA ALA A . n 
A 1 51  GLN 51  21  21  GLN GLN A . n 
A 1 52  LYS 52  22  22  LYS LYS A . n 
A 1 53  MSE 53  23  23  MSE MSE A . n 
A 1 54  GLN 54  24  24  GLN GLN A . n 
A 1 55  ARG 55  25  25  ARG ARG A . n 
A 1 56  ASP 56  26  26  ASP ASP A . n 
A 1 57  MSE 57  27  27  MSE MSE A . n 
A 1 58  GLU 58  28  28  GLU GLU A . n 
A 1 59  ARG 59  29  29  ARG ARG A . n 
A 1 60  VAL 60  30  30  VAL VAL A . n 
A 1 61  GLN 61  31  31  GLN GLN A . n 
A 1 62  GLU 62  32  32  GLU GLU A . n 
A 1 63  GLU 63  33  33  GLU GLU A . n 
A 1 64  LEU 64  34  34  LEU LEU A . n 
A 1 65  LYS 65  35  35  LYS LYS A . n 
A 1 66  GLU 66  36  36  GLU GLU A . n 
A 1 67  LYS 67  37  37  LYS LYS A . n 
A 1 68  THR 68  38  38  THR THR A . n 
A 1 69  VAL 69  39  39  VAL VAL A . n 
A 1 70  GLU 70  40  40  GLU GLU A . n 
A 1 71  ALA 71  41  41  ALA ALA A . n 
A 1 72  SER 72  42  42  SER SER A . n 
A 1 73  ALA 73  43  43  ALA ALA A . n 
A 1 74  GLY 74  44  44  GLY GLY A . n 
A 1 75  GLY 75  45  45  GLY GLY A . n 
A 1 76  GLY 76  46  46  GLY GLY A . n 
A 1 77  ALA 77  47  47  ALA ALA A . n 
A 1 78  VAL 78  48  48  VAL VAL A . n 
A 1 79  THR 79  49  49  THR THR A . n 
A 1 80  VAL 80  50  50  VAL VAL A . n 
A 1 81  VAL 81  51  51  VAL VAL A . n 
A 1 82  ALA 82  52  52  ALA ALA A . n 
A 1 83  THR 83  53  53  THR THR A . n 
A 1 84  GLY 84  54  54  GLY GLY A . n 
A 1 85  ARG 85  55  55  ARG ARG A . n 
A 1 86  LYS 86  56  56  LYS LYS A . n 
A 1 87  ASP 87  57  57  ASP ASP A . n 
A 1 88  ILE 88  58  58  ILE ILE A . n 
A 1 89  LYS 89  59  59  LYS LYS A . n 
A 1 90  GLU 90  60  60  GLU GLU A . n 
A 1 91  ILE 91  61  61  ILE ILE A . n 
A 1 92  THR 92  62  62  THR THR A . n 
A 1 93  ILE 93  63  63  ILE ILE A . n 
A 1 94  LYS 94  64  64  LYS LYS A . n 
A 1 95  PRO 95  65  65  PRO PRO A . n 
A 1 96  GLU 96  66  66  GLU GLU A . n 
A 1 97  VAL 97  67  67  VAL VAL A . n 
A 1 98  VAL 98  68  68  VAL VAL A . n 
A 1 99  ASP 99  69  69  ASP ASP A . n 
A 1 100 PRO 100 70  70  PRO PRO A . n 
A 1 101 ASP 101 71  71  ASP ASP A . n 
A 1 102 ASP 102 72  72  ASP ASP A . n 
A 1 103 VAL 103 73  73  VAL VAL A . n 
A 1 104 GLU 104 74  74  GLU GLU A . n 
A 1 105 MSE 105 75  75  MSE MSE A . n 
A 1 106 LEU 106 76  76  LEU LEU A . n 
A 1 107 GLN 107 77  77  GLN GLN A . n 
A 1 108 ASP 108 78  78  ASP ASP A . n 
A 1 109 LEU 109 79  79  LEU LEU A . n 
A 1 110 ILE 110 80  80  ILE ILE A . n 
A 1 111 LEU 111 81  81  LEU LEU A . n 
A 1 112 ALA 112 82  82  ALA ALA A . n 
A 1 113 ALA 113 83  83  ALA ALA A . n 
A 1 114 VAL 114 84  84  VAL VAL A . n 
A 1 115 ASN 115 85  85  ASN ASN A . n 
A 1 116 GLU 116 86  86  GLU GLU A . n 
A 1 117 ALA 117 87  87  ALA ALA A . n 
A 1 118 LEU 118 88  88  LEU LEU A . n 
A 1 119 ARG 119 89  89  ARG ARG A . n 
A 1 120 LYS 120 90  90  LYS LYS A . n 
A 1 121 ALA 121 91  91  ALA ALA A . n 
A 1 122 ASP 122 92  92  ASP ASP A . n 
A 1 123 GLU 123 93  93  GLU GLU A . n 
A 1 124 MSE 124 94  94  MSE MSE A . n 
A 1 125 VAL 125 95  95  VAL VAL A . n 
A 1 126 THR 126 96  96  THR THR A . n 
A 1 127 ALA 127 97  97  ALA ALA A . n 
A 1 128 GLU 128 98  98  GLU GLU A . n 
A 1 129 ILE 129 99  99  ILE ILE A . n 
A 1 130 SER 130 100 100 SER SER A . n 
A 1 131 LYS 131 101 101 LYS LYS A . n 
A 1 132 ILE 132 102 102 ILE ILE A . n 
A 1 133 THR 133 103 103 THR THR A . n 
A 1 134 GLY 134 104 ?   ?   ?   A . n 
A 1 135 GLY 135 105 ?   ?   ?   A . n 
A 1 136 LEU 136 106 ?   ?   ?   A . n 
A 1 137 GLY 137 107 ?   ?   ?   A . n 
A 1 138 GLY 138 108 ?   ?   ?   A . n 
A 1 139 ILE 139 109 ?   ?   ?   A . n 
A 1 140 PRO 140 110 ?   ?   ?   A . n 
A 1 141 GLY 141 111 ?   ?   ?   A . n 
A 1 142 LEU 142 112 ?   ?   ?   A . n 
A 1 143 PHE 143 113 ?   ?   ?   A . n 
B 1 1   MSE 1   -29 ?   ?   ?   B . n 
B 1 2   GLY 2   -28 ?   ?   ?   B . n 
B 1 3   SER 3   -27 ?   ?   ?   B . n 
B 1 4   SER 4   -26 ?   ?   ?   B . n 
B 1 5   HIS 5   -25 ?   ?   ?   B . n 
B 1 6   HIS 6   -24 ?   ?   ?   B . n 
B 1 7   HIS 7   -23 ?   ?   ?   B . n 
B 1 8   HIS 8   -22 ?   ?   ?   B . n 
B 1 9   HIS 9   -21 ?   ?   ?   B . n 
B 1 10  HIS 10  -20 ?   ?   ?   B . n 
B 1 11  SER 11  -19 ?   ?   ?   B . n 
B 1 12  SER 12  -18 ?   ?   ?   B . n 
B 1 13  GLY 13  -17 ?   ?   ?   B . n 
B 1 14  LEU 14  -16 ?   ?   ?   B . n 
B 1 15  VAL 15  -15 ?   ?   ?   B . n 
B 1 16  PRO 16  -14 ?   ?   ?   B . n 
B 1 17  ARG 17  -13 ?   ?   ?   B . n 
B 1 18  GLY 18  -12 ?   ?   ?   B . n 
B 1 19  SER 19  -11 ?   ?   ?   B . n 
B 1 20  GLN 20  -10 ?   ?   ?   B . n 
B 1 21  SER 21  -9  ?   ?   ?   B . n 
B 1 22  THR 22  -8  ?   ?   ?   B . n 
B 1 23  SER 23  -7  ?   ?   ?   B . n 
B 1 24  LEU 24  -6  ?   ?   ?   B . n 
B 1 25  TYR 25  -5  ?   ?   ?   B . n 
B 1 26  LYS 26  -4  ?   ?   ?   B . n 
B 1 27  LYS 27  -3  ?   ?   ?   B . n 
B 1 28  ALA 28  -2  ?   ?   ?   B . n 
B 1 29  GLY 29  -1  ?   ?   ?   B . n 
B 1 30  LEU 30  0   ?   ?   ?   B . n 
B 1 31  MSE 31  1   ?   ?   ?   B . n 
B 1 32  ALA 32  2   ?   ?   ?   B . n 
B 1 33  LYS 33  3   ?   ?   ?   B . n 
B 1 34  GLY 34  4   ?   ?   ?   B . n 
B 1 35  GLY 35  5   ?   ?   ?   B . n 
B 1 36  PHE 36  6   ?   ?   ?   B . n 
B 1 37  PRO 37  7   ?   ?   ?   B . n 
B 1 38  GLY 38  8   ?   ?   ?   B . n 
B 1 39  PHE 39  9   ?   ?   ?   B . n 
B 1 40  GLY 40  10  ?   ?   ?   B . n 
B 1 41  GLY 41  11  ?   ?   ?   B . n 
B 1 42  ASN 42  12  12  ASN ASN B . n 
B 1 43  ILE 43  13  13  ILE ILE B . n 
B 1 44  ASN 44  14  14  ASN ASN B . n 
B 1 45  ASN 45  15  15  ASN ASN B . n 
B 1 46  LEU 46  16  16  LEU LEU B . n 
B 1 47  VAL 47  17  17  VAL VAL B . n 
B 1 48  LYS 48  18  18  LYS LYS B . n 
B 1 49  GLN 49  19  19  GLN GLN B . n 
B 1 50  ALA 50  20  20  ALA ALA B . n 
B 1 51  GLN 51  21  21  GLN GLN B . n 
B 1 52  LYS 52  22  22  LYS LYS B . n 
B 1 53  MSE 53  23  23  MSE MSE B . n 
B 1 54  GLN 54  24  24  GLN GLN B . n 
B 1 55  ARG 55  25  25  ARG ARG B . n 
B 1 56  ASP 56  26  26  ASP ASP B . n 
B 1 57  MSE 57  27  27  MSE MSE B . n 
B 1 58  GLU 58  28  28  GLU GLU B . n 
B 1 59  ARG 59  29  29  ARG ARG B . n 
B 1 60  VAL 60  30  30  VAL VAL B . n 
B 1 61  GLN 61  31  31  GLN GLN B . n 
B 1 62  GLU 62  32  32  GLU GLU B . n 
B 1 63  GLU 63  33  33  GLU GLU B . n 
B 1 64  LEU 64  34  34  LEU LEU B . n 
B 1 65  LYS 65  35  35  LYS LYS B . n 
B 1 66  GLU 66  36  36  GLU GLU B . n 
B 1 67  LYS 67  37  37  LYS LYS B . n 
B 1 68  THR 68  38  38  THR THR B . n 
B 1 69  VAL 69  39  39  VAL VAL B . n 
B 1 70  GLU 70  40  40  GLU GLU B . n 
B 1 71  ALA 71  41  41  ALA ALA B . n 
B 1 72  SER 72  42  42  SER SER B . n 
B 1 73  ALA 73  43  43  ALA ALA B . n 
B 1 74  GLY 74  44  44  GLY GLY B . n 
B 1 75  GLY 75  45  45  GLY GLY B . n 
B 1 76  GLY 76  46  46  GLY GLY B . n 
B 1 77  ALA 77  47  47  ALA ALA B . n 
B 1 78  VAL 78  48  48  VAL VAL B . n 
B 1 79  THR 79  49  49  THR THR B . n 
B 1 80  VAL 80  50  50  VAL VAL B . n 
B 1 81  VAL 81  51  51  VAL VAL B . n 
B 1 82  ALA 82  52  52  ALA ALA B . n 
B 1 83  THR 83  53  53  THR THR B . n 
B 1 84  GLY 84  54  54  GLY GLY B . n 
B 1 85  ARG 85  55  55  ARG ARG B . n 
B 1 86  LYS 86  56  56  LYS LYS B . n 
B 1 87  ASP 87  57  57  ASP ASP B . n 
B 1 88  ILE 88  58  58  ILE ILE B . n 
B 1 89  LYS 89  59  59  LYS LYS B . n 
B 1 90  GLU 90  60  60  GLU GLU B . n 
B 1 91  ILE 91  61  61  ILE ILE B . n 
B 1 92  THR 92  62  62  THR THR B . n 
B 1 93  ILE 93  63  63  ILE ILE B . n 
B 1 94  LYS 94  64  64  LYS LYS B . n 
B 1 95  PRO 95  65  65  PRO PRO B . n 
B 1 96  GLU 96  66  66  GLU GLU B . n 
B 1 97  VAL 97  67  67  VAL VAL B . n 
B 1 98  VAL 98  68  68  VAL VAL B . n 
B 1 99  ASP 99  69  69  ASP ASP B . n 
B 1 100 PRO 100 70  70  PRO PRO B . n 
B 1 101 ASP 101 71  71  ASP ASP B . n 
B 1 102 ASP 102 72  72  ASP ASP B . n 
B 1 103 VAL 103 73  73  VAL VAL B . n 
B 1 104 GLU 104 74  74  GLU GLU B . n 
B 1 105 MSE 105 75  75  MSE MSE B . n 
B 1 106 LEU 106 76  76  LEU LEU B . n 
B 1 107 GLN 107 77  77  GLN GLN B . n 
B 1 108 ASP 108 78  78  ASP ASP B . n 
B 1 109 LEU 109 79  79  LEU LEU B . n 
B 1 110 ILE 110 80  80  ILE ILE B . n 
B 1 111 LEU 111 81  81  LEU LEU B . n 
B 1 112 ALA 112 82  82  ALA ALA B . n 
B 1 113 ALA 113 83  83  ALA ALA B . n 
B 1 114 VAL 114 84  84  VAL VAL B . n 
B 1 115 ASN 115 85  85  ASN ASN B . n 
B 1 116 GLU 116 86  86  GLU GLU B . n 
B 1 117 ALA 117 87  87  ALA ALA B . n 
B 1 118 LEU 118 88  88  LEU LEU B . n 
B 1 119 ARG 119 89  89  ARG ARG B . n 
B 1 120 LYS 120 90  90  LYS LYS B . n 
B 1 121 ALA 121 91  91  ALA ALA B . n 
B 1 122 ASP 122 92  92  ASP ASP B . n 
B 1 123 GLU 123 93  93  GLU GLU B . n 
B 1 124 MSE 124 94  94  MSE MSE B . n 
B 1 125 VAL 125 95  95  VAL VAL B . n 
B 1 126 THR 126 96  96  THR THR B . n 
B 1 127 ALA 127 97  97  ALA ALA B . n 
B 1 128 GLU 128 98  98  GLU GLU B . n 
B 1 129 ILE 129 99  99  ILE ILE B . n 
B 1 130 SER 130 100 100 SER SER B . n 
B 1 131 LYS 131 101 101 LYS LYS B . n 
B 1 132 ILE 132 102 102 ILE ILE B . n 
B 1 133 THR 133 103 103 THR THR B . n 
B 1 134 GLY 134 104 ?   ?   ?   B . n 
B 1 135 GLY 135 105 ?   ?   ?   B . n 
B 1 136 LEU 136 106 ?   ?   ?   B . n 
B 1 137 GLY 137 107 ?   ?   ?   B . n 
B 1 138 GLY 138 108 ?   ?   ?   B . n 
B 1 139 ILE 139 109 ?   ?   ?   B . n 
B 1 140 PRO 140 110 ?   ?   ?   B . n 
B 1 141 GLY 141 111 ?   ?   ?   B . n 
B 1 142 LEU 142 112 ?   ?   ?   B . n 
B 1 143 PHE 143 113 ?   ?   ?   B . n 
# 
loop_
_pdbx_nonpoly_scheme.asym_id 
_pdbx_nonpoly_scheme.entity_id 
_pdbx_nonpoly_scheme.mon_id 
_pdbx_nonpoly_scheme.ndb_seq_num 
_pdbx_nonpoly_scheme.pdb_seq_num 
_pdbx_nonpoly_scheme.auth_seq_num 
_pdbx_nonpoly_scheme.pdb_mon_id 
_pdbx_nonpoly_scheme.auth_mon_id 
_pdbx_nonpoly_scheme.pdb_strand_id 
_pdbx_nonpoly_scheme.pdb_ins_code 
C 2 UNX 1  201 201 UNX UNX A . 
D 2 UNX 1  202 202 UNX UNX A . 
E 2 UNX 1  203 203 UNX UNX A . 
F 2 UNX 1  204 204 UNX UNX B . 
G 3 HOH 1  301 301 HOH HOH A . 
G 3 HOH 2  303 303 HOH HOH A . 
G 3 HOH 3  304 304 HOH HOH A . 
G 3 HOH 4  305 305 HOH HOH A . 
G 3 HOH 5  311 311 HOH HOH A . 
G 3 HOH 6  313 313 HOH HOH A . 
G 3 HOH 7  314 314 HOH HOH A . 
G 3 HOH 8  316 316 HOH HOH A . 
G 3 HOH 9  319 319 HOH HOH A . 
G 3 HOH 10 320 320 HOH HOH A . 
G 3 HOH 11 321 321 HOH HOH A . 
G 3 HOH 12 325 325 HOH HOH A . 
G 3 HOH 13 327 327 HOH HOH A . 
G 3 HOH 14 329 329 HOH HOH A . 
G 3 HOH 15 330 330 HOH HOH A . 
G 3 HOH 16 332 332 HOH HOH A . 
G 3 HOH 17 334 334 HOH HOH A . 
G 3 HOH 18 335 335 HOH HOH A . 
G 3 HOH 19 338 338 HOH HOH A . 
G 3 HOH 20 339 339 HOH HOH A . 
G 3 HOH 21 340 340 HOH HOH A . 
G 3 HOH 22 341 341 HOH HOH A . 
G 3 HOH 23 342 342 HOH HOH A . 
G 3 HOH 24 348 348 HOH HOH A . 
G 3 HOH 25 352 352 HOH HOH A . 
G 3 HOH 26 354 354 HOH HOH A . 
G 3 HOH 27 355 355 HOH HOH A . 
G 3 HOH 28 359 359 HOH HOH A . 
G 3 HOH 29 362 362 HOH HOH A . 
G 3 HOH 30 363 363 HOH HOH A . 
G 3 HOH 31 366 366 HOH HOH A . 
G 3 HOH 32 367 367 HOH HOH A . 
G 3 HOH 33 369 369 HOH HOH A . 
G 3 HOH 34 370 370 HOH HOH A . 
G 3 HOH 35 372 372 HOH HOH A . 
G 3 HOH 36 374 374 HOH HOH A . 
G 3 HOH 37 375 375 HOH HOH A . 
G 3 HOH 38 379 379 HOH HOH A . 
G 3 HOH 39 380 380 HOH HOH A . 
G 3 HOH 40 383 383 HOH HOH A . 
G 3 HOH 41 384 384 HOH HOH A . 
G 3 HOH 42 385 385 HOH HOH A . 
G 3 HOH 43 386 386 HOH HOH A . 
G 3 HOH 44 387 387 HOH HOH A . 
G 3 HOH 45 388 388 HOH HOH A . 
G 3 HOH 46 389 389 HOH HOH A . 
H 3 HOH 1  302 302 HOH HOH B . 
H 3 HOH 2  306 306 HOH HOH B . 
H 3 HOH 3  307 307 HOH HOH B . 
H 3 HOH 4  308 308 HOH HOH B . 
H 3 HOH 5  309 309 HOH HOH B . 
H 3 HOH 6  310 310 HOH HOH B . 
H 3 HOH 7  312 312 HOH HOH B . 
H 3 HOH 8  315 315 HOH HOH B . 
H 3 HOH 9  317 317 HOH HOH B . 
H 3 HOH 10 318 318 HOH HOH B . 
H 3 HOH 11 322 322 HOH HOH B . 
H 3 HOH 12 323 323 HOH HOH B . 
H 3 HOH 13 324 324 HOH HOH B . 
H 3 HOH 14 326 326 HOH HOH B . 
H 3 HOH 15 328 328 HOH HOH B . 
H 3 HOH 16 331 331 HOH HOH B . 
H 3 HOH 17 333 333 HOH HOH B . 
H 3 HOH 18 336 336 HOH HOH B . 
H 3 HOH 19 337 337 HOH HOH B . 
H 3 HOH 20 343 343 HOH HOH B . 
H 3 HOH 21 344 344 HOH HOH B . 
H 3 HOH 22 345 345 HOH HOH B . 
H 3 HOH 23 346 346 HOH HOH B . 
H 3 HOH 24 347 347 HOH HOH B . 
H 3 HOH 25 349 349 HOH HOH B . 
H 3 HOH 26 350 350 HOH HOH B . 
H 3 HOH 27 351 351 HOH HOH B . 
H 3 HOH 28 353 353 HOH HOH B . 
H 3 HOH 29 356 356 HOH HOH B . 
H 3 HOH 30 357 357 HOH HOH B . 
H 3 HOH 31 358 358 HOH HOH B . 
H 3 HOH 32 360 360 HOH HOH B . 
H 3 HOH 33 361 361 HOH HOH B . 
H 3 HOH 34 364 364 HOH HOH B . 
H 3 HOH 35 365 365 HOH HOH B . 
H 3 HOH 36 368 368 HOH HOH B . 
H 3 HOH 37 371 371 HOH HOH B . 
H 3 HOH 38 373 373 HOH HOH B . 
H 3 HOH 39 376 376 HOH HOH B . 
H 3 HOH 40 377 377 HOH HOH B . 
H 3 HOH 41 378 378 HOH HOH B . 
H 3 HOH 42 381 381 HOH HOH B . 
H 3 HOH 43 382 382 HOH HOH B . 
H 3 HOH 44 390 390 HOH HOH B . 
# 
loop_
_pdbx_unobs_or_zero_occ_atoms.id 
_pdbx_unobs_or_zero_occ_atoms.PDB_model_num 
_pdbx_unobs_or_zero_occ_atoms.polymer_flag 
_pdbx_unobs_or_zero_occ_atoms.occupancy_flag 
_pdbx_unobs_or_zero_occ_atoms.auth_asym_id 
_pdbx_unobs_or_zero_occ_atoms.auth_comp_id 
_pdbx_unobs_or_zero_occ_atoms.auth_seq_id 
_pdbx_unobs_or_zero_occ_atoms.PDB_ins_code 
_pdbx_unobs_or_zero_occ_atoms.auth_atom_id 
_pdbx_unobs_or_zero_occ_atoms.label_alt_id 
_pdbx_unobs_or_zero_occ_atoms.label_asym_id 
_pdbx_unobs_or_zero_occ_atoms.label_comp_id 
_pdbx_unobs_or_zero_occ_atoms.label_seq_id 
_pdbx_unobs_or_zero_occ_atoms.label_atom_id 
1  1 Y 1 A ILE 13 ? CG1 ? A ILE 43  CG1 
2  1 Y 1 A ILE 13 ? CD1 ? A ILE 43  CD1 
3  1 Y 1 A ASN 14 ? CG  ? A ASN 44  CG  
4  1 Y 1 A ASN 14 ? OD1 ? A ASN 44  OD1 
5  1 Y 1 A ASN 14 ? ND2 ? A ASN 44  ND2 
6  1 Y 1 A LYS 18 ? CE  ? A LYS 48  CE  
7  1 Y 1 A LYS 18 ? NZ  ? A LYS 48  NZ  
8  1 Y 1 A GLN 31 ? CD  ? A GLN 61  CD  
9  1 Y 1 A GLN 31 ? OE1 ? A GLN 61  OE1 
10 1 Y 1 A GLN 31 ? NE2 ? A GLN 61  NE2 
11 1 Y 1 A LYS 35 ? CE  ? A LYS 65  CE  
12 1 Y 1 A LYS 35 ? NZ  ? A LYS 65  NZ  
13 1 Y 1 A GLU 36 ? CG  ? A GLU 66  CG  
14 1 Y 1 A GLU 36 ? CD  ? A GLU 66  CD  
15 1 Y 1 A GLU 36 ? OE1 ? A GLU 66  OE1 
16 1 Y 1 A GLU 36 ? OE2 ? A GLU 66  OE2 
17 1 Y 1 A ARG 55 ? CD  ? A ARG 85  CD  
18 1 Y 1 A ARG 55 ? NE  ? A ARG 85  NE  
19 1 Y 1 A ARG 55 ? CZ  ? A ARG 85  CZ  
20 1 Y 1 A ARG 55 ? NH1 ? A ARG 85  NH1 
21 1 Y 1 A ARG 55 ? NH2 ? A ARG 85  NH2 
22 1 Y 1 A LYS 59 ? CE  ? A LYS 89  CE  
23 1 Y 1 A LYS 59 ? NZ  ? A LYS 89  NZ  
24 1 Y 1 B ILE 13 ? CG1 ? B ILE 43  CG1 
25 1 Y 1 B ILE 13 ? CG2 ? B ILE 43  CG2 
26 1 Y 1 B ILE 13 ? CD1 ? B ILE 43  CD1 
27 1 Y 1 B ASN 14 ? CG  ? B ASN 44  CG  
28 1 Y 1 B ASN 14 ? OD1 ? B ASN 44  OD1 
29 1 Y 1 B ASN 14 ? ND2 ? B ASN 44  ND2 
30 1 Y 1 B LYS 18 ? CD  ? B LYS 48  CD  
31 1 Y 1 B LYS 18 ? CE  ? B LYS 48  CE  
32 1 Y 1 B LYS 18 ? NZ  ? B LYS 48  NZ  
33 1 Y 1 B GLN 19 ? CG  ? B GLN 49  CG  
34 1 Y 1 B GLN 19 ? CD  ? B GLN 49  CD  
35 1 Y 1 B GLN 19 ? OE1 ? B GLN 49  OE1 
36 1 Y 1 B GLN 19 ? NE2 ? B GLN 49  NE2 
37 1 Y 1 B LYS 22 ? CE  ? B LYS 52  CE  
38 1 Y 1 B LYS 22 ? NZ  ? B LYS 52  NZ  
39 1 Y 1 B GLN 31 ? CD  ? B GLN 61  CD  
40 1 Y 1 B GLN 31 ? OE1 ? B GLN 61  OE1 
41 1 Y 1 B GLN 31 ? NE2 ? B GLN 61  NE2 
42 1 Y 1 B GLU 32 ? CG  ? B GLU 62  CG  
43 1 Y 1 B GLU 32 ? CD  ? B GLU 62  CD  
44 1 Y 1 B GLU 32 ? OE1 ? B GLU 62  OE1 
45 1 Y 1 B GLU 32 ? OE2 ? B GLU 62  OE2 
46 1 Y 1 B LYS 35 ? CE  ? B LYS 65  CE  
47 1 Y 1 B LYS 35 ? NZ  ? B LYS 65  NZ  
48 1 Y 1 B GLU 36 ? CG  ? B GLU 66  CG  
49 1 Y 1 B GLU 36 ? CD  ? B GLU 66  CD  
50 1 Y 1 B GLU 36 ? OE1 ? B GLU 66  OE1 
51 1 Y 1 B GLU 36 ? OE2 ? B GLU 66  OE2 
52 1 Y 1 B ARG 55 ? CD  ? B ARG 85  CD  
53 1 Y 1 B ARG 55 ? NE  ? B ARG 85  NE  
54 1 Y 1 B ARG 55 ? CZ  ? B ARG 85  CZ  
55 1 Y 1 B ARG 55 ? NH1 ? B ARG 85  NH1 
56 1 Y 1 B ARG 55 ? NH2 ? B ARG 85  NH2 
57 1 Y 1 B LYS 59 ? NZ  ? B LYS 89  NZ  
58 1 Y 1 B GLU 60 ? CD  ? B GLU 90  CD  
59 1 Y 1 B GLU 60 ? OE1 ? B GLU 90  OE1 
60 1 Y 1 B GLU 60 ? OE2 ? B GLU 90  OE2 
61 1 Y 1 B GLU 93 ? CD  ? B GLU 123 CD  
62 1 Y 1 B GLU 93 ? OE1 ? B GLU 123 OE1 
63 1 Y 1 B GLU 93 ? OE2 ? B GLU 123 OE2 
# 
loop_
_software.name 
_software.version 
_software.date 
_software.type 
_software.contact_author 
_software.contact_author_email 
_software.classification 
_software.location 
_software.language 
_software.citation_id 
_software.pdbx_ordinal 
DENZO       .               ?           package 'Zbyszek Otwinowski' zbyszek@mix.swmed.edu    'data reduction'  
http://www.lnls.br/infra/linhasluz/denzo-hkl.htm ?       ? 1 
SCALEPACK   .               ?           package 'Zbyszek Otwinowski' zbyszek@mix.swmed.edu    'data scaling'    
http://www.lnls.br/infra/linhasluz/denzo-hkl.htm ?       ? 2 
SOLVE       2.06            28-Dec-2003 program 'Tom Terwilliger'    terwilliger@LANL.gov     phasing           
http://www.solve.lanl.gov/                       ?       ? 3 
RESOLVE     2.06            02-Jan-2004 program 'Terwilliger, T. C'  terwilliger@LANL.gov     phasing           
http://www.solve.lanl.gov/                       ?       ? 4 
REFMAC      refmac_5.2.0005 24/04/2001  program 'Murshudov, G.N.'    ccp4@dl.ac.uk            refinement        
http://www.ccp4.ac.uk/main.html                  Fortran ? 5 
PDB_EXTRACT 1.0             02/20/2004  program H.Yang               sw-help@rcsb.rutgers.edu 'data extraction' 
http://pdb.rutgers.edu/software/                 C/C++   ? 6 
MAR345      .               ?           ?       ?                    ?                        'data collection' ? ?       ? 7 
ISAS        .               ?           ?       ?                    ?                        phasing           ? ?       ? 8 
ARP/wARP    .               ?           ?       ?                    ?                        'model building'  ? ?       ? 9 
# 
_cell.length_a           49.914 
_cell.length_b           36.792 
_cell.length_c           61.824 
_cell.angle_alpha        90.00 
_cell.angle_beta         111.93 
_cell.angle_gamma        90.00 
_cell.entry_id           1YBX 
_cell.pdbx_unique_axis   ? 
_cell.Z_PDB              4 
_cell.length_a_esd       ? 
_cell.length_b_esd       ? 
_cell.length_c_esd       ? 
_cell.angle_alpha_esd    ? 
_cell.angle_beta_esd     ? 
_cell.angle_gamma_esd    ? 
# 
_symmetry.space_group_name_H-M             'P 1 21 1' 
_symmetry.Int_Tables_number                4 
_symmetry.entry_id                         1YBX 
_symmetry.pdbx_full_space_group_name_H-M   ? 
_symmetry.cell_setting                     ? 
_symmetry.space_group_name_Hall            ? 
# 
_exptl.crystals_number   1 
_exptl.method            'X-RAY DIFFRACTION' 
_exptl.entry_id          1YBX 
# 
_exptl_crystal.id                    1 
_exptl_crystal.density_meas          ? 
_exptl_crystal.density_percent_sol   27.57 
_exptl_crystal.density_Matthews      ? 
_exptl_crystal.description           ? 
_exptl_crystal.F_000                 ? 
_exptl_crystal.preparation           ? 
# 
_exptl_crystal_grow.crystal_id      1 
_exptl_crystal_grow.method          'modified microbatch' 
_exptl_crystal_grow.pH              ? 
_exptl_crystal_grow.temp            291 
_exptl_crystal_grow.pdbx_details    '20% w/v PEG 3350, 0.2M trilithium citrate, modified microbatch, temperature 291K' 
_exptl_crystal_grow.temp_details    ? 
_exptl_crystal_grow.pdbx_pH_range   . 
# 
_diffrn.id                     1 
_diffrn.ambient_temp           100 
_diffrn.ambient_temp_details   ? 
_diffrn.crystal_id             1 
# 
_diffrn_detector.diffrn_id              1 
_diffrn_detector.detector               CCD 
_diffrn_detector.type                   'MARMOSAIC 300 mm CCD' 
_diffrn_detector.pdbx_collection_date   ? 
_diffrn_detector.details                ? 
# 
_diffrn_radiation.diffrn_id                        1 
_diffrn_radiation.pdbx_diffrn_protocol             'SINGLE WAVELENGTH' 
_diffrn_radiation.monochromator                    ? 
_diffrn_radiation.wavelength_id                    1 
_diffrn_radiation.pdbx_monochromatic_or_laue_m_l   M 
_diffrn_radiation.pdbx_scattering_type             x-ray 
# 
_diffrn_radiation_wavelength.id           1 
_diffrn_radiation_wavelength.wavelength   0.9793 
_diffrn_radiation_wavelength.wt           1.0 
# 
_diffrn_source.diffrn_id                   1 
_diffrn_source.source                      SYNCHROTRON 
_diffrn_source.type                        'APS BEAMLINE 22-ID' 
_diffrn_source.pdbx_wavelength_list        0.9793 
_diffrn_source.pdbx_wavelength             ? 
_diffrn_source.pdbx_synchrotron_site       APS 
_diffrn_source.pdbx_synchrotron_beamline   22-ID 
# 
_reflns.d_resolution_low             50.00 
_reflns.d_resolution_high            1.71 
_reflns.number_obs                   16740 
_reflns.percent_possible_obs         73.300 
_reflns.pdbx_Rmerge_I_obs            0.063 
_reflns.pdbx_chi_squared             1.567 
_reflns.entry_id                     1YBX 
_reflns.observed_criterion_sigma_F   ? 
_reflns.observed_criterion_sigma_I   ? 
_reflns.number_all                   ? 
_reflns.pdbx_Rsym_value              ? 
_reflns.pdbx_netI_over_sigmaI        ? 
_reflns.B_iso_Wilson_estimate        ? 
_reflns.pdbx_redundancy              ? 
_reflns.R_free_details               ? 
_reflns.limit_h_max                  ? 
_reflns.limit_h_min                  ? 
_reflns.limit_k_max                  ? 
_reflns.limit_k_min                  ? 
_reflns.limit_l_max                  ? 
_reflns.limit_l_min                  ? 
_reflns.observed_criterion_F_max     ? 
_reflns.observed_criterion_F_min     ? 
_reflns.pdbx_scaling_rejects         ? 
_reflns.pdbx_ordinal                 1 
_reflns.pdbx_diffrn_id               1 
# 
loop_
_reflns_shell.d_res_low 
_reflns_shell.d_res_high 
_reflns_shell.number_measured_all 
_reflns_shell.percent_possible_all 
_reflns_shell.Rmerge_I_obs 
_reflns_shell.pdbx_chi_squared 
_reflns_shell.number_unique_all 
_reflns_shell.meanI_over_sigI_obs 
_reflns_shell.pdbx_Rsym_value 
_reflns_shell.percent_possible_obs 
_reflns_shell.pdbx_redundancy 
_reflns_shell.number_measured_obs 
_reflns_shell.number_unique_obs 
_reflns_shell.pdbx_ordinal 
_reflns_shell.pdbx_diffrn_id 
1.77  1.71 274  12.100  0.396 1.148 ? ? ? ? ? ? ? 1  1 
1.84  1.77 538  23.900  0.34  0.963 ? ? ? ? ? ? ? 2  1 
1.93  1.84 981  43.100  0.253 0.951 ? ? ? ? ? ? ? 3  1 
2.03  1.93 1497 67.200  0.216 1.075 ? ? ? ? ? ? ? 4  1 
2.15  2.03 2002 87.100  0.18  1.064 ? ? ? ? ? ? ? 5  1 
2.32  2.15 2213 98.000  0.139 1.171 ? ? ? ? ? ? ? 6  1 
2.55  2.32 2265 99.900  0.103 1.261 ? ? ? ? ? ? ? 7  1 
2.92  2.55 2291 100.000 0.071 1.363 ? ? ? ? ? ? ? 8  1 
3.68  2.92 2312 100.000 0.051 2.035 ? ? ? ? ? ? ? 9  1 
50.00 3.68 2367 99.800  0.047 2.688 ? ? ? ? ? ? ? 10 1 
# 
_refine.details                                  'HYDROGENS HAVE BEEN ADDED IN THE RIDING POSITIONS' 
_refine.B_iso_mean                               28.263 
_refine.aniso_B[1][1]                            -0.354 
_refine.aniso_B[2][2]                            1.125 
_refine.aniso_B[3][3]                            -1.079 
_refine.aniso_B[1][2]                            0.000 
_refine.aniso_B[1][3]                            -0.413 
_refine.aniso_B[2][3]                            0.000 
_refine.solvent_model_details                    'MASK BULK SOLVENT' 
_refine.pdbx_solvent_vdw_probe_radii             1.200 
_refine.pdbx_solvent_ion_probe_radii             0.800 
_refine.ls_d_res_high                            1.800 
_refine.ls_d_res_low                             30.964 
_refine.ls_number_reflns_R_free                  840 
_refine.ls_number_reflns_obs                     16267 
_refine.ls_R_factor_R_work                       0.2246 
_refine.ls_R_factor_R_free                       0.2564 
_refine.ls_R_factor_all                          0.226 
_refine.ls_wR_factor_R_work                      0.224 
_refine.ls_wR_factor_R_free                      0.260 
_refine.ls_percent_reflns_obs                    100.000 
_refine.ls_percent_reflns_R_free                 5.164 
_refine.correlation_coeff_Fo_to_Fc               0.939 
_refine.correlation_coeff_Fo_to_Fc_free          0.924 
_refine.pdbx_overall_ESU_R                       0.159 
_refine.pdbx_overall_ESU_R_Free                  0.143 
_refine.pdbx_ls_cross_valid_method               THROUGHOUT 
_refine.pdbx_R_Free_selection_details            'thin shells' 
_refine.overall_SU_R_Cruickshank_DPI             0.159 
_refine.overall_SU_ML                            0.116 
_refine.overall_SU_B                             7.572 
_refine.pdbx_solvent_shrinkage_radii             0.800 
_refine.entry_id                                 1YBX 
_refine.pdbx_ls_sigma_F                          ? 
_refine.pdbx_ls_sigma_I                          ? 
_refine.ls_number_reflns_all                     ? 
_refine.ls_R_factor_obs                          0.22621 
_refine.ls_redundancy_reflns_obs                 ? 
_refine.pdbx_data_cutoff_high_absF               ? 
_refine.pdbx_data_cutoff_low_absF                ? 
_refine.ls_number_parameters                     ? 
_refine.ls_number_restraints                     ? 
_refine.ls_R_factor_R_free_error                 ? 
_refine.ls_R_factor_R_free_error_details         ? 
_refine.pdbx_method_to_determine_struct          SAS 
_refine.pdbx_starting_model                      ? 
_refine.pdbx_stereochem_target_val_spec_case     ? 
_refine.pdbx_stereochemistry_target_values       ? 
_refine.solvent_model_param_bsol                 ? 
_refine.solvent_model_param_ksol                 ? 
_refine.occupancy_max                            ? 
_refine.occupancy_min                            ? 
_refine.pdbx_isotropic_thermal_model             ? 
_refine.B_iso_min                                ? 
_refine.B_iso_max                                ? 
_refine.overall_SU_R_free                        ? 
_refine.pdbx_data_cutoff_high_rms_absF           ? 
_refine.overall_FOM_free_R_set                   ? 
_refine.overall_FOM_work_R_set                   ? 
_refine.pdbx_refine_id                           'X-RAY DIFFRACTION' 
_refine.pdbx_TLS_residual_ADP_flag               'LIKELY RESIDUAL' 
_refine.pdbx_diffrn_id                           1 
_refine.pdbx_overall_phase_error                 ? 
_refine.pdbx_overall_SU_R_free_Cruickshank_DPI   ? 
_refine.pdbx_overall_SU_R_Blow_DPI               ? 
_refine.pdbx_overall_SU_R_free_Blow_DPI          ? 
# 
_refine_hist.pdbx_refine_id                   'X-RAY DIFFRACTION' 
_refine_hist.cycle_id                         LAST 
_refine_hist.pdbx_number_atoms_protein        1337 
_refine_hist.pdbx_number_atoms_nucleic_acid   0 
_refine_hist.pdbx_number_atoms_ligand         4 
_refine_hist.number_atoms_solvent             90 
_refine_hist.number_atoms_total               1431 
_refine_hist.d_res_high                       1.800 
_refine_hist.d_res_low                        30.964 
# 
loop_
_refine_ls_restr.type 
_refine_ls_restr.number 
_refine_ls_restr.dev_ideal 
_refine_ls_restr.dev_ideal_target 
_refine_ls_restr.weight 
_refine_ls_restr.pdbx_refine_id 
_refine_ls_restr.pdbx_restraint_function 
r_bond_refined_d         1348 0.015  0.022  ? 'X-RAY DIFFRACTION' ? 
r_bond_other_d           1320 0.001  0.020  ? 'X-RAY DIFFRACTION' ? 
r_angle_refined_deg      1821 1.455  1.989  ? 'X-RAY DIFFRACTION' ? 
r_angle_other_deg        3058 0.842  3.000  ? 'X-RAY DIFFRACTION' ? 
r_dihedral_angle_1_deg   183  4.746  5.000  ? 'X-RAY DIFFRACTION' ? 
r_dihedral_angle_2_deg   49   37.552 27.551 ? 'X-RAY DIFFRACTION' ? 
r_dihedral_angle_3_deg   263  14.506 15.000 ? 'X-RAY DIFFRACTION' ? 
r_dihedral_angle_4_deg   6    20.756 15.000 ? 'X-RAY DIFFRACTION' ? 
r_chiral_restr           234  0.090  0.200  ? 'X-RAY DIFFRACTION' ? 
r_gen_planes_refined     1487 0.005  0.020  ? 'X-RAY DIFFRACTION' ? 
r_gen_planes_other       203  0.001  0.020  ? 'X-RAY DIFFRACTION' ? 
r_nbd_refined            260  0.210  0.200  ? 'X-RAY DIFFRACTION' ? 
r_nbd_other              1184 0.165  0.200  ? 'X-RAY DIFFRACTION' ? 
r_nbtor_refined          663  0.152  0.200  ? 'X-RAY DIFFRACTION' ? 
r_nbtor_other            828  0.082  0.200  ? 'X-RAY DIFFRACTION' ? 
r_xyhbond_nbd_refined    51   0.142  0.200  ? 'X-RAY DIFFRACTION' ? 
r_symmetry_vdw_refined   5    0.139  0.200  ? 'X-RAY DIFFRACTION' ? 
r_symmetry_vdw_other     22   0.272  0.200  ? 'X-RAY DIFFRACTION' ? 
r_symmetry_hbond_refined 9    0.141  0.200  ? 'X-RAY DIFFRACTION' ? 
r_mcbond_it              964  1.299  1.500  ? 'X-RAY DIFFRACTION' ? 
r_mcbond_other           376  0.295  1.500  ? 'X-RAY DIFFRACTION' ? 
r_mcangle_it             1476 1.459  2.000  ? 'X-RAY DIFFRACTION' ? 
r_mcangle_other          1255 0.638  2.000  ? 'X-RAY DIFFRACTION' ? 
r_scbond_it              438  3.164  3.000  ? 'X-RAY DIFFRACTION' ? 
r_scbond_other           956  0.645  3.000  ? 'X-RAY DIFFRACTION' ? 
r_scangle_it             345  5.031  4.500  ? 'X-RAY DIFFRACTION' ? 
r_scangle_other          1803 1.878  4.500  ? 'X-RAY DIFFRACTION' ? 
# 
loop_
_refine_ls_shell.pdbx_total_number_of_bins_used 
_refine_ls_shell.d_res_low 
_refine_ls_shell.d_res_high 
_refine_ls_shell.number_reflns_all 
_refine_ls_shell.percent_reflns_obs 
_refine_ls_shell.number_reflns_R_work 
_refine_ls_shell.R_factor_R_work 
_refine_ls_shell.number_reflns_R_free 
_refine_ls_shell.R_factor_R_free 
_refine_ls_shell.number_reflns_obs 
_refine_ls_shell.R_factor_R_free_error 
_refine_ls_shell.percent_reflns_R_free 
_refine_ls_shell.redundancy_reflns_obs 
_refine_ls_shell.R_factor_all 
_refine_ls_shell.pdbx_refine_id 
20 1.847  1.800 387  100.000 387  0.341 0  .     . . . . . 'X-RAY DIFFRACTION' 
20 1.897  1.847 577  100.000 542  0.294 35 0.337 . . . . . 'X-RAY DIFFRACTION' 
20 1.952  1.897 734  100.000 699  0.266 35 0.467 . . . . . 'X-RAY DIFFRACTION' 
20 2.012  1.952 897  100.000 827  0.243 70 0.239 . . . . . 'X-RAY DIFFRACTION' 
20 2.078  2.012 1026 100.000 991  0.25  35 0.309 . . . . . 'X-RAY DIFFRACTION' 
20 2.150  2.078 1123 100.000 1053 0.226 70 0.288 . . . . . 'X-RAY DIFFRACTION' 
20 2.231  2.150 1161 100.000 1095 0.226 66 0.277 . . . . . 'X-RAY DIFFRACTION' 
20 2.321  2.231 1139 100.000 1100 0.214 39 0.261 . . . . . 'X-RAY DIFFRACTION' 
20 2.424  2.321 1103 100.000 1033 0.226 70 0.246 . . . . . 'X-RAY DIFFRACTION' 
20 2.542  2.424 1049 100.000 1014 0.221 35 0.303 . . . . . 'X-RAY DIFFRACTION' 
20 2.678  2.542 1011 100.000 941  0.222 70 0.266 . . . . . 'X-RAY DIFFRACTION' 
20 2.839  2.678 965  100.000 930  0.237 35 0.331 . . . . . 'X-RAY DIFFRACTION' 
20 3.033  2.839 917  100.000 847  0.236 70 0.26  . . . . . 'X-RAY DIFFRACTION' 
20 3.274  3.033 837  100.000 802  0.232 35 0.233 . . . . . 'X-RAY DIFFRACTION' 
20 3.582  3.274 780  100.000 745  0.217 35 0.248 . . . . . 'X-RAY DIFFRACTION' 
20 3.998  3.582 702  100.000 667  0.199 35 0.266 . . . . . 'X-RAY DIFFRACTION' 
20 4.604  3.998 631  100.000 596  0.167 35 0.166 . . . . . 'X-RAY DIFFRACTION' 
20 5.608  4.604 539  100.000 504  0.212 35 0.236 . . . . . 'X-RAY DIFFRACTION' 
20 7.804  5.608 423  100.000 388  0.282 35 0.277 . . . . . 'X-RAY DIFFRACTION' 
20 30.964 7.804 266  100.000 266  0.264 0  .     . . . . . 'X-RAY DIFFRACTION' 
# 
_struct.entry_id                  1YBX 
_struct.title                     'Conserved hypothetical protein Cth-383 from Clostridium thermocellum' 
_struct.pdbx_model_details        ? 
_struct.pdbx_CASP_flag            ? 
_struct.pdbx_model_type_details   ? 
# 
_struct_keywords.text            
;conserved hypothetical protein, Clostridium thermocellum, Structural Genomics, PSI, Protein Structure Initiative, Southeast Collaboratory for Structural Genomics, SECSG, unknown function
;
_struct_keywords.entry_id        1YBX 
_struct_keywords.pdbx_keywords   'structural genomics, unknown function' 
# 
loop_
_struct_asym.id 
_struct_asym.pdbx_blank_PDB_chainid_flag 
_struct_asym.pdbx_modified 
_struct_asym.entity_id 
_struct_asym.details 
A N N 1 ? 
B N N 1 ? 
C N N 2 ? 
D N N 2 ? 
E N N 2 ? 
F N N 2 ? 
G N N 3 ? 
H N N 3 ? 
# 
_struct_ref.id                         1 
_struct_ref.db_name                    GB 
_struct_ref.db_code                    ZP_00311451 
_struct_ref.pdbx_db_accession          48857448 
_struct_ref.entity_id                  1 
_struct_ref.pdbx_seq_one_letter_code   
;MAKGGFPGFGGNINNLVKQAQKMQRDMERVQEELKEKTVEASAGGGAVTVVATGRKDIKEITIKPEVVDPDDVEMLQDLI
LAAVNEALRKADEMVTAEISKITGGLGGIPGLF
;
_struct_ref.pdbx_align_begin           1 
_struct_ref.pdbx_db_isoform            ? 
# 
loop_
_struct_ref_seq.align_id 
_struct_ref_seq.ref_id 
_struct_ref_seq.pdbx_PDB_id_code 
_struct_ref_seq.pdbx_strand_id 
_struct_ref_seq.seq_align_beg 
_struct_ref_seq.pdbx_seq_align_beg_ins_code 
_struct_ref_seq.seq_align_end 
_struct_ref_seq.pdbx_seq_align_end_ins_code 
_struct_ref_seq.pdbx_db_accession 
_struct_ref_seq.db_align_beg 
_struct_ref_seq.pdbx_db_align_beg_ins_code 
_struct_ref_seq.db_align_end 
_struct_ref_seq.pdbx_db_align_end_ins_code 
_struct_ref_seq.pdbx_auth_seq_align_beg 
_struct_ref_seq.pdbx_auth_seq_align_end 
1 1 1YBX A 31 ? 143 ? 48857448 1 ? 113 ? 1 113 
2 1 1YBX B 31 ? 143 ? 48857448 1 ? 113 ? 1 113 
# 
loop_
_struct_ref_seq_dif.align_id 
_struct_ref_seq_dif.pdbx_pdb_id_code 
_struct_ref_seq_dif.mon_id 
_struct_ref_seq_dif.pdbx_pdb_strand_id 
_struct_ref_seq_dif.seq_num 
_struct_ref_seq_dif.pdbx_pdb_ins_code 
_struct_ref_seq_dif.pdbx_seq_db_name 
_struct_ref_seq_dif.pdbx_seq_db_accession_code 
_struct_ref_seq_dif.db_mon_id 
_struct_ref_seq_dif.pdbx_seq_db_seq_num 
_struct_ref_seq_dif.details 
_struct_ref_seq_dif.pdbx_auth_seq_num 
_struct_ref_seq_dif.pdbx_ordinal 
1 1YBX MSE A 1   ? GB 48857448 ?   ?  'cloning artifact' -29 1  
1 1YBX GLY A 2   ? GB 48857448 ?   ?  'cloning artifact' -28 2  
1 1YBX SER A 3   ? GB 48857448 ?   ?  'cloning artifact' -27 3  
1 1YBX SER A 4   ? GB 48857448 ?   ?  'cloning artifact' -26 4  
1 1YBX HIS A 5   ? GB 48857448 ?   ?  'cloning artifact' -25 5  
1 1YBX HIS A 6   ? GB 48857448 ?   ?  'cloning artifact' -24 6  
1 1YBX HIS A 7   ? GB 48857448 ?   ?  'cloning artifact' -23 7  
1 1YBX HIS A 8   ? GB 48857448 ?   ?  'cloning artifact' -22 8  
1 1YBX HIS A 9   ? GB 48857448 ?   ?  'cloning artifact' -21 9  
1 1YBX HIS A 10  ? GB 48857448 ?   ?  'cloning artifact' -20 10 
1 1YBX SER A 11  ? GB 48857448 ?   ?  'cloning artifact' -19 11 
1 1YBX SER A 12  ? GB 48857448 ?   ?  'cloning artifact' -18 12 
1 1YBX GLY A 13  ? GB 48857448 ?   ?  'cloning artifact' -17 13 
1 1YBX LEU A 14  ? GB 48857448 ?   ?  'cloning artifact' -16 14 
1 1YBX VAL A 15  ? GB 48857448 ?   ?  'cloning artifact' -15 15 
1 1YBX PRO A 16  ? GB 48857448 ?   ?  'cloning artifact' -14 16 
1 1YBX ARG A 17  ? GB 48857448 ?   ?  'cloning artifact' -13 17 
1 1YBX GLY A 18  ? GB 48857448 ?   ?  'cloning artifact' -12 18 
1 1YBX SER A 19  ? GB 48857448 ?   ?  'cloning artifact' -11 19 
1 1YBX GLN A 20  ? GB 48857448 ?   ?  'cloning artifact' -10 20 
1 1YBX SER A 21  ? GB 48857448 ?   ?  'cloning artifact' -9  21 
1 1YBX THR A 22  ? GB 48857448 ?   ?  'cloning artifact' -8  22 
1 1YBX SER A 23  ? GB 48857448 ?   ?  'cloning artifact' -7  23 
1 1YBX LEU A 24  ? GB 48857448 ?   ?  'cloning artifact' -6  24 
1 1YBX TYR A 25  ? GB 48857448 ?   ?  'cloning artifact' -5  25 
1 1YBX LYS A 26  ? GB 48857448 ?   ?  'cloning artifact' -4  26 
1 1YBX LYS A 27  ? GB 48857448 ?   ?  'cloning artifact' -3  27 
1 1YBX ALA A 28  ? GB 48857448 ?   ?  'cloning artifact' -2  28 
1 1YBX GLY A 29  ? GB 48857448 ?   ?  'cloning artifact' -1  29 
1 1YBX LEU A 30  ? GB 48857448 ?   ?  'cloning artifact' 0   30 
1 1YBX MSE A 31  ? GB 48857448 MET 1  'modified residue' 1   31 
1 1YBX MSE A 53  ? GB 48857448 MET 23 'modified residue' 23  32 
1 1YBX MSE A 57  ? GB 48857448 MET 27 'modified residue' 27  33 
1 1YBX MSE A 105 ? GB 48857448 MET 75 'modified residue' 75  34 
1 1YBX MSE A 124 ? GB 48857448 MET 94 'modified residue' 94  35 
2 1YBX MSE B 1   ? GB 48857448 ?   ?  'cloning artifact' -29 36 
2 1YBX GLY B 2   ? GB 48857448 ?   ?  'cloning artifact' -28 37 
2 1YBX SER B 3   ? GB 48857448 ?   ?  'cloning artifact' -27 38 
2 1YBX SER B 4   ? GB 48857448 ?   ?  'cloning artifact' -26 39 
2 1YBX HIS B 5   ? GB 48857448 ?   ?  'cloning artifact' -25 40 
2 1YBX HIS B 6   ? GB 48857448 ?   ?  'cloning artifact' -24 41 
2 1YBX HIS B 7   ? GB 48857448 ?   ?  'cloning artifact' -23 42 
2 1YBX HIS B 8   ? GB 48857448 ?   ?  'cloning artifact' -22 43 
2 1YBX HIS B 9   ? GB 48857448 ?   ?  'cloning artifact' -21 44 
2 1YBX HIS B 10  ? GB 48857448 ?   ?  'cloning artifact' -20 45 
2 1YBX SER B 11  ? GB 48857448 ?   ?  'cloning artifact' -19 46 
2 1YBX SER B 12  ? GB 48857448 ?   ?  'cloning artifact' -18 47 
2 1YBX GLY B 13  ? GB 48857448 ?   ?  'cloning artifact' -17 48 
2 1YBX LEU B 14  ? GB 48857448 ?   ?  'cloning artifact' -16 49 
2 1YBX VAL B 15  ? GB 48857448 ?   ?  'cloning artifact' -15 50 
2 1YBX PRO B 16  ? GB 48857448 ?   ?  'cloning artifact' -14 51 
2 1YBX ARG B 17  ? GB 48857448 ?   ?  'cloning artifact' -13 52 
2 1YBX GLY B 18  ? GB 48857448 ?   ?  'cloning artifact' -12 53 
2 1YBX SER B 19  ? GB 48857448 ?   ?  'cloning artifact' -11 54 
2 1YBX GLN B 20  ? GB 48857448 ?   ?  'cloning artifact' -10 55 
2 1YBX SER B 21  ? GB 48857448 ?   ?  'cloning artifact' -9  56 
2 1YBX THR B 22  ? GB 48857448 ?   ?  'cloning artifact' -8  57 
2 1YBX SER B 23  ? GB 48857448 ?   ?  'cloning artifact' -7  58 
2 1YBX LEU B 24  ? GB 48857448 ?   ?  'cloning artifact' -6  59 
2 1YBX TYR B 25  ? GB 48857448 ?   ?  'cloning artifact' -5  60 
2 1YBX LYS B 26  ? GB 48857448 ?   ?  'cloning artifact' -4  61 
2 1YBX LYS B 27  ? GB 48857448 ?   ?  'cloning artifact' -3  62 
2 1YBX ALA B 28  ? GB 48857448 ?   ?  'cloning artifact' -2  63 
2 1YBX GLY B 29  ? GB 48857448 ?   ?  'cloning artifact' -1  64 
2 1YBX LEU B 30  ? GB 48857448 ?   ?  'cloning artifact' 0   65 
2 1YBX MSE B 31  ? GB 48857448 MET 1  'modified residue' 1   66 
2 1YBX MSE B 53  ? GB 48857448 MET 23 'modified residue' 23  67 
2 1YBX MSE B 57  ? GB 48857448 MET 27 'modified residue' 27  68 
2 1YBX MSE B 105 ? GB 48857448 MET 75 'modified residue' 75  69 
2 1YBX MSE B 124 ? GB 48857448 MET 94 'modified residue' 94  70 
# 
_pdbx_struct_assembly.id                   1 
_pdbx_struct_assembly.details              author_and_software_defined_assembly 
_pdbx_struct_assembly.method_details       PISA 
_pdbx_struct_assembly.oligomeric_details   dimeric 
_pdbx_struct_assembly.oligomeric_count     2 
# 
loop_
_pdbx_struct_assembly_prop.biol_id 
_pdbx_struct_assembly_prop.type 
_pdbx_struct_assembly_prop.value 
_pdbx_struct_assembly_prop.details 
1 'ABSA (A^2)' 1780  ? 
1 MORE         -14   ? 
1 'SSA (A^2)'  10410 ? 
# 
_pdbx_struct_assembly_gen.assembly_id       1 
_pdbx_struct_assembly_gen.oper_expression   1 
_pdbx_struct_assembly_gen.asym_id_list      A,B,C,D,E,F,G,H 
# 
_pdbx_struct_oper_list.id                   1 
_pdbx_struct_oper_list.type                 'identity operation' 
_pdbx_struct_oper_list.name                 1_555 
_pdbx_struct_oper_list.symmetry_operation   x,y,z 
_pdbx_struct_oper_list.matrix[1][1]         1.0000000000 
_pdbx_struct_oper_list.matrix[1][2]         0.0000000000 
_pdbx_struct_oper_list.matrix[1][3]         0.0000000000 
_pdbx_struct_oper_list.vector[1]            0.0000000000 
_pdbx_struct_oper_list.matrix[2][1]         0.0000000000 
_pdbx_struct_oper_list.matrix[2][2]         1.0000000000 
_pdbx_struct_oper_list.matrix[2][3]         0.0000000000 
_pdbx_struct_oper_list.vector[2]            0.0000000000 
_pdbx_struct_oper_list.matrix[3][1]         0.0000000000 
_pdbx_struct_oper_list.matrix[3][2]         0.0000000000 
_pdbx_struct_oper_list.matrix[3][3]         1.0000000000 
_pdbx_struct_oper_list.vector[3]            0.0000000000 
# 
_struct_biol.id   1 
# 
loop_
_struct_conf.conf_type_id 
_struct_conf.id 
_struct_conf.pdbx_PDB_helix_id 
_struct_conf.beg_label_comp_id 
_struct_conf.beg_label_asym_id 
_struct_conf.beg_label_seq_id 
_struct_conf.pdbx_beg_PDB_ins_code 
_struct_conf.end_label_comp_id 
_struct_conf.end_label_asym_id 
_struct_conf.end_label_seq_id 
_struct_conf.pdbx_end_PDB_ins_code 
_struct_conf.beg_auth_comp_id 
_struct_conf.beg_auth_asym_id 
_struct_conf.beg_auth_seq_id 
_struct_conf.end_auth_comp_id 
_struct_conf.end_auth_asym_id 
_struct_conf.end_auth_seq_id 
_struct_conf.pdbx_PDB_helix_class 
_struct_conf.details 
_struct_conf.pdbx_PDB_helix_length 
HELX_P HELX_P1 1 ILE A 43  ? LYS A 67  ? ILE A 13 LYS A 37  1 ? 25 
HELX_P HELX_P2 2 PRO A 95  ? VAL A 98  ? PRO A 65 VAL A 68  5 ? 4  
HELX_P HELX_P3 3 ASP A 102 ? THR A 133 ? ASP A 72 THR A 103 1 ? 32 
HELX_P HELX_P4 4 ASN B 42  ? LYS B 67  ? ASN B 12 LYS B 37  1 ? 26 
HELX_P HELX_P5 5 PRO B 95  ? VAL B 98  ? PRO B 65 VAL B 68  5 ? 4  
HELX_P HELX_P6 6 ASP B 102 ? ILE B 132 ? ASP B 72 ILE B 102 1 ? 31 
# 
_struct_conf_type.id          HELX_P 
_struct_conf_type.criteria    ? 
_struct_conf_type.reference   ? 
# 
loop_
_struct_conn.id 
_struct_conn.conn_type_id 
_struct_conn.pdbx_leaving_atom_flag 
_struct_conn.pdbx_PDB_id 
_struct_conn.ptnr1_label_asym_id 
_struct_conn.ptnr1_label_comp_id 
_struct_conn.ptnr1_label_seq_id 
_struct_conn.ptnr1_label_atom_id 
_struct_conn.pdbx_ptnr1_label_alt_id 
_struct_conn.pdbx_ptnr1_PDB_ins_code 
_struct_conn.pdbx_ptnr1_standard_comp_id 
_struct_conn.ptnr1_symmetry 
_struct_conn.ptnr2_label_asym_id 
_struct_conn.ptnr2_label_comp_id 
_struct_conn.ptnr2_label_seq_id 
_struct_conn.ptnr2_label_atom_id 
_struct_conn.pdbx_ptnr2_label_alt_id 
_struct_conn.pdbx_ptnr2_PDB_ins_code 
_struct_conn.ptnr1_auth_asym_id 
_struct_conn.ptnr1_auth_comp_id 
_struct_conn.ptnr1_auth_seq_id 
_struct_conn.ptnr2_auth_asym_id 
_struct_conn.ptnr2_auth_comp_id 
_struct_conn.ptnr2_auth_seq_id 
_struct_conn.ptnr2_symmetry 
_struct_conn.pdbx_ptnr3_label_atom_id 
_struct_conn.pdbx_ptnr3_label_seq_id 
_struct_conn.pdbx_ptnr3_label_comp_id 
_struct_conn.pdbx_ptnr3_label_asym_id 
_struct_conn.pdbx_ptnr3_label_alt_id 
_struct_conn.pdbx_ptnr3_PDB_ins_code 
_struct_conn.details 
_struct_conn.pdbx_dist_value 
_struct_conn.pdbx_value_order 
_struct_conn.pdbx_role 
covale1  covale both ? A LYS 52  C ? ? ? 1_555 A MSE 53  N ? ? A LYS 22 A MSE 23 1_555 ? ? ? ? ? ? ? 1.334 ? ? 
covale2  covale both ? A MSE 53  C ? ? ? 1_555 A GLN 54  N ? ? A MSE 23 A GLN 24 1_555 ? ? ? ? ? ? ? 1.318 ? ? 
covale3  covale both ? A ASP 56  C ? ? ? 1_555 A MSE 57  N ? ? A ASP 26 A MSE 27 1_555 ? ? ? ? ? ? ? 1.323 ? ? 
covale4  covale both ? A MSE 57  C ? ? ? 1_555 A GLU 58  N ? ? A MSE 27 A GLU 28 1_555 ? ? ? ? ? ? ? 1.343 ? ? 
covale5  covale both ? A GLU 104 C ? ? ? 1_555 A MSE 105 N ? ? A GLU 74 A MSE 75 1_555 ? ? ? ? ? ? ? 1.332 ? ? 
covale6  covale both ? A MSE 105 C ? ? ? 1_555 A LEU 106 N ? ? A MSE 75 A LEU 76 1_555 ? ? ? ? ? ? ? 1.337 ? ? 
covale7  covale both ? A GLU 123 C ? ? ? 1_555 A MSE 124 N ? ? A GLU 93 A MSE 94 1_555 ? ? ? ? ? ? ? 1.335 ? ? 
covale8  covale both ? A MSE 124 C ? ? ? 1_555 A VAL 125 N ? ? A MSE 94 A VAL 95 1_555 ? ? ? ? ? ? ? 1.334 ? ? 
covale9  covale both ? B LYS 52  C ? ? ? 1_555 B MSE 53  N ? ? B LYS 22 B MSE 23 1_555 ? ? ? ? ? ? ? 1.331 ? ? 
covale10 covale both ? B MSE 53  C ? ? ? 1_555 B GLN 54  N ? ? B MSE 23 B GLN 24 1_555 ? ? ? ? ? ? ? 1.334 ? ? 
covale11 covale both ? B ASP 56  C ? ? ? 1_555 B MSE 57  N B ? B ASP 26 B MSE 27 1_555 ? ? ? ? ? ? ? 1.338 ? ? 
covale12 covale both ? B ASP 56  C ? ? ? 1_555 B MSE 57  N A ? B ASP 26 B MSE 27 1_555 ? ? ? ? ? ? ? 1.329 ? ? 
covale13 covale both ? B MSE 57  C B ? ? 1_555 B GLU 58  N ? ? B MSE 27 B GLU 28 1_555 ? ? ? ? ? ? ? 1.332 ? ? 
covale14 covale both ? B MSE 57  C A ? ? 1_555 B GLU 58  N ? ? B MSE 27 B GLU 28 1_555 ? ? ? ? ? ? ? 1.334 ? ? 
covale15 covale both ? B GLU 104 C ? ? ? 1_555 B MSE 105 N ? ? B GLU 74 B MSE 75 1_555 ? ? ? ? ? ? ? 1.332 ? ? 
covale16 covale both ? B MSE 105 C ? ? ? 1_555 B LEU 106 N ? ? B MSE 75 B LEU 76 1_555 ? ? ? ? ? ? ? 1.323 ? ? 
covale17 covale both ? B GLU 123 C ? ? ? 1_555 B MSE 124 N ? ? B GLU 93 B MSE 94 1_555 ? ? ? ? ? ? ? 1.334 ? ? 
covale18 covale both ? B MSE 124 C ? ? ? 1_555 B VAL 125 N ? ? B MSE 94 B VAL 95 1_555 ? ? ? ? ? ? ? 1.330 ? ? 
# 
_struct_conn_type.id          covale 
_struct_conn_type.criteria    ? 
_struct_conn_type.reference   ? 
# 
loop_
_pdbx_modification_feature.ordinal 
_pdbx_modification_feature.label_comp_id 
_pdbx_modification_feature.label_asym_id 
_pdbx_modification_feature.label_seq_id 
_pdbx_modification_feature.label_alt_id 
_pdbx_modification_feature.modified_residue_label_comp_id 
_pdbx_modification_feature.modified_residue_label_asym_id 
_pdbx_modification_feature.modified_residue_label_seq_id 
_pdbx_modification_feature.modified_residue_label_alt_id 
_pdbx_modification_feature.auth_comp_id 
_pdbx_modification_feature.auth_asym_id 
_pdbx_modification_feature.auth_seq_id 
_pdbx_modification_feature.PDB_ins_code 
_pdbx_modification_feature.symmetry 
_pdbx_modification_feature.modified_residue_auth_comp_id 
_pdbx_modification_feature.modified_residue_auth_asym_id 
_pdbx_modification_feature.modified_residue_auth_seq_id 
_pdbx_modification_feature.modified_residue_PDB_ins_code 
_pdbx_modification_feature.modified_residue_symmetry 
_pdbx_modification_feature.comp_id_linking_atom 
_pdbx_modification_feature.modified_residue_id_linking_atom 
_pdbx_modification_feature.modified_residue_id 
_pdbx_modification_feature.ref_pcm_id 
_pdbx_modification_feature.ref_comp_id 
_pdbx_modification_feature.type 
_pdbx_modification_feature.category 
1 MSE A 53  ? . . . . MSE A 23 ? 1_555 . . . . . . . MET 1 MSE Selenomethionine 'Named protein modification' 
2 MSE A 57  ? . . . . MSE A 27 ? 1_555 . . . . . . . MET 1 MSE Selenomethionine 'Named protein modification' 
3 MSE A 105 ? . . . . MSE A 75 ? 1_555 . . . . . . . MET 1 MSE Selenomethionine 'Named protein modification' 
4 MSE A 124 ? . . . . MSE A 94 ? 1_555 . . . . . . . MET 1 MSE Selenomethionine 'Named protein modification' 
5 MSE B 53  ? . . . . MSE B 23 ? 1_555 . . . . . . . MET 1 MSE Selenomethionine 'Named protein modification' 
6 MSE B 57  A . . . . MSE B 27 ? 1_555 . . . . . . . MET 1 MSE Selenomethionine 'Named protein modification' 
7 MSE B 57  B . . . . MSE B 27 ? 1_555 . . . . . . . MET 1 MSE Selenomethionine 'Named protein modification' 
8 MSE B 105 ? . . . . MSE B 75 ? 1_555 . . . . . . . MET 1 MSE Selenomethionine 'Named protein modification' 
9 MSE B 124 ? . . . . MSE B 94 ? 1_555 . . . . . . . MET 1 MSE Selenomethionine 'Named protein modification' 
# 
loop_
_struct_sheet.id 
_struct_sheet.type 
_struct_sheet.number_strands 
_struct_sheet.details 
A ? 3 ? 
B ? 3 ? 
# 
loop_
_struct_sheet_order.sheet_id 
_struct_sheet_order.range_id_1 
_struct_sheet_order.range_id_2 
_struct_sheet_order.offset 
_struct_sheet_order.sense 
A 1 2 ? anti-parallel 
A 2 3 ? anti-parallel 
B 1 2 ? anti-parallel 
B 2 3 ? anti-parallel 
# 
loop_
_struct_sheet_range.sheet_id 
_struct_sheet_range.id 
_struct_sheet_range.beg_label_comp_id 
_struct_sheet_range.beg_label_asym_id 
_struct_sheet_range.beg_label_seq_id 
_struct_sheet_range.pdbx_beg_PDB_ins_code 
_struct_sheet_range.end_label_comp_id 
_struct_sheet_range.end_label_asym_id 
_struct_sheet_range.end_label_seq_id 
_struct_sheet_range.pdbx_end_PDB_ins_code 
_struct_sheet_range.beg_auth_comp_id 
_struct_sheet_range.beg_auth_asym_id 
_struct_sheet_range.beg_auth_seq_id 
_struct_sheet_range.end_auth_comp_id 
_struct_sheet_range.end_auth_asym_id 
_struct_sheet_range.end_auth_seq_id 
A 1 THR A 68 ? ALA A 73 ? THR A 38 ALA A 43 
A 2 VAL A 78 ? THR A 83 ? VAL A 48 THR A 53 
A 3 ILE A 88 ? ILE A 93 ? ILE A 58 ILE A 63 
B 1 THR B 68 ? ALA B 73 ? THR B 38 ALA B 43 
B 2 VAL B 78 ? THR B 83 ? VAL B 48 THR B 53 
B 3 ILE B 88 ? ILE B 93 ? ILE B 58 ILE B 63 
# 
loop_
_pdbx_struct_sheet_hbond.sheet_id 
_pdbx_struct_sheet_hbond.range_id_1 
_pdbx_struct_sheet_hbond.range_id_2 
_pdbx_struct_sheet_hbond.range_1_label_atom_id 
_pdbx_struct_sheet_hbond.range_1_label_comp_id 
_pdbx_struct_sheet_hbond.range_1_label_asym_id 
_pdbx_struct_sheet_hbond.range_1_label_seq_id 
_pdbx_struct_sheet_hbond.range_1_PDB_ins_code 
_pdbx_struct_sheet_hbond.range_1_auth_atom_id 
_pdbx_struct_sheet_hbond.range_1_auth_comp_id 
_pdbx_struct_sheet_hbond.range_1_auth_asym_id 
_pdbx_struct_sheet_hbond.range_1_auth_seq_id 
_pdbx_struct_sheet_hbond.range_2_label_atom_id 
_pdbx_struct_sheet_hbond.range_2_label_comp_id 
_pdbx_struct_sheet_hbond.range_2_label_asym_id 
_pdbx_struct_sheet_hbond.range_2_label_seq_id 
_pdbx_struct_sheet_hbond.range_2_PDB_ins_code 
_pdbx_struct_sheet_hbond.range_2_auth_atom_id 
_pdbx_struct_sheet_hbond.range_2_auth_comp_id 
_pdbx_struct_sheet_hbond.range_2_auth_asym_id 
_pdbx_struct_sheet_hbond.range_2_auth_seq_id 
A 1 2 N ALA A 71 ? N ALA A 41 O VAL A 80 ? O VAL A 50 
A 2 3 N VAL A 81 ? N VAL A 51 O LYS A 89 ? O LYS A 59 
B 1 2 N ALA B 71 ? N ALA B 41 O VAL B 80 ? O VAL B 50 
B 2 3 N VAL B 81 ? N VAL B 51 O LYS B 89 ? O LYS B 59 
# 
loop_
_struct_site.id 
_struct_site.pdbx_evidence_code 
_struct_site.pdbx_auth_asym_id 
_struct_site.pdbx_auth_comp_id 
_struct_site.pdbx_auth_seq_id 
_struct_site.pdbx_auth_ins_code 
_struct_site.pdbx_num_residues 
_struct_site.details 
AC1 Software A UNX 201 ? 3 'BINDING SITE FOR RESIDUE UNX A 201' 
AC2 Software A UNX 202 ? 3 'BINDING SITE FOR RESIDUE UNX A 202' 
AC3 Software B UNX 204 ? 1 'BINDING SITE FOR RESIDUE UNX B 204' 
# 
loop_
_struct_site_gen.id 
_struct_site_gen.site_id 
_struct_site_gen.pdbx_num_res 
_struct_site_gen.label_comp_id 
_struct_site_gen.label_asym_id 
_struct_site_gen.label_seq_id 
_struct_site_gen.pdbx_auth_ins_code 
_struct_site_gen.auth_comp_id 
_struct_site_gen.auth_asym_id 
_struct_site_gen.auth_seq_id 
_struct_site_gen.label_atom_id 
_struct_site_gen.label_alt_id 
_struct_site_gen.symmetry 
_struct_site_gen.details 
1 AC1 3 LYS A 94  ? LYS A 64 . ? 1_555 ? 
2 AC1 3 PRO A 95  ? PRO A 65 . ? 1_555 ? 
3 AC1 3 GLU A 96  ? GLU A 66 . ? 1_555 ? 
4 AC2 3 ALA A 112 ? ALA A 82 . ? 1_555 ? 
5 AC2 3 GLU A 116 ? GLU A 86 . ? 1_555 ? 
6 AC2 3 ARG A 119 ? ARG A 89 . ? 1_555 ? 
7 AC3 1 GLY B 74  ? GLY B 44 . ? 1_555 ? 
# 
_pdbx_entry_details.entry_id                   1YBX 
_pdbx_entry_details.compound_details           ? 
_pdbx_entry_details.source_details             ? 
_pdbx_entry_details.nonpolymer_details         ? 
_pdbx_entry_details.sequence_details           ? 
_pdbx_entry_details.has_ligand_of_interest     ? 
_pdbx_entry_details.has_protein_modification   Y 
# 
_pdbx_validate_torsion.id              1 
_pdbx_validate_torsion.PDB_model_num   1 
_pdbx_validate_torsion.auth_comp_id    ASP 
_pdbx_validate_torsion.auth_asym_id    A 
_pdbx_validate_torsion.auth_seq_id     72 
_pdbx_validate_torsion.PDB_ins_code    ? 
_pdbx_validate_torsion.label_alt_id    ? 
_pdbx_validate_torsion.phi             -150.28 
_pdbx_validate_torsion.psi             64.03 
# 
_pdbx_SG_project.project_name          'PSI, Protein Structure Initiative' 
_pdbx_SG_project.full_name_of_center   'Southeast Collaboratory for Structural Genomics' 
_pdbx_SG_project.initial_of_center     SECSG 
_pdbx_SG_project.id                    1 
# 
loop_
_pdbx_struct_mod_residue.id 
_pdbx_struct_mod_residue.label_asym_id 
_pdbx_struct_mod_residue.label_comp_id 
_pdbx_struct_mod_residue.label_seq_id 
_pdbx_struct_mod_residue.auth_asym_id 
_pdbx_struct_mod_residue.auth_comp_id 
_pdbx_struct_mod_residue.auth_seq_id 
_pdbx_struct_mod_residue.PDB_ins_code 
_pdbx_struct_mod_residue.parent_comp_id 
_pdbx_struct_mod_residue.details 
1 A MSE 53  A MSE 23 ? MET SELENOMETHIONINE 
2 A MSE 57  A MSE 27 ? MET SELENOMETHIONINE 
3 A MSE 105 A MSE 75 ? MET SELENOMETHIONINE 
4 A MSE 124 A MSE 94 ? MET SELENOMETHIONINE 
5 B MSE 53  B MSE 23 ? MET SELENOMETHIONINE 
6 B MSE 57  B MSE 27 ? MET SELENOMETHIONINE 
7 B MSE 105 B MSE 75 ? MET SELENOMETHIONINE 
8 B MSE 124 B MSE 94 ? MET SELENOMETHIONINE 
# 
loop_
_pdbx_refine_tls.id 
_pdbx_refine_tls.details 
_pdbx_refine_tls.method 
_pdbx_refine_tls.origin_x 
_pdbx_refine_tls.origin_y 
_pdbx_refine_tls.origin_z 
_pdbx_refine_tls.T[1][1] 
_pdbx_refine_tls.T[2][2] 
_pdbx_refine_tls.T[3][3] 
_pdbx_refine_tls.T[1][2] 
_pdbx_refine_tls.T[1][3] 
_pdbx_refine_tls.T[2][3] 
_pdbx_refine_tls.L[1][1] 
_pdbx_refine_tls.L[2][2] 
_pdbx_refine_tls.L[3][3] 
_pdbx_refine_tls.L[1][2] 
_pdbx_refine_tls.L[1][3] 
_pdbx_refine_tls.L[2][3] 
_pdbx_refine_tls.S[1][1] 
_pdbx_refine_tls.S[2][2] 
_pdbx_refine_tls.S[3][3] 
_pdbx_refine_tls.S[1][2] 
_pdbx_refine_tls.S[1][3] 
_pdbx_refine_tls.S[2][3] 
_pdbx_refine_tls.S[2][1] 
_pdbx_refine_tls.S[3][1] 
_pdbx_refine_tls.S[3][2] 
_pdbx_refine_tls.pdbx_refine_id 
1 . refined 3.9878  7.4768  0.7800  -0.0979 0.0083  -0.0892 0.0274 -0.0545 0.0455 0.9595 4.2413 5.2279 -1.3569 0.6590 -4.1495 -0.0498 0.1525  -0.1027 0.0033 0.0753  -0.0106 0.1196  -0.2909 -0.3132 'X-RAY DIFFRACTION' 
2 . refined -4.1119 -6.9808 -1.3007 -0.1076 -0.0334 -0.0469 0.0464 -0.0381 0.0434 5.3071 0.3691 2.4571 -0.4771 2.0933 0.0124  0.0172  -0.0260 0.0088  0.2314 -0.1746 0.1939  -0.0370 0.0640  -0.1931 'X-RAY DIFFRACTION' 
# 
loop_
_pdbx_refine_tls_group.id 
_pdbx_refine_tls_group.refine_tls_id 
_pdbx_refine_tls_group.beg_label_asym_id 
_pdbx_refine_tls_group.beg_label_seq_id 
_pdbx_refine_tls_group.end_label_asym_id 
_pdbx_refine_tls_group.end_label_seq_id 
_pdbx_refine_tls_group.selection 
_pdbx_refine_tls_group.beg_auth_asym_id 
_pdbx_refine_tls_group.beg_auth_seq_id 
_pdbx_refine_tls_group.end_auth_asym_id 
_pdbx_refine_tls_group.end_auth_seq_id 
_pdbx_refine_tls_group.pdbx_refine_id 
_pdbx_refine_tls_group.selection_details 
1 1 A 43 A 133 ALL A 13 A 103 'X-RAY DIFFRACTION' ? 
2 2 B 42 B 133 ALL B 12 B 103 'X-RAY DIFFRACTION' ? 
# 
loop_
_pdbx_phasing_MAD_shell.d_res_low 
_pdbx_phasing_MAD_shell.d_res_high 
_pdbx_phasing_MAD_shell.reflns 
_pdbx_phasing_MAD_shell.fom 
20.000 7.62 559  0.36 
7.62   4.91 910  0.40 
4.91   3.87 1125 0.40 
3.87   3.30 1320 0.39 
3.30   2.92 1488 0.36 
2.92   2.64 1630 0.30 
2.64   2.44 1729 0.23 
2.44   2.27 1759 0.16 
# 
_pdbx_phasing_dm.entry_id          1YBX 
_pdbx_phasing_dm.fom_acentric      0.58 
_pdbx_phasing_dm.fom_centric       0.68 
_pdbx_phasing_dm.fom               0.59 
_pdbx_phasing_dm.reflns_acentric   12596 
_pdbx_phasing_dm.reflns_centric    1106 
_pdbx_phasing_dm.reflns            13702 
# 
loop_
_pdbx_phasing_dm_shell.d_res_low 
_pdbx_phasing_dm_shell.d_res_high 
_pdbx_phasing_dm_shell.fom_acentric 
_pdbx_phasing_dm_shell.fom_centric 
_pdbx_phasing_dm_shell.fom 
_pdbx_phasing_dm_shell.reflns_acentric 
_pdbx_phasing_dm_shell.reflns_centric 
_pdbx_phasing_dm_shell.reflns 
19.595 5.7 0.92 0.79 0.92 513  125 638  
5.7    3.6 0.92 0.87 0.91 1722 211 1933 
3.6    2.9 0.80 0.81 0.80 2212 206 2418 
2.9    2.5 0.63 0.74 0.63 2255 163 2418 
2.5    2.1 0.43 0.59 0.44 3932 261 4193 
2.1    2.0 0.20 0.23 0.20 1962 140 2102 
# 
_phasing.method   SAD 
# 
_phasing_MAD.entry_id          1YBX 
_phasing_MAD.pdbx_d_res_high   2.200 
_phasing_MAD.pdbx_d_res_low    20.000 
_phasing_MAD.pdbx_reflns       10520 
_phasing_MAD.pdbx_fom          0.31 
# 
_pdbx_database_remark.id     300 
_pdbx_database_remark.text   
;BIOMOLECULE:  
THIS ENTRY CONTAINS THE CRYSTALLOGRAPHIC ASYMMETRIC UNIT
WHICH CONSISTS OF 2 CHAINS. THE BIOLOGICAL UNIT IS
UNKNOWN.
;
# 
loop_
_pdbx_unobs_or_zero_occ_residues.id 
_pdbx_unobs_or_zero_occ_residues.PDB_model_num 
_pdbx_unobs_or_zero_occ_residues.polymer_flag 
_pdbx_unobs_or_zero_occ_residues.occupancy_flag 
_pdbx_unobs_or_zero_occ_residues.auth_asym_id 
_pdbx_unobs_or_zero_occ_residues.auth_comp_id 
_pdbx_unobs_or_zero_occ_residues.auth_seq_id 
_pdbx_unobs_or_zero_occ_residues.PDB_ins_code 
_pdbx_unobs_or_zero_occ_residues.label_asym_id 
_pdbx_unobs_or_zero_occ_residues.label_comp_id 
_pdbx_unobs_or_zero_occ_residues.label_seq_id 
1   1 Y 1 A MSE -29 ? A MSE 1   
2   1 Y 1 A GLY -28 ? A GLY 2   
3   1 Y 1 A SER -27 ? A SER 3   
4   1 Y 1 A SER -26 ? A SER 4   
5   1 Y 1 A HIS -25 ? A HIS 5   
6   1 Y 1 A HIS -24 ? A HIS 6   
7   1 Y 1 A HIS -23 ? A HIS 7   
8   1 Y 1 A HIS -22 ? A HIS 8   
9   1 Y 1 A HIS -21 ? A HIS 9   
10  1 Y 1 A HIS -20 ? A HIS 10  
11  1 Y 1 A SER -19 ? A SER 11  
12  1 Y 1 A SER -18 ? A SER 12  
13  1 Y 1 A GLY -17 ? A GLY 13  
14  1 Y 1 A LEU -16 ? A LEU 14  
15  1 Y 1 A VAL -15 ? A VAL 15  
16  1 Y 1 A PRO -14 ? A PRO 16  
17  1 Y 1 A ARG -13 ? A ARG 17  
18  1 Y 1 A GLY -12 ? A GLY 18  
19  1 Y 1 A SER -11 ? A SER 19  
20  1 Y 1 A GLN -10 ? A GLN 20  
21  1 Y 1 A SER -9  ? A SER 21  
22  1 Y 1 A THR -8  ? A THR 22  
23  1 Y 1 A SER -7  ? A SER 23  
24  1 Y 1 A LEU -6  ? A LEU 24  
25  1 Y 1 A TYR -5  ? A TYR 25  
26  1 Y 1 A LYS -4  ? A LYS 26  
27  1 Y 1 A LYS -3  ? A LYS 27  
28  1 Y 1 A ALA -2  ? A ALA 28  
29  1 Y 1 A GLY -1  ? A GLY 29  
30  1 Y 1 A LEU 0   ? A LEU 30  
31  1 Y 1 A MSE 1   ? A MSE 31  
32  1 Y 1 A ALA 2   ? A ALA 32  
33  1 Y 1 A LYS 3   ? A LYS 33  
34  1 Y 1 A GLY 4   ? A GLY 34  
35  1 Y 1 A GLY 5   ? A GLY 35  
36  1 Y 1 A PHE 6   ? A PHE 36  
37  1 Y 1 A PRO 7   ? A PRO 37  
38  1 Y 1 A GLY 8   ? A GLY 38  
39  1 Y 1 A PHE 9   ? A PHE 39  
40  1 Y 1 A GLY 10  ? A GLY 40  
41  1 Y 1 A GLY 11  ? A GLY 41  
42  1 Y 1 A ASN 12  ? A ASN 42  
43  1 Y 1 A GLY 104 ? A GLY 134 
44  1 Y 1 A GLY 105 ? A GLY 135 
45  1 Y 1 A LEU 106 ? A LEU 136 
46  1 Y 1 A GLY 107 ? A GLY 137 
47  1 Y 1 A GLY 108 ? A GLY 138 
48  1 Y 1 A ILE 109 ? A ILE 139 
49  1 Y 1 A PRO 110 ? A PRO 140 
50  1 Y 1 A GLY 111 ? A GLY 141 
51  1 Y 1 A LEU 112 ? A LEU 142 
52  1 Y 1 A PHE 113 ? A PHE 143 
53  1 Y 1 B MSE -29 ? B MSE 1   
54  1 Y 1 B GLY -28 ? B GLY 2   
55  1 Y 1 B SER -27 ? B SER 3   
56  1 Y 1 B SER -26 ? B SER 4   
57  1 Y 1 B HIS -25 ? B HIS 5   
58  1 Y 1 B HIS -24 ? B HIS 6   
59  1 Y 1 B HIS -23 ? B HIS 7   
60  1 Y 1 B HIS -22 ? B HIS 8   
61  1 Y 1 B HIS -21 ? B HIS 9   
62  1 Y 1 B HIS -20 ? B HIS 10  
63  1 Y 1 B SER -19 ? B SER 11  
64  1 Y 1 B SER -18 ? B SER 12  
65  1 Y 1 B GLY -17 ? B GLY 13  
66  1 Y 1 B LEU -16 ? B LEU 14  
67  1 Y 1 B VAL -15 ? B VAL 15  
68  1 Y 1 B PRO -14 ? B PRO 16  
69  1 Y 1 B ARG -13 ? B ARG 17  
70  1 Y 1 B GLY -12 ? B GLY 18  
71  1 Y 1 B SER -11 ? B SER 19  
72  1 Y 1 B GLN -10 ? B GLN 20  
73  1 Y 1 B SER -9  ? B SER 21  
74  1 Y 1 B THR -8  ? B THR 22  
75  1 Y 1 B SER -7  ? B SER 23  
76  1 Y 1 B LEU -6  ? B LEU 24  
77  1 Y 1 B TYR -5  ? B TYR 25  
78  1 Y 1 B LYS -4  ? B LYS 26  
79  1 Y 1 B LYS -3  ? B LYS 27  
80  1 Y 1 B ALA -2  ? B ALA 28  
81  1 Y 1 B GLY -1  ? B GLY 29  
82  1 Y 1 B LEU 0   ? B LEU 30  
83  1 Y 1 B MSE 1   ? B MSE 31  
84  1 Y 1 B ALA 2   ? B ALA 32  
85  1 Y 1 B LYS 3   ? B LYS 33  
86  1 Y 1 B GLY 4   ? B GLY 34  
87  1 Y 1 B GLY 5   ? B GLY 35  
88  1 Y 1 B PHE 6   ? B PHE 36  
89  1 Y 1 B PRO 7   ? B PRO 37  
90  1 Y 1 B GLY 8   ? B GLY 38  
91  1 Y 1 B PHE 9   ? B PHE 39  
92  1 Y 1 B GLY 10  ? B GLY 40  
93  1 Y 1 B GLY 11  ? B GLY 41  
94  1 Y 1 B GLY 104 ? B GLY 134 
95  1 Y 1 B GLY 105 ? B GLY 135 
96  1 Y 1 B LEU 106 ? B LEU 136 
97  1 Y 1 B GLY 107 ? B GLY 137 
98  1 Y 1 B GLY 108 ? B GLY 138 
99  1 Y 1 B ILE 109 ? B ILE 139 
100 1 Y 1 B PRO 110 ? B PRO 140 
101 1 Y 1 B GLY 111 ? B GLY 141 
102 1 Y 1 B LEU 112 ? B LEU 142 
103 1 Y 1 B PHE 113 ? B PHE 143 
# 
loop_
_chem_comp_atom.comp_id 
_chem_comp_atom.atom_id 
_chem_comp_atom.type_symbol 
_chem_comp_atom.pdbx_aromatic_flag 
_chem_comp_atom.pdbx_stereo_config 
_chem_comp_atom.pdbx_ordinal 
ALA N    N  N N 1   
ALA CA   C  N S 2   
ALA C    C  N N 3   
ALA O    O  N N 4   
ALA CB   C  N N 5   
ALA OXT  O  N N 6   
ALA H    H  N N 7   
ALA H2   H  N N 8   
ALA HA   H  N N 9   
ALA HB1  H  N N 10  
ALA HB2  H  N N 11  
ALA HB3  H  N N 12  
ALA HXT  H  N N 13  
ARG N    N  N N 14  
ARG CA   C  N S 15  
ARG C    C  N N 16  
ARG O    O  N N 17  
ARG CB   C  N N 18  
ARG CG   C  N N 19  
ARG CD   C  N N 20  
ARG NE   N  N N 21  
ARG CZ   C  N N 22  
ARG NH1  N  N N 23  
ARG NH2  N  N N 24  
ARG OXT  O  N N 25  
ARG H    H  N N 26  
ARG H2   H  N N 27  
ARG HA   H  N N 28  
ARG HB2  H  N N 29  
ARG HB3  H  N N 30  
ARG HG2  H  N N 31  
ARG HG3  H  N N 32  
ARG HD2  H  N N 33  
ARG HD3  H  N N 34  
ARG HE   H  N N 35  
ARG HH11 H  N N 36  
ARG HH12 H  N N 37  
ARG HH21 H  N N 38  
ARG HH22 H  N N 39  
ARG HXT  H  N N 40  
ASN N    N  N N 41  
ASN CA   C  N S 42  
ASN C    C  N N 43  
ASN O    O  N N 44  
ASN CB   C  N N 45  
ASN CG   C  N N 46  
ASN OD1  O  N N 47  
ASN ND2  N  N N 48  
ASN OXT  O  N N 49  
ASN H    H  N N 50  
ASN H2   H  N N 51  
ASN HA   H  N N 52  
ASN HB2  H  N N 53  
ASN HB3  H  N N 54  
ASN HD21 H  N N 55  
ASN HD22 H  N N 56  
ASN HXT  H  N N 57  
ASP N    N  N N 58  
ASP CA   C  N S 59  
ASP C    C  N N 60  
ASP O    O  N N 61  
ASP CB   C  N N 62  
ASP CG   C  N N 63  
ASP OD1  O  N N 64  
ASP OD2  O  N N 65  
ASP OXT  O  N N 66  
ASP H    H  N N 67  
ASP H2   H  N N 68  
ASP HA   H  N N 69  
ASP HB2  H  N N 70  
ASP HB3  H  N N 71  
ASP HD2  H  N N 72  
ASP HXT  H  N N 73  
GLN N    N  N N 74  
GLN CA   C  N S 75  
GLN C    C  N N 76  
GLN O    O  N N 77  
GLN CB   C  N N 78  
GLN CG   C  N N 79  
GLN CD   C  N N 80  
GLN OE1  O  N N 81  
GLN NE2  N  N N 82  
GLN OXT  O  N N 83  
GLN H    H  N N 84  
GLN H2   H  N N 85  
GLN HA   H  N N 86  
GLN HB2  H  N N 87  
GLN HB3  H  N N 88  
GLN HG2  H  N N 89  
GLN HG3  H  N N 90  
GLN HE21 H  N N 91  
GLN HE22 H  N N 92  
GLN HXT  H  N N 93  
GLU N    N  N N 94  
GLU CA   C  N S 95  
GLU C    C  N N 96  
GLU O    O  N N 97  
GLU CB   C  N N 98  
GLU CG   C  N N 99  
GLU CD   C  N N 100 
GLU OE1  O  N N 101 
GLU OE2  O  N N 102 
GLU OXT  O  N N 103 
GLU H    H  N N 104 
GLU H2   H  N N 105 
GLU HA   H  N N 106 
GLU HB2  H  N N 107 
GLU HB3  H  N N 108 
GLU HG2  H  N N 109 
GLU HG3  H  N N 110 
GLU HE2  H  N N 111 
GLU HXT  H  N N 112 
GLY N    N  N N 113 
GLY CA   C  N N 114 
GLY C    C  N N 115 
GLY O    O  N N 116 
GLY OXT  O  N N 117 
GLY H    H  N N 118 
GLY H2   H  N N 119 
GLY HA2  H  N N 120 
GLY HA3  H  N N 121 
GLY HXT  H  N N 122 
HIS N    N  N N 123 
HIS CA   C  N S 124 
HIS C    C  N N 125 
HIS O    O  N N 126 
HIS CB   C  N N 127 
HIS CG   C  Y N 128 
HIS ND1  N  Y N 129 
HIS CD2  C  Y N 130 
HIS CE1  C  Y N 131 
HIS NE2  N  Y N 132 
HIS OXT  O  N N 133 
HIS H    H  N N 134 
HIS H2   H  N N 135 
HIS HA   H  N N 136 
HIS HB2  H  N N 137 
HIS HB3  H  N N 138 
HIS HD1  H  N N 139 
HIS HD2  H  N N 140 
HIS HE1  H  N N 141 
HIS HE2  H  N N 142 
HIS HXT  H  N N 143 
HOH O    O  N N 144 
HOH H1   H  N N 145 
HOH H2   H  N N 146 
ILE N    N  N N 147 
ILE CA   C  N S 148 
ILE C    C  N N 149 
ILE O    O  N N 150 
ILE CB   C  N S 151 
ILE CG1  C  N N 152 
ILE CG2  C  N N 153 
ILE CD1  C  N N 154 
ILE OXT  O  N N 155 
ILE H    H  N N 156 
ILE H2   H  N N 157 
ILE HA   H  N N 158 
ILE HB   H  N N 159 
ILE HG12 H  N N 160 
ILE HG13 H  N N 161 
ILE HG21 H  N N 162 
ILE HG22 H  N N 163 
ILE HG23 H  N N 164 
ILE HD11 H  N N 165 
ILE HD12 H  N N 166 
ILE HD13 H  N N 167 
ILE HXT  H  N N 168 
LEU N    N  N N 169 
LEU CA   C  N S 170 
LEU C    C  N N 171 
LEU O    O  N N 172 
LEU CB   C  N N 173 
LEU CG   C  N N 174 
LEU CD1  C  N N 175 
LEU CD2  C  N N 176 
LEU OXT  O  N N 177 
LEU H    H  N N 178 
LEU H2   H  N N 179 
LEU HA   H  N N 180 
LEU HB2  H  N N 181 
LEU HB3  H  N N 182 
LEU HG   H  N N 183 
LEU HD11 H  N N 184 
LEU HD12 H  N N 185 
LEU HD13 H  N N 186 
LEU HD21 H  N N 187 
LEU HD22 H  N N 188 
LEU HD23 H  N N 189 
LEU HXT  H  N N 190 
LYS N    N  N N 191 
LYS CA   C  N S 192 
LYS C    C  N N 193 
LYS O    O  N N 194 
LYS CB   C  N N 195 
LYS CG   C  N N 196 
LYS CD   C  N N 197 
LYS CE   C  N N 198 
LYS NZ   N  N N 199 
LYS OXT  O  N N 200 
LYS H    H  N N 201 
LYS H2   H  N N 202 
LYS HA   H  N N 203 
LYS HB2  H  N N 204 
LYS HB3  H  N N 205 
LYS HG2  H  N N 206 
LYS HG3  H  N N 207 
LYS HD2  H  N N 208 
LYS HD3  H  N N 209 
LYS HE2  H  N N 210 
LYS HE3  H  N N 211 
LYS HZ1  H  N N 212 
LYS HZ2  H  N N 213 
LYS HZ3  H  N N 214 
LYS HXT  H  N N 215 
MET N    N  N N 216 
MET CA   C  N S 217 
MET C    C  N N 218 
MET O    O  N N 219 
MET CB   C  N N 220 
MET CG   C  N N 221 
MET SD   S  N N 222 
MET CE   C  N N 223 
MET OXT  O  N N 224 
MET H    H  N N 225 
MET H2   H  N N 226 
MET HA   H  N N 227 
MET HB2  H  N N 228 
MET HB3  H  N N 229 
MET HG2  H  N N 230 
MET HG3  H  N N 231 
MET HE1  H  N N 232 
MET HE2  H  N N 233 
MET HE3  H  N N 234 
MET HXT  H  N N 235 
MSE N    N  N N 236 
MSE CA   C  N S 237 
MSE C    C  N N 238 
MSE O    O  N N 239 
MSE OXT  O  N N 240 
MSE CB   C  N N 241 
MSE CG   C  N N 242 
MSE SE   SE N N 243 
MSE CE   C  N N 244 
MSE H    H  N N 245 
MSE H2   H  N N 246 
MSE HA   H  N N 247 
MSE HXT  H  N N 248 
MSE HB2  H  N N 249 
MSE HB3  H  N N 250 
MSE HG2  H  N N 251 
MSE HG3  H  N N 252 
MSE HE1  H  N N 253 
MSE HE2  H  N N 254 
MSE HE3  H  N N 255 
PHE N    N  N N 256 
PHE CA   C  N S 257 
PHE C    C  N N 258 
PHE O    O  N N 259 
PHE CB   C  N N 260 
PHE CG   C  Y N 261 
PHE CD1  C  Y N 262 
PHE CD2  C  Y N 263 
PHE CE1  C  Y N 264 
PHE CE2  C  Y N 265 
PHE CZ   C  Y N 266 
PHE OXT  O  N N 267 
PHE H    H  N N 268 
PHE H2   H  N N 269 
PHE HA   H  N N 270 
PHE HB2  H  N N 271 
PHE HB3  H  N N 272 
PHE HD1  H  N N 273 
PHE HD2  H  N N 274 
PHE HE1  H  N N 275 
PHE HE2  H  N N 276 
PHE HZ   H  N N 277 
PHE HXT  H  N N 278 
PRO N    N  N N 279 
PRO CA   C  N S 280 
PRO C    C  N N 281 
PRO O    O  N N 282 
PRO CB   C  N N 283 
PRO CG   C  N N 284 
PRO CD   C  N N 285 
PRO OXT  O  N N 286 
PRO H    H  N N 287 
PRO HA   H  N N 288 
PRO HB2  H  N N 289 
PRO HB3  H  N N 290 
PRO HG2  H  N N 291 
PRO HG3  H  N N 292 
PRO HD2  H  N N 293 
PRO HD3  H  N N 294 
PRO HXT  H  N N 295 
SER N    N  N N 296 
SER CA   C  N S 297 
SER C    C  N N 298 
SER O    O  N N 299 
SER CB   C  N N 300 
SER OG   O  N N 301 
SER OXT  O  N N 302 
SER H    H  N N 303 
SER H2   H  N N 304 
SER HA   H  N N 305 
SER HB2  H  N N 306 
SER HB3  H  N N 307 
SER HG   H  N N 308 
SER HXT  H  N N 309 
THR N    N  N N 310 
THR CA   C  N S 311 
THR C    C  N N 312 
THR O    O  N N 313 
THR CB   C  N R 314 
THR OG1  O  N N 315 
THR CG2  C  N N 316 
THR OXT  O  N N 317 
THR H    H  N N 318 
THR H2   H  N N 319 
THR HA   H  N N 320 
THR HB   H  N N 321 
THR HG1  H  N N 322 
THR HG21 H  N N 323 
THR HG22 H  N N 324 
THR HG23 H  N N 325 
THR HXT  H  N N 326 
TYR N    N  N N 327 
TYR CA   C  N S 328 
TYR C    C  N N 329 
TYR O    O  N N 330 
TYR CB   C  N N 331 
TYR CG   C  Y N 332 
TYR CD1  C  Y N 333 
TYR CD2  C  Y N 334 
TYR CE1  C  Y N 335 
TYR CE2  C  Y N 336 
TYR CZ   C  Y N 337 
TYR OH   O  N N 338 
TYR OXT  O  N N 339 
TYR H    H  N N 340 
TYR H2   H  N N 341 
TYR HA   H  N N 342 
TYR HB2  H  N N 343 
TYR HB3  H  N N 344 
TYR HD1  H  N N 345 
TYR HD2  H  N N 346 
TYR HE1  H  N N 347 
TYR HE2  H  N N 348 
TYR HH   H  N N 349 
TYR HXT  H  N N 350 
VAL N    N  N N 351 
VAL CA   C  N S 352 
VAL C    C  N N 353 
VAL O    O  N N 354 
VAL CB   C  N N 355 
VAL CG1  C  N N 356 
VAL CG2  C  N N 357 
VAL OXT  O  N N 358 
VAL H    H  N N 359 
VAL H2   H  N N 360 
VAL HA   H  N N 361 
VAL HB   H  N N 362 
VAL HG11 H  N N 363 
VAL HG12 H  N N 364 
VAL HG13 H  N N 365 
VAL HG21 H  N N 366 
VAL HG22 H  N N 367 
VAL HG23 H  N N 368 
VAL HXT  H  N N 369 
# 
loop_
_chem_comp_bond.comp_id 
_chem_comp_bond.atom_id_1 
_chem_comp_bond.atom_id_2 
_chem_comp_bond.value_order 
_chem_comp_bond.pdbx_aromatic_flag 
_chem_comp_bond.pdbx_stereo_config 
_chem_comp_bond.pdbx_ordinal 
ALA N   CA   sing N N 1   
ALA N   H    sing N N 2   
ALA N   H2   sing N N 3   
ALA CA  C    sing N N 4   
ALA CA  CB   sing N N 5   
ALA CA  HA   sing N N 6   
ALA C   O    doub N N 7   
ALA C   OXT  sing N N 8   
ALA CB  HB1  sing N N 9   
ALA CB  HB2  sing N N 10  
ALA CB  HB3  sing N N 11  
ALA OXT HXT  sing N N 12  
ARG N   CA   sing N N 13  
ARG N   H    sing N N 14  
ARG N   H2   sing N N 15  
ARG CA  C    sing N N 16  
ARG CA  CB   sing N N 17  
ARG CA  HA   sing N N 18  
ARG C   O    doub N N 19  
ARG C   OXT  sing N N 20  
ARG CB  CG   sing N N 21  
ARG CB  HB2  sing N N 22  
ARG CB  HB3  sing N N 23  
ARG CG  CD   sing N N 24  
ARG CG  HG2  sing N N 25  
ARG CG  HG3  sing N N 26  
ARG CD  NE   sing N N 27  
ARG CD  HD2  sing N N 28  
ARG CD  HD3  sing N N 29  
ARG NE  CZ   sing N N 30  
ARG NE  HE   sing N N 31  
ARG CZ  NH1  sing N N 32  
ARG CZ  NH2  doub N N 33  
ARG NH1 HH11 sing N N 34  
ARG NH1 HH12 sing N N 35  
ARG NH2 HH21 sing N N 36  
ARG NH2 HH22 sing N N 37  
ARG OXT HXT  sing N N 38  
ASN N   CA   sing N N 39  
ASN N   H    sing N N 40  
ASN N   H2   sing N N 41  
ASN CA  C    sing N N 42  
ASN CA  CB   sing N N 43  
ASN CA  HA   sing N N 44  
ASN C   O    doub N N 45  
ASN C   OXT  sing N N 46  
ASN CB  CG   sing N N 47  
ASN CB  HB2  sing N N 48  
ASN CB  HB3  sing N N 49  
ASN CG  OD1  doub N N 50  
ASN CG  ND2  sing N N 51  
ASN ND2 HD21 sing N N 52  
ASN ND2 HD22 sing N N 53  
ASN OXT HXT  sing N N 54  
ASP N   CA   sing N N 55  
ASP N   H    sing N N 56  
ASP N   H2   sing N N 57  
ASP CA  C    sing N N 58  
ASP CA  CB   sing N N 59  
ASP CA  HA   sing N N 60  
ASP C   O    doub N N 61  
ASP C   OXT  sing N N 62  
ASP CB  CG   sing N N 63  
ASP CB  HB2  sing N N 64  
ASP CB  HB3  sing N N 65  
ASP CG  OD1  doub N N 66  
ASP CG  OD2  sing N N 67  
ASP OD2 HD2  sing N N 68  
ASP OXT HXT  sing N N 69  
GLN N   CA   sing N N 70  
GLN N   H    sing N N 71  
GLN N   H2   sing N N 72  
GLN CA  C    sing N N 73  
GLN CA  CB   sing N N 74  
GLN CA  HA   sing N N 75  
GLN C   O    doub N N 76  
GLN C   OXT  sing N N 77  
GLN CB  CG   sing N N 78  
GLN CB  HB2  sing N N 79  
GLN CB  HB3  sing N N 80  
GLN CG  CD   sing N N 81  
GLN CG  HG2  sing N N 82  
GLN CG  HG3  sing N N 83  
GLN CD  OE1  doub N N 84  
GLN CD  NE2  sing N N 85  
GLN NE2 HE21 sing N N 86  
GLN NE2 HE22 sing N N 87  
GLN OXT HXT  sing N N 88  
GLU N   CA   sing N N 89  
GLU N   H    sing N N 90  
GLU N   H2   sing N N 91  
GLU CA  C    sing N N 92  
GLU CA  CB   sing N N 93  
GLU CA  HA   sing N N 94  
GLU C   O    doub N N 95  
GLU C   OXT  sing N N 96  
GLU CB  CG   sing N N 97  
GLU CB  HB2  sing N N 98  
GLU CB  HB3  sing N N 99  
GLU CG  CD   sing N N 100 
GLU CG  HG2  sing N N 101 
GLU CG  HG3  sing N N 102 
GLU CD  OE1  doub N N 103 
GLU CD  OE2  sing N N 104 
GLU OE2 HE2  sing N N 105 
GLU OXT HXT  sing N N 106 
GLY N   CA   sing N N 107 
GLY N   H    sing N N 108 
GLY N   H2   sing N N 109 
GLY CA  C    sing N N 110 
GLY CA  HA2  sing N N 111 
GLY CA  HA3  sing N N 112 
GLY C   O    doub N N 113 
GLY C   OXT  sing N N 114 
GLY OXT HXT  sing N N 115 
HIS N   CA   sing N N 116 
HIS N   H    sing N N 117 
HIS N   H2   sing N N 118 
HIS CA  C    sing N N 119 
HIS CA  CB   sing N N 120 
HIS CA  HA   sing N N 121 
HIS C   O    doub N N 122 
HIS C   OXT  sing N N 123 
HIS CB  CG   sing N N 124 
HIS CB  HB2  sing N N 125 
HIS CB  HB3  sing N N 126 
HIS CG  ND1  sing Y N 127 
HIS CG  CD2  doub Y N 128 
HIS ND1 CE1  doub Y N 129 
HIS ND1 HD1  sing N N 130 
HIS CD2 NE2  sing Y N 131 
HIS CD2 HD2  sing N N 132 
HIS CE1 NE2  sing Y N 133 
HIS CE1 HE1  sing N N 134 
HIS NE2 HE2  sing N N 135 
HIS OXT HXT  sing N N 136 
HOH O   H1   sing N N 137 
HOH O   H2   sing N N 138 
ILE N   CA   sing N N 139 
ILE N   H    sing N N 140 
ILE N   H2   sing N N 141 
ILE CA  C    sing N N 142 
ILE CA  CB   sing N N 143 
ILE CA  HA   sing N N 144 
ILE C   O    doub N N 145 
ILE C   OXT  sing N N 146 
ILE CB  CG1  sing N N 147 
ILE CB  CG2  sing N N 148 
ILE CB  HB   sing N N 149 
ILE CG1 CD1  sing N N 150 
ILE CG1 HG12 sing N N 151 
ILE CG1 HG13 sing N N 152 
ILE CG2 HG21 sing N N 153 
ILE CG2 HG22 sing N N 154 
ILE CG2 HG23 sing N N 155 
ILE CD1 HD11 sing N N 156 
ILE CD1 HD12 sing N N 157 
ILE CD1 HD13 sing N N 158 
ILE OXT HXT  sing N N 159 
LEU N   CA   sing N N 160 
LEU N   H    sing N N 161 
LEU N   H2   sing N N 162 
LEU CA  C    sing N N 163 
LEU CA  CB   sing N N 164 
LEU CA  HA   sing N N 165 
LEU C   O    doub N N 166 
LEU C   OXT  sing N N 167 
LEU CB  CG   sing N N 168 
LEU CB  HB2  sing N N 169 
LEU CB  HB3  sing N N 170 
LEU CG  CD1  sing N N 171 
LEU CG  CD2  sing N N 172 
LEU CG  HG   sing N N 173 
LEU CD1 HD11 sing N N 174 
LEU CD1 HD12 sing N N 175 
LEU CD1 HD13 sing N N 176 
LEU CD2 HD21 sing N N 177 
LEU CD2 HD22 sing N N 178 
LEU CD2 HD23 sing N N 179 
LEU OXT HXT  sing N N 180 
LYS N   CA   sing N N 181 
LYS N   H    sing N N 182 
LYS N   H2   sing N N 183 
LYS CA  C    sing N N 184 
LYS CA  CB   sing N N 185 
LYS CA  HA   sing N N 186 
LYS C   O    doub N N 187 
LYS C   OXT  sing N N 188 
LYS CB  CG   sing N N 189 
LYS CB  HB2  sing N N 190 
LYS CB  HB3  sing N N 191 
LYS CG  CD   sing N N 192 
LYS CG  HG2  sing N N 193 
LYS CG  HG3  sing N N 194 
LYS CD  CE   sing N N 195 
LYS CD  HD2  sing N N 196 
LYS CD  HD3  sing N N 197 
LYS CE  NZ   sing N N 198 
LYS CE  HE2  sing N N 199 
LYS CE  HE3  sing N N 200 
LYS NZ  HZ1  sing N N 201 
LYS NZ  HZ2  sing N N 202 
LYS NZ  HZ3  sing N N 203 
LYS OXT HXT  sing N N 204 
MET N   CA   sing N N 205 
MET N   H    sing N N 206 
MET N   H2   sing N N 207 
MET CA  C    sing N N 208 
MET CA  CB   sing N N 209 
MET CA  HA   sing N N 210 
MET C   O    doub N N 211 
MET C   OXT  sing N N 212 
MET CB  CG   sing N N 213 
MET CB  HB2  sing N N 214 
MET CB  HB3  sing N N 215 
MET CG  SD   sing N N 216 
MET CG  HG2  sing N N 217 
MET CG  HG3  sing N N 218 
MET SD  CE   sing N N 219 
MET CE  HE1  sing N N 220 
MET CE  HE2  sing N N 221 
MET CE  HE3  sing N N 222 
MET OXT HXT  sing N N 223 
MSE N   CA   sing N N 224 
MSE N   H    sing N N 225 
MSE N   H2   sing N N 226 
MSE CA  C    sing N N 227 
MSE CA  CB   sing N N 228 
MSE CA  HA   sing N N 229 
MSE C   O    doub N N 230 
MSE C   OXT  sing N N 231 
MSE OXT HXT  sing N N 232 
MSE CB  CG   sing N N 233 
MSE CB  HB2  sing N N 234 
MSE CB  HB3  sing N N 235 
MSE CG  SE   sing N N 236 
MSE CG  HG2  sing N N 237 
MSE CG  HG3  sing N N 238 
MSE SE  CE   sing N N 239 
MSE CE  HE1  sing N N 240 
MSE CE  HE2  sing N N 241 
MSE CE  HE3  sing N N 242 
PHE N   CA   sing N N 243 
PHE N   H    sing N N 244 
PHE N   H2   sing N N 245 
PHE CA  C    sing N N 246 
PHE CA  CB   sing N N 247 
PHE CA  HA   sing N N 248 
PHE C   O    doub N N 249 
PHE C   OXT  sing N N 250 
PHE CB  CG   sing N N 251 
PHE CB  HB2  sing N N 252 
PHE CB  HB3  sing N N 253 
PHE CG  CD1  doub Y N 254 
PHE CG  CD2  sing Y N 255 
PHE CD1 CE1  sing Y N 256 
PHE CD1 HD1  sing N N 257 
PHE CD2 CE2  doub Y N 258 
PHE CD2 HD2  sing N N 259 
PHE CE1 CZ   doub Y N 260 
PHE CE1 HE1  sing N N 261 
PHE CE2 CZ   sing Y N 262 
PHE CE2 HE2  sing N N 263 
PHE CZ  HZ   sing N N 264 
PHE OXT HXT  sing N N 265 
PRO N   CA   sing N N 266 
PRO N   CD   sing N N 267 
PRO N   H    sing N N 268 
PRO CA  C    sing N N 269 
PRO CA  CB   sing N N 270 
PRO CA  HA   sing N N 271 
PRO C   O    doub N N 272 
PRO C   OXT  sing N N 273 
PRO CB  CG   sing N N 274 
PRO CB  HB2  sing N N 275 
PRO CB  HB3  sing N N 276 
PRO CG  CD   sing N N 277 
PRO CG  HG2  sing N N 278 
PRO CG  HG3  sing N N 279 
PRO CD  HD2  sing N N 280 
PRO CD  HD3  sing N N 281 
PRO OXT HXT  sing N N 282 
SER N   CA   sing N N 283 
SER N   H    sing N N 284 
SER N   H2   sing N N 285 
SER CA  C    sing N N 286 
SER CA  CB   sing N N 287 
SER CA  HA   sing N N 288 
SER C   O    doub N N 289 
SER C   OXT  sing N N 290 
SER CB  OG   sing N N 291 
SER CB  HB2  sing N N 292 
SER CB  HB3  sing N N 293 
SER OG  HG   sing N N 294 
SER OXT HXT  sing N N 295 
THR N   CA   sing N N 296 
THR N   H    sing N N 297 
THR N   H2   sing N N 298 
THR CA  C    sing N N 299 
THR CA  CB   sing N N 300 
THR CA  HA   sing N N 301 
THR C   O    doub N N 302 
THR C   OXT  sing N N 303 
THR CB  OG1  sing N N 304 
THR CB  CG2  sing N N 305 
THR CB  HB   sing N N 306 
THR OG1 HG1  sing N N 307 
THR CG2 HG21 sing N N 308 
THR CG2 HG22 sing N N 309 
THR CG2 HG23 sing N N 310 
THR OXT HXT  sing N N 311 
TYR N   CA   sing N N 312 
TYR N   H    sing N N 313 
TYR N   H2   sing N N 314 
TYR CA  C    sing N N 315 
TYR CA  CB   sing N N 316 
TYR CA  HA   sing N N 317 
TYR C   O    doub N N 318 
TYR C   OXT  sing N N 319 
TYR CB  CG   sing N N 320 
TYR CB  HB2  sing N N 321 
TYR CB  HB3  sing N N 322 
TYR CG  CD1  doub Y N 323 
TYR CG  CD2  sing Y N 324 
TYR CD1 CE1  sing Y N 325 
TYR CD1 HD1  sing N N 326 
TYR CD2 CE2  doub Y N 327 
TYR CD2 HD2  sing N N 328 
TYR CE1 CZ   doub Y N 329 
TYR CE1 HE1  sing N N 330 
TYR CE2 CZ   sing Y N 331 
TYR CE2 HE2  sing N N 332 
TYR CZ  OH   sing N N 333 
TYR OH  HH   sing N N 334 
TYR OXT HXT  sing N N 335 
VAL N   CA   sing N N 336 
VAL N   H    sing N N 337 
VAL N   H2   sing N N 338 
VAL CA  C    sing N N 339 
VAL CA  CB   sing N N 340 
VAL CA  HA   sing N N 341 
VAL C   O    doub N N 342 
VAL C   OXT  sing N N 343 
VAL CB  CG1  sing N N 344 
VAL CB  CG2  sing N N 345 
VAL CB  HB   sing N N 346 
VAL CG1 HG11 sing N N 347 
VAL CG1 HG12 sing N N 348 
VAL CG1 HG13 sing N N 349 
VAL CG2 HG21 sing N N 350 
VAL CG2 HG22 sing N N 351 
VAL CG2 HG23 sing N N 352 
VAL OXT HXT  sing N N 353 
# 
_atom_sites.entry_id                    1YBX 
_atom_sites.fract_transf_matrix[1][1]   -0.01986627 
_atom_sites.fract_transf_matrix[1][2]   0.00401660 
_atom_sites.fract_transf_matrix[1][3]   0.00740326 
_atom_sites.fract_transf_matrix[2][1]   0.00786121 
_atom_sites.fract_transf_matrix[2][2]   0.02491172 
_atom_sites.fract_transf_matrix[2][3]   0.00757943 
_atom_sites.fract_transf_matrix[3][1]   -0.01024473 
_atom_sites.fract_transf_matrix[3][2]   0.00695254 
_atom_sites.fract_transf_matrix[3][3]   -0.01222570 
_atom_sites.fract_transf_vector[1]      0.241455 
_atom_sites.fract_transf_vector[2]      0.144442 
_atom_sites.fract_transf_vector[3]      0.967604 
# 
loop_
_atom_type.symbol 
C  
N  
O  
SE 
X  
# 
loop_
_atom_site.group_PDB 
_atom_site.id 
_atom_site.type_symbol 
_atom_site.label_atom_id 
_atom_site.label_alt_id 
_atom_site.label_comp_id 
_atom_site.label_asym_id 
_atom_site.label_entity_id 
_atom_site.label_seq_id 
_atom_site.pdbx_PDB_ins_code 
_atom_site.Cartn_x 
_atom_site.Cartn_y 
_atom_site.Cartn_z 
_atom_site.occupancy 
_atom_site.B_iso_or_equiv 
_atom_site.pdbx_formal_charge 
_atom_site.auth_seq_id 
_atom_site.auth_comp_id 
_atom_site.auth_asym_id 
_atom_site.auth_atom_id 
_atom_site.pdbx_PDB_model_num 
ATOM   1    N  N   . ILE A 1 43  ? -13.595 29.032  -24.637 1.00 31.41 ? 13  ILE A N   1 
ATOM   2    C  CA  . ILE A 1 43  ? -13.238 27.598  -24.902 1.00 30.96 ? 13  ILE A CA  1 
ATOM   3    C  C   . ILE A 1 43  ? -11.736 27.407  -25.094 1.00 30.48 ? 13  ILE A C   1 
ATOM   4    O  O   . ILE A 1 43  ? -11.187 26.384  -24.654 1.00 29.45 ? 13  ILE A O   1 
ATOM   5    C  CB  . ILE A 1 43  ? -13.982 27.022  -26.152 1.00 31.28 ? 13  ILE A CB  1 
ATOM   6    C  CG2 . ILE A 1 43  ? -14.088 25.493  -26.018 1.00 31.06 ? 13  ILE A CG2 1 
ATOM   7    N  N   . ASN A 1 44  ? -11.085 28.375  -25.746 1.00 30.02 ? 14  ASN A N   1 
ATOM   8    C  CA  . ASN A 1 44  ? -9.631  28.341  -25.969 1.00 30.76 ? 14  ASN A CA  1 
ATOM   9    C  C   . ASN A 1 44  ? -8.857  28.161  -24.647 1.00 30.93 ? 14  ASN A C   1 
ATOM   10   O  O   . ASN A 1 44  ? -8.050  27.243  -24.496 1.00 31.26 ? 14  ASN A O   1 
ATOM   11   C  CB  . ASN A 1 44  ? -9.160  29.608  -26.703 1.00 30.79 ? 14  ASN A CB  1 
ATOM   12   N  N   . ASN A 1 45  ? -9.136  29.021  -23.679 1.00 30.96 ? 15  ASN A N   1 
ATOM   13   C  CA  . ASN A 1 45  ? -8.442  28.958  -22.386 1.00 31.15 ? 15  ASN A CA  1 
ATOM   14   C  C   . ASN A 1 45  ? -8.762  27.687  -21.592 1.00 29.78 ? 15  ASN A C   1 
ATOM   15   O  O   . ASN A 1 45  ? -7.910  27.195  -20.813 1.00 30.22 ? 15  ASN A O   1 
ATOM   16   C  CB  . ASN A 1 45  ? -8.769  30.222  -21.566 1.00 32.14 ? 15  ASN A CB  1 
ATOM   17   C  CG  . ASN A 1 45  ? -8.290  31.503  -22.248 1.00 34.32 ? 15  ASN A CG  1 
ATOM   18   O  OD1 . ASN A 1 45  ? -7.329  31.489  -23.031 1.00 40.34 ? 15  ASN A OD1 1 
ATOM   19   N  ND2 . ASN A 1 45  ? -8.963  32.615  -21.969 1.00 39.30 ? 15  ASN A ND2 1 
ATOM   20   N  N   . LEU A 1 46  ? -9.974  27.144  -21.752 1.00 27.96 ? 16  LEU A N   1 
ATOM   21   C  CA  . LEU A 1 46  ? -10.278 25.836  -21.150 1.00 27.50 ? 16  LEU A CA  1 
ATOM   22   C  C   . LEU A 1 46  ? -9.381  24.724  -21.709 1.00 25.87 ? 16  LEU A C   1 
ATOM   23   O  O   . LEU A 1 46  ? -8.864  23.884  -20.963 1.00 26.05 ? 16  LEU A O   1 
ATOM   24   C  CB  . LEU A 1 46  ? -11.743 25.438  -21.363 1.00 27.05 ? 16  LEU A CB  1 
ATOM   25   C  CG  . LEU A 1 46  ? -12.069 24.011  -20.864 1.00 27.63 ? 16  LEU A CG  1 
ATOM   26   C  CD1 . LEU A 1 46  ? -11.819 23.847  -19.377 1.00 29.34 ? 16  LEU A CD1 1 
ATOM   27   C  CD2 . LEU A 1 46  ? -13.484 23.626  -21.186 1.00 28.99 ? 16  LEU A CD2 1 
ATOM   28   N  N   . VAL A 1 47  ? -9.250  24.706  -23.036 1.00 25.18 ? 17  VAL A N   1 
ATOM   29   C  CA  . VAL A 1 47  ? -8.400  23.728  -23.699 1.00 24.88 ? 17  VAL A CA  1 
ATOM   30   C  C   . VAL A 1 47  ? -6.977  23.797  -23.126 1.00 24.68 ? 17  VAL A C   1 
ATOM   31   O  O   . VAL A 1 47  ? -6.421  22.787  -22.704 1.00 23.10 ? 17  VAL A O   1 
ATOM   32   C  CB  . VAL A 1 47  ? -8.387  23.926  -25.223 1.00 23.99 ? 17  VAL A CB  1 
ATOM   33   C  CG1 . VAL A 1 47  ? -7.284  23.107  -25.868 1.00 23.47 ? 17  VAL A CG1 1 
ATOM   34   C  CG2 . VAL A 1 47  ? -9.732  23.529  -25.803 1.00 24.15 ? 17  VAL A CG2 1 
ATOM   35   N  N   . LYS A 1 48  ? -6.397  24.992  -23.132 1.00 25.11 ? 18  LYS A N   1 
ATOM   36   C  CA  . LYS A 1 48  ? -5.048  25.199  -22.559 1.00 25.67 ? 18  LYS A CA  1 
ATOM   37   C  C   . LYS A 1 48  ? -4.905  24.781  -21.093 1.00 25.58 ? 18  LYS A C   1 
ATOM   38   O  O   . LYS A 1 48  ? -3.863  24.242  -20.709 1.00 24.25 ? 18  LYS A O   1 
ATOM   39   C  CB  . LYS A 1 48  ? -4.617  26.662  -22.783 1.00 26.08 ? 18  LYS A CB  1 
ATOM   40   C  CG  . LYS A 1 48  ? -4.240  26.945  -24.211 1.00 26.31 ? 18  LYS A CG  1 
ATOM   41   C  CD  . LYS A 1 48  ? -3.457  28.232  -24.353 1.00 29.65 ? 18  LYS A CD  1 
ATOM   42   N  N   . GLN A 1 49  ? -5.951  25.010  -20.299 1.00 25.53 ? 19  GLN A N   1 
ATOM   43   C  CA  . GLN A 1 49  ? -6.021  24.658  -18.889 1.00 26.14 ? 19  GLN A CA  1 
ATOM   44   C  C   . GLN A 1 49  ? -6.038  23.129  -18.692 1.00 24.76 ? 19  GLN A C   1 
ATOM   45   O  O   . GLN A 1 49  ? -5.332  22.595  -17.829 1.00 24.35 ? 19  GLN A O   1 
ATOM   46   C  CB  . GLN A 1 49  ? -7.281  25.288  -18.223 1.00 26.68 ? 19  GLN A CB  1 
ATOM   47   C  CG  . GLN A 1 49  ? -7.111  26.742  -17.729 1.00 27.64 ? 19  GLN A CG  1 
ATOM   48   C  CD  . GLN A 1 49  ? -8.436  27.477  -17.489 1.00 28.96 ? 19  GLN A CD  1 
ATOM   49   O  OE1 . GLN A 1 49  ? -9.238  27.073  -16.649 1.00 34.33 ? 19  GLN A OE1 1 
ATOM   50   N  NE2 . GLN A 1 49  ? -8.668  28.564  -18.246 1.00 31.88 ? 19  GLN A NE2 1 
ATOM   51   N  N   . ALA A 1 50  ? -6.842  22.445  -19.503 1.00 23.21 ? 20  ALA A N   1 
ATOM   52   C  CA  . ALA A 1 50  ? -6.954  20.990  -19.456 1.00 22.07 ? 20  ALA A CA  1 
ATOM   53   C  C   . ALA A 1 50  ? -5.636  20.367  -19.909 1.00 20.98 ? 20  ALA A C   1 
ATOM   54   O  O   . ALA A 1 50  ? -5.170  19.421  -19.309 1.00 20.52 ? 20  ALA A O   1 
ATOM   55   C  CB  . ALA A 1 50  ? -8.106  20.510  -20.344 1.00 21.95 ? 20  ALA A CB  1 
ATOM   56   N  N   . GLN A 1 51  ? -5.056  20.934  -20.968 1.00 21.82 ? 21  GLN A N   1 
ATOM   57   C  CA  . GLN A 1 51  ? -3.740  20.495  -21.506 1.00 22.08 ? 21  GLN A CA  1 
ATOM   58   C  C   . GLN A 1 51  ? -2.624  20.643  -20.463 1.00 22.40 ? 21  GLN A C   1 
ATOM   59   O  O   . GLN A 1 51  ? -1.799  19.727  -20.282 1.00 22.00 ? 21  GLN A O   1 
ATOM   60   C  CB  . GLN A 1 51  ? -3.373  21.291  -22.764 1.00 20.81 ? 21  GLN A CB  1 
ATOM   61   C  CG  . GLN A 1 51  ? -4.168  20.949  -24.065 1.00 21.61 ? 21  GLN A CG  1 
ATOM   62   C  CD  . GLN A 1 51  ? -3.764  21.795  -25.296 1.00 23.19 ? 21  GLN A CD  1 
ATOM   63   O  OE1 . GLN A 1 51  ? -3.464  22.991  -25.216 1.00 22.72 ? 21  GLN A OE1 1 
ATOM   64   N  NE2 . GLN A 1 51  ? -3.854  21.178  -26.460 1.00 27.88 ? 21  GLN A NE2 1 
ATOM   65   N  N   . LYS A 1 52  ? -2.610  21.789  -19.778 1.00 23.58 ? 22  LYS A N   1 
ATOM   66   C  CA  . LYS A 1 52  ? -1.669  22.058  -18.673 1.00 24.22 ? 22  LYS A CA  1 
ATOM   67   C  C   . LYS A 1 52  ? -1.860  21.056  -17.540 1.00 25.57 ? 22  LYS A C   1 
ATOM   68   O  O   . LYS A 1 52  ? -0.880  20.542  -16.980 1.00 23.21 ? 22  LYS A O   1 
ATOM   69   C  CB  . LYS A 1 52  ? -1.828  23.523  -18.175 1.00 25.02 ? 22  LYS A CB  1 
ATOM   70   C  CG  . LYS A 1 52  ? -1.181  23.863  -16.776 1.00 26.18 ? 22  LYS A CG  1 
ATOM   71   C  CD  . LYS A 1 52  ? 0.317   24.097  -16.915 1.00 28.83 ? 22  LYS A CD  1 
ATOM   72   C  CE  . LYS A 1 52  ? 1.020   24.440  -15.593 1.00 29.16 ? 22  LYS A CE  1 
ATOM   73   N  NZ  . LYS A 1 52  ? 2.435   23.970  -15.703 1.00 31.64 ? 22  LYS A NZ  1 
HETATM 74   N  N   . MSE A 1 53  ? -3.118  20.793  -17.185 1.00 26.06 ? 23  MSE A N   1 
HETATM 75   C  CA  . MSE A 1 53  ? -3.433  19.817  -16.164 1.00 29.89 ? 23  MSE A CA  1 
HETATM 76   C  C   . MSE A 1 53  ? -2.918  18.426  -16.555 1.00 26.92 ? 23  MSE A C   1 
HETATM 77   O  O   . MSE A 1 53  ? -2.378  17.721  -15.738 1.00 25.79 ? 23  MSE A O   1 
HETATM 78   C  CB  . MSE A 1 53  ? -4.928  19.778  -15.870 1.00 28.54 ? 23  MSE A CB  1 
HETATM 79   C  CG  . MSE A 1 53  ? -5.247  19.350  -14.466 1.00 34.42 ? 23  MSE A CG  1 
HETATM 80   SE SE  . MSE A 1 53  ? -7.065  19.936  -13.909 1.00 45.20 ? 23  MSE A SE  1 
HETATM 81   C  CE  . MSE A 1 53  ? -7.096  21.722  -14.636 1.00 40.43 ? 23  MSE A CE  1 
ATOM   82   N  N   . GLN A 1 54  ? -3.049  18.072  -17.818 1.00 25.01 ? 24  GLN A N   1 
ATOM   83   C  CA  . GLN A 1 54  ? -2.560  16.796  -18.312 1.00 24.86 ? 24  GLN A CA  1 
ATOM   84   C  C   . GLN A 1 54  ? -1.021  16.687  -18.258 1.00 22.86 ? 24  GLN A C   1 
ATOM   85   O  O   . GLN A 1 54  ? -0.491  15.679  -17.835 1.00 22.66 ? 24  GLN A O   1 
ATOM   86   C  CB  . GLN A 1 54  ? -3.065  16.603  -19.738 1.00 24.88 ? 24  GLN A CB  1 
ATOM   87   C  CG  . GLN A 1 54  ? -2.608  15.303  -20.408 1.00 29.24 ? 24  GLN A CG  1 
ATOM   88   C  CD  . GLN A 1 54  ? -3.447  14.976  -21.606 1.00 32.62 ? 24  GLN A CD  1 
ATOM   89   O  OE1 . GLN A 1 54  ? -3.508  15.741  -22.569 1.00 34.35 ? 24  GLN A OE1 1 
ATOM   90   N  NE2 . GLN A 1 54  ? -4.107  13.834  -21.563 1.00 37.15 ? 24  GLN A NE2 1 
ATOM   91   N  N   . ARG A 1 55  ? -0.326  17.732  -18.701 1.00 22.39 ? 25  ARG A N   1 
ATOM   92   C  CA  . ARG A 1 55  ? 1.154   17.806  -18.593 1.00 22.66 ? 25  ARG A CA  1 
ATOM   93   C  C   . ARG A 1 55  ? 1.572   17.681  -17.123 1.00 22.68 ? 25  ARG A C   1 
ATOM   94   O  O   . ARG A 1 55  ? 2.455   16.890  -16.782 1.00 21.35 ? 25  ARG A O   1 
ATOM   95   C  CB  . ARG A 1 55  ? 1.686   19.152  -19.147 1.00 21.89 ? 25  ARG A CB  1 
ATOM   96   C  CG  . ARG A 1 55  ? 1.641   19.333  -20.603 1.00 23.27 ? 25  ARG A CG  1 
ATOM   97   C  CD  . ARG A 1 55  ? 2.475   20.537  -21.112 1.00 21.25 ? 25  ARG A CD  1 
ATOM   98   N  NE  . ARG A 1 55  ? 2.014   21.857  -20.634 1.00 23.38 ? 25  ARG A NE  1 
ATOM   99   C  CZ  . ARG A 1 55  ? 1.030   22.571  -21.177 1.00 20.86 ? 25  ARG A CZ  1 
ATOM   100  N  NH1 . ARG A 1 55  ? 0.362   22.142  -22.240 1.00 22.87 ? 25  ARG A NH1 1 
ATOM   101  N  NH2 . ARG A 1 55  ? 0.743   23.767  -20.710 1.00 20.26 ? 25  ARG A NH2 1 
ATOM   102  N  N   . ASP A 1 56  ? 0.948   18.498  -16.264 1.00 23.03 ? 26  ASP A N   1 
ATOM   103  C  CA  . ASP A 1 56  ? 1.278   18.492  -14.826 1.00 24.81 ? 26  ASP A CA  1 
ATOM   104  C  C   . ASP A 1 56  ? 1.070   17.137  -14.197 1.00 25.64 ? 26  ASP A C   1 
ATOM   105  O  O   . ASP A 1 56  ? 1.897   16.668  -13.384 1.00 25.33 ? 26  ASP A O   1 
ATOM   106  C  CB  . ASP A 1 56  ? 0.439   19.511  -14.070 1.00 24.88 ? 26  ASP A CB  1 
ATOM   107  C  CG  . ASP A 1 56  ? 0.905   20.938  -14.280 1.00 26.88 ? 26  ASP A CG  1 
ATOM   108  O  OD1 . ASP A 1 56  ? 2.021   21.159  -14.816 1.00 31.05 ? 26  ASP A OD1 1 
ATOM   109  O  OD2 . ASP A 1 56  ? 0.141   21.843  -13.885 1.00 29.13 ? 26  ASP A OD2 1 
HETATM 110  N  N   . MSE A 1 57  ? -0.045  16.509  -14.534 1.00 27.11 ? 27  MSE A N   1 
HETATM 111  C  CA  . MSE A 1 57  ? -0.356  15.177  -13.992 1.00 28.57 ? 27  MSE A CA  1 
HETATM 112  C  C   . MSE A 1 57  ? 0.693   14.145  -14.400 1.00 27.83 ? 27  MSE A C   1 
HETATM 113  O  O   . MSE A 1 57  ? 1.106   13.376  -13.556 1.00 27.07 ? 27  MSE A O   1 
HETATM 114  C  CB  . MSE A 1 57  ? -1.749  14.737  -14.476 1.00 30.42 ? 27  MSE A CB  1 
HETATM 115  C  CG  . MSE A 1 57  ? -2.292  13.469  -13.888 1.00 35.82 ? 27  MSE A CG  1 
HETATM 116  SE SE  . MSE A 1 57  ? -2.526  13.510  -11.877 1.00 58.17 ? 27  MSE A SE  1 
HETATM 117  C  CE  . MSE A 1 57  ? -3.893  14.972  -11.769 1.00 51.07 ? 27  MSE A CE  1 
ATOM   118  N  N   . GLU A 1 58  ? 1.102   14.117  -15.678 1.00 27.35 ? 28  GLU A N   1 
ATOM   119  C  CA  . GLU A 1 58  ? 2.137   13.169  -16.115 1.00 28.32 ? 28  GLU A CA  1 
ATOM   120  C  C   . GLU A 1 58  ? 3.480   13.436  -15.412 1.00 26.14 ? 28  GLU A C   1 
ATOM   121  O  O   . GLU A 1 58  ? 4.170   12.496  -15.012 1.00 27.38 ? 28  GLU A O   1 
ATOM   122  C  CB  . GLU A 1 58  ? 2.283   13.141  -17.634 1.00 27.96 ? 28  GLU A CB  1 
ATOM   123  C  CG  . GLU A 1 58  ? 0.991   12.637  -18.314 1.00 31.94 ? 28  GLU A CG  1 
ATOM   124  C  CD  . GLU A 1 58  ? 1.015   12.693  -19.826 1.00 32.80 ? 28  GLU A CD  1 
ATOM   125  O  OE1 . GLU A 1 58  ? 2.097   12.466  -20.429 1.00 41.94 ? 28  GLU A OE1 1 
ATOM   126  O  OE2 . GLU A 1 58  ? -0.056  12.950  -20.433 1.00 39.09 ? 28  GLU A OE2 1 
ATOM   127  N  N   . ARG A 1 59  ? 3.807   14.704  -15.201 1.00 24.72 ? 29  ARG A N   1 
ATOM   128  C  CA  . ARG A 1 59  ? 5.024   15.063  -14.468 1.00 25.22 ? 29  ARG A CA  1 
ATOM   129  C  C   . ARG A 1 59  ? 4.981   14.616  -12.998 1.00 25.12 ? 29  ARG A C   1 
ATOM   130  O  O   . ARG A 1 59  ? 5.958   14.033  -12.485 1.00 24.10 ? 29  ARG A O   1 
ATOM   131  C  CB  . ARG A 1 59  ? 5.311   16.558  -14.547 1.00 24.52 ? 29  ARG A CB  1 
ATOM   132  C  CG  . ARG A 1 59  ? 6.473   16.997  -13.649 1.00 25.26 ? 29  ARG A CG  1 
ATOM   133  C  CD  . ARG A 1 59  ? 6.827   18.445  -13.884 1.00 26.71 ? 29  ARG A CD  1 
ATOM   134  N  NE  . ARG A 1 59  ? 5.641   19.274  -13.709 1.00 26.99 ? 29  ARG A NE  1 
ATOM   135  C  CZ  . ARG A 1 59  ? 5.108   19.578  -12.530 1.00 25.24 ? 29  ARG A CZ  1 
ATOM   136  N  NH1 . ARG A 1 59  ? 5.684   19.187  -11.424 1.00 23.51 ? 29  ARG A NH1 1 
ATOM   137  N  NH2 . ARG A 1 59  ? 4.008   20.315  -12.456 1.00 25.50 ? 29  ARG A NH2 1 
ATOM   138  N  N   . VAL A 1 60  ? 3.864   14.894  -12.324 1.00 25.64 ? 30  VAL A N   1 
ATOM   139  C  CA  . VAL A 1 60  ? 3.721   14.558  -10.905 1.00 28.01 ? 30  VAL A CA  1 
ATOM   140  C  C   . VAL A 1 60  ? 3.707   13.027  -10.701 1.00 28.86 ? 30  VAL A C   1 
ATOM   141  O  O   . VAL A 1 60  ? 4.288   12.521  -9.749  1.00 29.09 ? 30  VAL A O   1 
ATOM   142  C  CB  . VAL A 1 60  ? 2.504   15.288  -10.279 1.00 28.33 ? 30  VAL A CB  1 
ATOM   143  C  CG1 . VAL A 1 60  ? 2.211   14.768  -8.906  1.00 30.06 ? 30  VAL A CG1 1 
ATOM   144  C  CG2 . VAL A 1 60  ? 2.764   16.807  -10.222 1.00 26.14 ? 30  VAL A CG2 1 
ATOM   145  N  N   . GLN A 1 61  ? 3.111   12.296  -11.630 1.00 31.23 ? 31  GLN A N   1 
ATOM   146  C  CA  . GLN A 1 61  ? 3.214   10.831  -11.630 1.00 32.59 ? 31  GLN A CA  1 
ATOM   147  C  C   . GLN A 1 61  ? 4.666   10.388  -11.560 1.00 33.55 ? 31  GLN A C   1 
ATOM   148  O  O   . GLN A 1 61  ? 5.014   9.584   -10.690 1.00 33.49 ? 31  GLN A O   1 
ATOM   149  C  CB  . GLN A 1 61  ? 2.550   10.220  -12.868 1.00 33.49 ? 31  GLN A CB  1 
ATOM   150  C  CG  . GLN A 1 61  ? 1.024   10.229  -12.852 1.00 34.73 ? 31  GLN A CG  1 
ATOM   151  N  N   . GLU A 1 62  ? 5.503   10.946  -12.439 1.00 33.16 ? 32  GLU A N   1 
ATOM   152  C  CA  . GLU A 1 62  ? 6.946   10.639  -12.455 1.00 33.80 ? 32  GLU A CA  1 
ATOM   153  C  C   . GLU A 1 62  ? 7.584   11.039  -11.147 1.00 32.85 ? 32  GLU A C   1 
ATOM   154  O  O   . GLU A 1 62  ? 8.322   10.271  -10.550 1.00 32.18 ? 32  GLU A O   1 
ATOM   155  C  CB  . GLU A 1 62  ? 7.710   11.375  -13.564 1.00 33.20 ? 32  GLU A CB  1 
ATOM   156  C  CG  . GLU A 1 62  ? 7.429   10.952  -14.983 1.00 34.80 ? 32  GLU A CG  1 
ATOM   157  C  CD  . GLU A 1 62  ? 8.179   11.804  -16.056 1.00 36.70 ? 32  GLU A CD  1 
ATOM   158  O  OE1 . GLU A 1 62  ? 8.387   13.052  -15.882 1.00 37.58 ? 32  GLU A OE1 1 
ATOM   159  O  OE2 . GLU A 1 62  ? 8.556   11.211  -17.107 1.00 41.34 ? 32  GLU A OE2 1 
ATOM   160  N  N   . GLU A 1 63  ? 7.307   12.252  -10.699 1.00 32.44 ? 33  GLU A N   1 
ATOM   161  C  CA  . GLU A 1 63  ? 7.939   12.764  -9.487  1.00 32.81 ? 33  GLU A CA  1 
ATOM   162  C  C   . GLU A 1 63  ? 7.632   11.878  -8.281  1.00 33.92 ? 33  GLU A C   1 
ATOM   163  O  O   . GLU A 1 63  ? 8.522   11.629  -7.470  1.00 35.88 ? 33  GLU A O   1 
ATOM   164  C  CB  . GLU A 1 63  ? 7.525   14.221  -9.229  1.00 31.89 ? 33  GLU A CB  1 
ATOM   165  C  CG  . GLU A 1 63  ? 8.033   15.178  -10.301 1.00 30.40 ? 33  GLU A CG  1 
ATOM   166  C  CD  . GLU A 1 63  ? 7.594   16.606  -10.098 1.00 31.57 ? 33  GLU A CD  1 
ATOM   167  O  OE1 . GLU A 1 63  ? 6.832   16.886  -9.154  1.00 34.13 ? 33  GLU A OE1 1 
ATOM   168  O  OE2 . GLU A 1 63  ? 8.013   17.465  -10.903 1.00 29.44 ? 33  GLU A OE2 1 
ATOM   169  N  N   . LEU A 1 64  ? 6.403   11.376  -8.192  1.00 35.35 ? 34  LEU A N   1 
ATOM   170  C  CA  . LEU A 1 64  ? 5.937   10.599  -7.036  1.00 36.55 ? 34  LEU A CA  1 
ATOM   171  C  C   . LEU A 1 64  ? 6.623   9.227   -6.898  1.00 37.93 ? 34  LEU A C   1 
ATOM   172  O  O   . LEU A 1 64  ? 6.696   8.678   -5.789  1.00 37.40 ? 34  LEU A O   1 
ATOM   173  C  CB  . LEU A 1 64  ? 4.423   10.412  -7.080  1.00 36.75 ? 34  LEU A CB  1 
ATOM   174  C  CG  . LEU A 1 64  ? 3.576   11.614  -6.633  1.00 37.03 ? 34  LEU A CG  1 
ATOM   175  C  CD1 . LEU A 1 64  ? 2.136   11.433  -7.051  1.00 36.82 ? 34  LEU A CD1 1 
ATOM   176  C  CD2 . LEU A 1 64  ? 3.667   11.828  -5.147  1.00 38.28 ? 34  LEU A CD2 1 
ATOM   177  N  N   . LYS A 1 65  ? 7.144   8.694   -8.002  1.00 38.49 ? 35  LYS A N   1 
ATOM   178  C  CA  . LYS A 1 65  ? 7.829   7.397   -7.975  1.00 39.43 ? 35  LYS A CA  1 
ATOM   179  C  C   . LYS A 1 65  ? 8.944   7.413   -6.958  1.00 39.03 ? 35  LYS A C   1 
ATOM   180  O  O   . LYS A 1 65  ? 9.044   6.482   -6.161  1.00 41.21 ? 35  LYS A O   1 
ATOM   181  C  CB  . LYS A 1 65  ? 8.357   6.989   -9.357  1.00 39.01 ? 35  LYS A CB  1 
ATOM   182  C  CG  . LYS A 1 65  ? 7.313   6.236   -10.181 1.00 41.11 ? 35  LYS A CG  1 
ATOM   183  C  CD  . LYS A 1 65  ? 7.468   6.457   -11.691 1.00 41.92 ? 35  LYS A CD  1 
ATOM   184  N  N   . GLU A 1 66  ? 9.736   8.486   -6.933  1.00 38.50 ? 36  GLU A N   1 
ATOM   185  C  CA  . GLU A 1 66  ? 10.929  8.564   -6.058  1.00 38.03 ? 36  GLU A CA  1 
ATOM   186  C  C   . GLU A 1 66  ? 10.736  9.350   -4.768  1.00 36.70 ? 36  GLU A C   1 
ATOM   187  O  O   . GLU A 1 66  ? 11.521  9.181   -3.845  1.00 37.52 ? 36  GLU A O   1 
ATOM   188  C  CB  . GLU A 1 66  ? 12.121  9.173   -6.827  1.00 38.39 ? 36  GLU A CB  1 
ATOM   189  N  N   . LYS A 1 67  ? 9.735   10.227  -4.708  1.00 34.79 ? 37  LYS A N   1 
ATOM   190  C  CA  . LYS A 1 67  ? 9.429   10.972  -3.487  1.00 34.04 ? 37  LYS A CA  1 
ATOM   191  C  C   . LYS A 1 67  ? 9.050   9.967   -2.393  1.00 32.97 ? 37  LYS A C   1 
ATOM   192  O  O   . LYS A 1 67  ? 8.432   8.949   -2.675  1.00 32.66 ? 37  LYS A O   1 
ATOM   193  C  CB  . LYS A 1 67  ? 8.262   11.942  -3.694  1.00 33.70 ? 37  LYS A CB  1 
ATOM   194  C  CG  . LYS A 1 67  ? 8.653   13.303  -4.266  1.00 35.71 ? 37  LYS A CG  1 
ATOM   195  C  CD  . LYS A 1 67  ? 7.387   14.162  -4.544  1.00 35.56 ? 37  LYS A CD  1 
ATOM   196  C  CE  . LYS A 1 67  ? 7.597   15.641  -4.234  1.00 39.36 ? 37  LYS A CE  1 
ATOM   197  N  NZ  . LYS A 1 67  ? 8.052   16.475  -5.402  1.00 39.01 ? 37  LYS A NZ  1 
ATOM   198  N  N   . THR A 1 68  ? 9.405   10.272  -1.164  1.00 32.74 ? 38  THR A N   1 
ATOM   199  C  CA  . THR A 1 68  ? 9.146   9.348   -0.060  1.00 32.54 ? 38  THR A CA  1 
ATOM   200  C  C   . THR A 1 68  ? 8.520   10.025  1.146   1.00 31.92 ? 38  THR A C   1 
ATOM   201  O  O   . THR A 1 68  ? 8.577   11.243  1.280   1.00 31.93 ? 38  THR A O   1 
ATOM   202  C  CB  . THR A 1 68  ? 10.435  8.640   0.401   1.00 32.33 ? 38  THR A CB  1 
ATOM   203  O  OG1 . THR A 1 68  ? 11.346  9.610   0.927   1.00 33.20 ? 38  THR A OG1 1 
ATOM   204  C  CG2 . THR A 1 68  ? 11.080  7.883   -0.749  1.00 32.34 ? 38  THR A CG2 1 
ATOM   205  N  N   . VAL A 1 69  ? 7.920   9.204   2.011   1.00 30.43 ? 39  VAL A N   1 
ATOM   206  C  CA  . VAL A 1 69  ? 7.450   9.619   3.332   1.00 29.36 ? 39  VAL A CA  1 
ATOM   207  C  C   . VAL A 1 69  ? 8.026   8.661   4.374   1.00 28.74 ? 39  VAL A C   1 
ATOM   208  O  O   . VAL A 1 69  ? 8.465   7.574   4.018   1.00 28.99 ? 39  VAL A O   1 
ATOM   209  C  CB  . VAL A 1 69  ? 5.915   9.585   3.447   1.00 29.26 ? 39  VAL A CB  1 
ATOM   210  C  CG1 . VAL A 1 69  ? 5.271   10.623  2.515   1.00 28.86 ? 39  VAL A CG1 1 
ATOM   211  C  CG2 . VAL A 1 69  ? 5.362   8.186   3.180   1.00 28.55 ? 39  VAL A CG2 1 
ATOM   212  N  N   . GLU A 1 70  ? 8.004   9.070   5.635   1.00 28.54 ? 40  GLU A N   1 
ATOM   213  C  CA  . GLU A 1 70  ? 8.554   8.259   6.751   1.00 30.38 ? 40  GLU A CA  1 
ATOM   214  C  C   . GLU A 1 70  ? 7.583   8.229   7.943   1.00 29.80 ? 40  GLU A C   1 
ATOM   215  O  O   . GLU A 1 70  ? 6.943   9.237   8.268   1.00 29.91 ? 40  GLU A O   1 
ATOM   216  C  CB  . GLU A 1 70  ? 9.907   8.813   7.173   1.00 29.72 ? 40  GLU A CB  1 
ATOM   217  C  CG  . GLU A 1 70  ? 10.711  7.916   8.087   1.00 33.55 ? 40  GLU A CG  1 
ATOM   218  C  CD  . GLU A 1 70  ? 12.031  8.533   8.493   1.00 33.69 ? 40  GLU A CD  1 
ATOM   219  O  OE1 . GLU A 1 70  ? 13.020  8.377   7.732   1.00 40.69 ? 40  GLU A OE1 1 
ATOM   220  O  OE2 . GLU A 1 70  ? 12.091  9.169   9.580   1.00 35.40 ? 40  GLU A OE2 1 
ATOM   221  N  N   . ALA A 1 71  ? 7.467   7.060   8.569   1.00 29.83 ? 41  ALA A N   1 
ATOM   222  C  CA  . ALA A 1 71  ? 6.659   6.868   9.765   1.00 29.04 ? 41  ALA A CA  1 
ATOM   223  C  C   . ALA A 1 71  ? 7.450   6.024   10.724  1.00 29.05 ? 41  ALA A C   1 
ATOM   224  O  O   . ALA A 1 71  ? 8.278   5.205   10.305  1.00 28.92 ? 41  ALA A O   1 
ATOM   225  C  CB  . ALA A 1 71  ? 5.336   6.167   9.452   1.00 28.72 ? 41  ALA A CB  1 
ATOM   226  N  N   . SER A 1 72  ? 7.183   6.190   12.000  1.00 28.82 ? 42  SER A N   1 
ATOM   227  C  CA  . SER A 1 72  ? 7.784   5.276   12.957  1.00 29.62 ? 42  SER A CA  1 
ATOM   228  C  C   . SER A 1 72  ? 6.811   4.901   14.064  1.00 29.67 ? 42  SER A C   1 
ATOM   229  O  O   . SER A 1 72  ? 5.721   5.505   14.213  1.00 29.51 ? 42  SER A O   1 
ATOM   230  C  CB  . SER A 1 72  ? 9.063   5.878   13.499  1.00 29.59 ? 42  SER A CB  1 
ATOM   231  O  OG  . SER A 1 72  ? 8.783   7.020   14.261  1.00 32.45 ? 42  SER A OG  1 
ATOM   232  N  N   . ALA A 1 73  ? 7.203   3.881   14.819  1.00 29.43 ? 43  ALA A N   1 
ATOM   233  C  CA  . ALA A 1 73  ? 6.436   3.376   15.924  1.00 29.76 ? 43  ALA A CA  1 
ATOM   234  C  C   . ALA A 1 73  ? 7.396   3.012   17.037  1.00 30.28 ? 43  ALA A C   1 
ATOM   235  O  O   . ALA A 1 73  ? 8.596   2.815   16.795  1.00 30.00 ? 43  ALA A O   1 
ATOM   236  C  CB  . ALA A 1 73  ? 5.624   2.166   15.500  1.00 29.61 ? 43  ALA A CB  1 
ATOM   237  N  N   . GLY A 1 74  ? 6.860   2.936   18.252  1.00 30.37 ? 44  GLY A N   1 
ATOM   238  C  CA  . GLY A 1 74  ? 7.613   2.485   19.426  1.00 30.91 ? 44  GLY A CA  1 
ATOM   239  C  C   . GLY A 1 74  ? 8.664   3.488   19.807  1.00 31.30 ? 44  GLY A C   1 
ATOM   240  O  O   . GLY A 1 74  ? 9.766   3.117   20.178  1.00 31.55 ? 44  GLY A O   1 
ATOM   241  N  N   . GLY A 1 75  ? 8.323   4.767   19.684  1.00 32.20 ? 45  GLY A N   1 
ATOM   242  C  CA  . GLY A 1 75  ? 9.250   5.848   19.992  1.00 32.59 ? 45  GLY A CA  1 
ATOM   243  C  C   . GLY A 1 75  ? 10.531  5.724   19.201  1.00 32.58 ? 45  GLY A C   1 
ATOM   244  O  O   . GLY A 1 75  ? 11.634  5.827   19.761  1.00 33.13 ? 45  GLY A O   1 
ATOM   245  N  N   . GLY A 1 76  ? 10.379  5.451   17.910  1.00 32.62 ? 46  GLY A N   1 
ATOM   246  C  CA  . GLY A 1 76  ? 11.500  5.406   16.992  1.00 32.63 ? 46  GLY A CA  1 
ATOM   247  C  C   . GLY A 1 76  ? 12.237  4.083   16.918  1.00 32.19 ? 46  GLY A C   1 
ATOM   248  O  O   . GLY A 1 76  ? 13.234  3.990   16.219  1.00 32.44 ? 46  GLY A O   1 
ATOM   249  N  N   . ALA A 1 77  ? 11.724  3.070   17.607  1.00 31.39 ? 47  ALA A N   1 
ATOM   250  C  CA  . ALA A 1 77  ? 12.232  1.691   17.518  1.00 31.26 ? 47  ALA A CA  1 
ATOM   251  C  C   . ALA A 1 77  ? 12.042  1.089   16.117  1.00 30.18 ? 47  ALA A C   1 
ATOM   252  O  O   . ALA A 1 77  ? 12.868  0.279   15.686  1.00 28.83 ? 47  ALA A O   1 
ATOM   253  C  CB  . ALA A 1 77  ? 11.527  0.824   18.515  1.00 31.15 ? 47  ALA A CB  1 
ATOM   254  N  N   . VAL A 1 78  ? 10.943  1.450   15.426  1.00 29.13 ? 48  VAL A N   1 
ATOM   255  C  CA  . VAL A 1 78  ? 10.719  0.969   14.060  1.00 28.19 ? 48  VAL A CA  1 
ATOM   256  C  C   . VAL A 1 78  ? 10.458  2.165   13.128  1.00 28.61 ? 48  VAL A C   1 
ATOM   257  O  O   . VAL A 1 78  ? 9.588   2.999   13.422  1.00 29.32 ? 48  VAL A O   1 
ATOM   258  C  CB  . VAL A 1 78  ? 9.569   -0.087  13.962  1.00 28.08 ? 48  VAL A CB  1 
ATOM   259  C  CG1 . VAL A 1 78  ? 9.249   -0.446  12.516  1.00 27.38 ? 48  VAL A CG1 1 
ATOM   260  C  CG2 . VAL A 1 78  ? 9.912   -1.342  14.737  1.00 28.35 ? 48  VAL A CG2 1 
ATOM   261  N  N   . THR A 1 79  ? 11.174  2.224   12.008  1.00 27.31 ? 49  THR A N   1 
ATOM   262  C  CA  . THR A 1 79  ? 11.009  3.313   11.042  1.00 27.69 ? 49  THR A CA  1 
ATOM   263  C  C   . THR A 1 79  ? 10.783  2.732   9.638   1.00 27.07 ? 49  THR A C   1 
ATOM   264  O  O   . THR A 1 79  ? 11.485  1.830   9.204   1.00 26.88 ? 49  THR A O   1 
ATOM   265  C  CB  . THR A 1 79  ? 12.200  4.317   11.106  1.00 27.54 ? 49  THR A CB  1 
ATOM   266  O  OG1 . THR A 1 79  ? 12.355  4.797   12.442  1.00 30.34 ? 49  THR A OG1 1 
ATOM   267  C  CG2 . THR A 1 79  ? 11.988  5.496   10.232  1.00 28.79 ? 49  THR A CG2 1 
ATOM   268  N  N   . VAL A 1 80  ? 9.766   3.233   8.948   1.00 26.72 ? 50  VAL A N   1 
ATOM   269  C  CA  . VAL A 1 80  ? 9.375   2.747   7.638   1.00 27.33 ? 50  VAL A CA  1 
ATOM   270  C  C   . VAL A 1 80  ? 9.401   3.962   6.657   1.00 27.50 ? 50  VAL A C   1 
ATOM   271  O  O   . VAL A 1 80  ? 8.858   5.021   6.972   1.00 28.33 ? 50  VAL A O   1 
ATOM   272  C  CB  . VAL A 1 80  ? 7.932   2.069   7.640   1.00 27.85 ? 50  VAL A CB  1 
ATOM   273  C  CG1 . VAL A 1 80  ? 7.536   1.615   6.296   1.00 27.82 ? 50  VAL A CG1 1 
ATOM   274  C  CG2 . VAL A 1 80  ? 7.915   0.850   8.578   1.00 30.01 ? 50  VAL A CG2 1 
ATOM   275  N  N   . VAL A 1 81  ? 10.088  3.778   5.534   1.00 28.02 ? 51  VAL A N   1 
ATOM   276  C  CA  . VAL A 1 81  ? 10.114  4.745   4.409   1.00 28.69 ? 51  VAL A CA  1 
ATOM   277  C  C   . VAL A 1 81  ? 9.349   4.135   3.234   1.00 28.73 ? 51  VAL A C   1 
ATOM   278  O  O   . VAL A 1 81  ? 9.702   3.060   2.730   1.00 27.98 ? 51  VAL A O   1 
ATOM   279  C  CB  . VAL A 1 81  ? 11.564  5.083   3.982   1.00 28.92 ? 51  VAL A CB  1 
ATOM   280  C  CG1 . VAL A 1 81  ? 11.607  6.180   2.909   1.00 31.22 ? 51  VAL A CG1 1 
ATOM   281  C  CG2 . VAL A 1 81  ? 12.415  5.476   5.180   1.00 29.60 ? 51  VAL A CG2 1 
ATOM   282  N  N   . ALA A 1 82  ? 8.327   4.867   2.770   1.00 29.49 ? 52  ALA A N   1 
ATOM   283  C  CA  . ALA A 1 82  ? 7.516   4.484   1.621   1.00 29.57 ? 52  ALA A CA  1 
ATOM   284  C  C   . ALA A 1 82  ? 7.599   5.591   0.551   1.00 31.25 ? 52  ALA A C   1 
ATOM   285  O  O   . ALA A 1 82  ? 7.825   6.750   0.883   1.00 31.72 ? 52  ALA A O   1 
ATOM   286  C  CB  . ALA A 1 82  ? 6.053   4.287   2.046   1.00 30.29 ? 52  ALA A CB  1 
ATOM   287  N  N   . THR A 1 83  ? 7.475   5.204   -0.715  1.00 31.49 ? 53  THR A N   1 
ATOM   288  C  CA  . THR A 1 83  ? 7.454   6.154   -1.832  1.00 32.98 ? 53  THR A CA  1 
ATOM   289  C  C   . THR A 1 83  ? 6.037   6.583   -2.126  1.00 32.36 ? 53  THR A C   1 
ATOM   290  O  O   . THR A 1 83  ? 5.084   6.031   -1.587  1.00 30.74 ? 53  THR A O   1 
ATOM   291  C  CB  . THR A 1 83  ? 8.002   5.561   -3.130  1.00 32.18 ? 53  THR A CB  1 
ATOM   292  O  OG1 . THR A 1 83  ? 7.122   4.550   -3.620  1.00 32.23 ? 53  THR A OG1 1 
ATOM   293  C  CG2 . THR A 1 83  ? 9.385   4.988   -2.938  1.00 35.06 ? 53  THR A CG2 1 
ATOM   294  N  N   . GLY A 1 84  ? 5.915   7.575   -3.012  1.00 34.61 ? 54  GLY A N   1 
ATOM   295  C  CA  . GLY A 1 84  ? 4.629   8.010   -3.523  1.00 34.80 ? 54  GLY A CA  1 
ATOM   296  C  C   . GLY A 1 84  ? 3.861   6.971   -4.307  1.00 36.05 ? 54  GLY A C   1 
ATOM   297  O  O   . GLY A 1 84  ? 2.652   7.125   -4.495  1.00 37.24 ? 54  GLY A O   1 
ATOM   298  N  N   . ARG A 1 85  ? 4.519   5.907   -4.762  1.00 35.84 ? 55  ARG A N   1 
ATOM   299  C  CA  . ARG A 1 85  ? 3.775   4.775   -5.345  1.00 36.30 ? 55  ARG A CA  1 
ATOM   300  C  C   . ARG A 1 85  ? 3.479   3.615   -4.364  1.00 35.91 ? 55  ARG A C   1 
ATOM   301  O  O   . ARG A 1 85  ? 3.057   2.532   -4.786  1.00 34.29 ? 55  ARG A O   1 
ATOM   302  C  CB  . ARG A 1 85  ? 4.496   4.263   -6.601  1.00 36.51 ? 55  ARG A CB  1 
ATOM   303  C  CG  . ARG A 1 85  ? 4.790   5.347   -7.621  1.00 37.28 ? 55  ARG A CG  1 
ATOM   304  N  N   . LYS A 1 86  ? 3.670   3.876   -3.062  1.00 36.10 ? 56  LYS A N   1 
ATOM   305  C  CA  . LYS A 1 86  ? 3.514   2.895   -1.976  1.00 37.56 ? 56  LYS A CA  1 
ATOM   306  C  C   . LYS A 1 86  ? 4.404   1.686   -2.055  1.00 37.93 ? 56  LYS A C   1 
ATOM   307  O  O   . LYS A 1 86  ? 4.051   0.603   -1.566  1.00 40.46 ? 56  LYS A O   1 
ATOM   308  C  CB  . LYS A 1 86  ? 2.077   2.488   -1.779  1.00 38.35 ? 56  LYS A CB  1 
ATOM   309  C  CG  . LYS A 1 86  ? 1.193   3.679   -1.556  1.00 39.08 ? 56  LYS A CG  1 
ATOM   310  C  CD  . LYS A 1 86  ? -0.258  3.293   -1.590  1.00 41.98 ? 56  LYS A CD  1 
ATOM   311  C  CE  . LYS A 1 86  ? -0.891  3.289   -0.237  1.00 42.04 ? 56  LYS A CE  1 
ATOM   312  N  NZ  . LYS A 1 86  ? -2.317  3.618   -0.428  1.00 43.66 ? 56  LYS A NZ  1 
ATOM   313  N  N   . ASP A 1 87  ? 5.597   1.868   -2.600  1.00 36.92 ? 57  ASP A N   1 
ATOM   314  C  CA  . ASP A 1 87  ? 6.627   0.847   -2.482  1.00 35.74 ? 57  ASP A CA  1 
ATOM   315  C  C   . ASP A 1 87  ? 7.280   1.162   -1.131  1.00 34.60 ? 57  ASP A C   1 
ATOM   316  O  O   . ASP A 1 87  ? 7.539   2.330   -0.813  1.00 34.36 ? 57  ASP A O   1 
ATOM   317  C  CB  . ASP A 1 87  ? 7.631   0.924   -3.642  1.00 35.73 ? 57  ASP A CB  1 
ATOM   318  C  CG  . ASP A 1 87  ? 8.610   -0.282  -3.691  1.00 39.71 ? 57  ASP A CG  1 
ATOM   319  O  OD1 . ASP A 1 87  ? 8.195   -1.464  -3.550  1.00 43.55 ? 57  ASP A OD1 1 
ATOM   320  O  OD2 . ASP A 1 87  ? 9.827   -0.054  -3.900  1.00 46.68 ? 57  ASP A OD2 1 
ATOM   321  N  N   . ILE A 1 88  ? 7.487   0.124   -0.325  1.00 31.97 ? 58  ILE A N   1 
ATOM   322  C  CA  . ILE A 1 88  ? 8.347   0.250   0.863   1.00 30.77 ? 58  ILE A CA  1 
ATOM   323  C  C   . ILE A 1 88  ? 9.824   0.262   0.417   1.00 30.15 ? 58  ILE A C   1 
ATOM   324  O  O   . ILE A 1 88  ? 10.321  -0.702  -0.198  1.00 28.88 ? 58  ILE A O   1 
ATOM   325  C  CB  . ILE A 1 88  ? 8.066   -0.865  1.911   1.00 30.56 ? 58  ILE A CB  1 
ATOM   326  C  CG1 . ILE A 1 88  ? 6.577   -0.948  2.271   1.00 31.46 ? 58  ILE A CG1 1 
ATOM   327  C  CG2 . ILE A 1 88  ? 8.893   -0.629  3.191   1.00 30.76 ? 58  ILE A CG2 1 
ATOM   328  C  CD1 . ILE A 1 88  ? 5.961   0.312   2.882   1.00 32.13 ? 58  ILE A CD1 1 
ATOM   329  N  N   . LYS A 1 89  ? 10.512  1.373   0.705   1.00 29.59 ? 59  LYS A N   1 
ATOM   330  C  CA  . LYS A 1 89  ? 11.915  1.543   0.345   1.00 30.06 ? 59  LYS A CA  1 
ATOM   331  C  C   . LYS A 1 89  ? 12.849  1.044   1.428   1.00 29.09 ? 59  LYS A C   1 
ATOM   332  O  O   . LYS A 1 89  ? 13.861  0.424   1.145   1.00 27.39 ? 59  LYS A O   1 
ATOM   333  C  CB  . LYS A 1 89  ? 12.238  3.015   0.022   1.00 30.47 ? 59  LYS A CB  1 
ATOM   334  C  CG  . LYS A 1 89  ? 11.592  3.488   -1.271  1.00 34.34 ? 59  LYS A CG  1 
ATOM   335  C  CD  . LYS A 1 89  ? 12.229  2.910   -2.559  1.00 37.06 ? 59  LYS A CD  1 
ATOM   336  N  N   . GLU A 1 90  ? 12.503  1.315   2.676   1.00 29.08 ? 60  GLU A N   1 
ATOM   337  C  CA  . GLU A 1 90  ? 13.365  0.923   3.774   1.00 29.33 ? 60  GLU A CA  1 
ATOM   338  C  C   . GLU A 1 90  ? 12.588  0.621   5.033   1.00 27.69 ? 60  GLU A C   1 
ATOM   339  O  O   . GLU A 1 90  ? 11.573  1.244   5.322   1.00 27.51 ? 60  GLU A O   1 
ATOM   340  C  CB  . GLU A 1 90  ? 14.345  2.047   4.115   1.00 29.53 ? 60  GLU A CB  1 
ATOM   341  C  CG  . GLU A 1 90  ? 15.038  2.690   2.991   1.00 33.82 ? 60  GLU A CG  1 
ATOM   342  C  CD  . GLU A 1 90  ? 15.833  3.893   3.454   1.00 38.06 ? 60  GLU A CD  1 
ATOM   343  O  OE1 . GLU A 1 90  ? 16.383  3.820   4.583   1.00 36.19 ? 60  GLU A OE1 1 
ATOM   344  O  OE2 . GLU A 1 90  ? 15.878  4.894   2.688   1.00 41.62 ? 60  GLU A OE2 1 
ATOM   345  N  N   . ILE A 1 91  ? 13.114  -0.316  5.817   1.00 27.70 ? 61  ILE A N   1 
ATOM   346  C  CA  . ILE A 1 91  ? 12.600  -0.594  7.134   1.00 27.48 ? 61  ILE A CA  1 
ATOM   347  C  C   . ILE A 1 91  ? 13.827  -0.682  8.051   1.00 26.64 ? 61  ILE A C   1 
ATOM   348  O  O   . ILE A 1 91  ? 14.737  -1.479  7.776   1.00 25.36 ? 61  ILE A O   1 
ATOM   349  C  CB  . ILE A 1 91  ? 11.834  -1.910  7.222   1.00 27.65 ? 61  ILE A CB  1 
ATOM   350  C  CG1 . ILE A 1 91  ? 10.567  -1.861  6.360   1.00 31.61 ? 61  ILE A CG1 1 
ATOM   351  C  CG2 . ILE A 1 91  ? 11.426  -2.171  8.697   1.00 31.00 ? 61  ILE A CG2 1 
ATOM   352  C  CD1 . ILE A 1 91  ? 9.801   -3.121  6.344   1.00 32.25 ? 61  ILE A CD1 1 
ATOM   353  N  N   . THR A 1 92  ? 13.838  0.137   9.098   1.00 27.21 ? 62  THR A N   1 
ATOM   354  C  CA  . THR A 1 92  ? 14.913  0.143   10.131  1.00 27.29 ? 62  THR A CA  1 
ATOM   355  C  C   . THR A 1 92  ? 14.332  -0.217  11.479  1.00 27.34 ? 62  THR A C   1 
ATOM   356  O  O   . THR A 1 92  ? 13.384  0.424   11.932  1.00 28.57 ? 62  THR A O   1 
ATOM   357  C  CB  . THR A 1 92  ? 15.595  1.524   10.258  1.00 27.48 ? 62  THR A CB  1 
ATOM   358  O  OG1 . THR A 1 92  ? 15.952  2.001   8.950   1.00 28.37 ? 62  THR A OG1 1 
ATOM   359  C  CG2 . THR A 1 92  ? 16.831  1.469   11.177  1.00 29.76 ? 62  THR A CG2 1 
ATOM   360  N  N   . ILE A 1 93  ? 14.921  -1.232  12.133  1.00 26.84 ? 63  ILE A N   1 
ATOM   361  C  CA  . ILE A 1 93  ? 14.406  -1.768  13.384  1.00 26.59 ? 63  ILE A CA  1 
ATOM   362  C  C   . ILE A 1 93  ? 15.536  -1.698  14.401  1.00 26.47 ? 63  ILE A C   1 
ATOM   363  O  O   . ILE A 1 93  ? 16.621  -2.212  14.126  1.00 26.25 ? 63  ILE A O   1 
ATOM   364  C  CB  . ILE A 1 93  ? 13.937  -3.242  13.210  1.00 26.62 ? 63  ILE A CB  1 
ATOM   365  C  CG1 . ILE A 1 93  ? 12.853  -3.356  12.120  1.00 27.51 ? 63  ILE A CG1 1 
ATOM   366  C  CG2 . ILE A 1 93  ? 13.382  -3.793  14.514  1.00 27.57 ? 63  ILE A CG2 1 
ATOM   367  C  CD1 . ILE A 1 93  ? 12.534  -4.782  11.704  1.00 27.42 ? 63  ILE A CD1 1 
ATOM   368  N  N   . LYS A 1 94  ? 15.281  -1.090  15.567  1.00 27.07 ? 64  LYS A N   1 
ATOM   369  C  CA  . LYS A 1 94  ? 16.261  -1.056  16.660  1.00 26.61 ? 64  LYS A CA  1 
ATOM   370  C  C   . LYS A 1 94  ? 16.290  -2.404  17.393  1.00 25.59 ? 64  LYS A C   1 
ATOM   371  O  O   . LYS A 1 94  ? 15.243  -3.011  17.573  1.00 24.46 ? 64  LYS A O   1 
ATOM   372  C  CB  . LYS A 1 94  ? 15.952  0.071   17.671  1.00 27.64 ? 64  LYS A CB  1 
ATOM   373  C  CG  . LYS A 1 94  ? 16.087  1.509   17.117  1.00 27.09 ? 64  LYS A CG  1 
ATOM   374  C  CD  . LYS A 1 94  ? 15.920  2.503   18.264  1.00 27.93 ? 64  LYS A CD  1 
ATOM   375  C  CE  . LYS A 1 94  ? 16.075  4.002   17.860  1.00 28.97 ? 64  LYS A CE  1 
ATOM   376  N  NZ  . LYS A 1 94  ? 15.632  4.871   19.026  1.00 28.78 ? 64  LYS A NZ  1 
ATOM   377  N  N   . PRO A 1 95  ? 17.491  -2.906  17.761  1.00 25.10 ? 65  PRO A N   1 
ATOM   378  C  CA  . PRO A 1 95  ? 17.562  -4.246  18.395  1.00 26.15 ? 65  PRO A CA  1 
ATOM   379  C  C   . PRO A 1 95  ? 16.807  -4.424  19.716  1.00 25.62 ? 65  PRO A C   1 
ATOM   380  O  O   . PRO A 1 95  ? 16.427  -5.532  20.049  1.00 25.59 ? 65  PRO A O   1 
ATOM   381  C  CB  . PRO A 1 95  ? 19.062  -4.491  18.576  1.00 25.24 ? 65  PRO A CB  1 
ATOM   382  C  CG  . PRO A 1 95  ? 19.692  -3.186  18.469  1.00 26.02 ? 65  PRO A CG  1 
ATOM   383  C  CD  . PRO A 1 95  ? 18.825  -2.341  17.566  1.00 24.60 ? 65  PRO A CD  1 
ATOM   384  N  N   . GLU A 1 96  ? 16.548  -3.335  20.426  1.00 27.12 ? 66  GLU A N   1 
ATOM   385  C  CA  . GLU A 1 96  ? 15.777  -3.386  21.694  1.00 27.82 ? 66  GLU A CA  1 
ATOM   386  C  C   . GLU A 1 96  ? 14.366  -3.994  21.548  1.00 27.78 ? 66  GLU A C   1 
ATOM   387  O  O   . GLU A 1 96  ? 13.839  -4.551  22.511  1.00 26.11 ? 66  GLU A O   1 
ATOM   388  C  CB  . GLU A 1 96  ? 15.657  -1.991  22.291  1.00 28.14 ? 66  GLU A CB  1 
ATOM   389  C  CG  . GLU A 1 96  ? 14.872  -1.054  21.440  1.00 31.45 ? 66  GLU A CG  1 
ATOM   390  C  CD  . GLU A 1 96  ? 15.159  0.374   21.742  1.00 37.17 ? 66  GLU A CD  1 
ATOM   391  O  OE1 . GLU A 1 96  ? 16.346  0.770   21.636  1.00 36.76 ? 66  GLU A OE1 1 
ATOM   392  O  OE2 . GLU A 1 96  ? 14.177  1.110   22.050  1.00 42.21 ? 66  GLU A OE2 1 
ATOM   393  N  N   . VAL A 1 97  ? 13.768  -3.906  20.356  1.00 26.66 ? 67  VAL A N   1 
ATOM   394  C  CA  . VAL A 1 97  ? 12.449  -4.512  20.105  1.00 27.33 ? 67  VAL A CA  1 
ATOM   395  C  C   . VAL A 1 97  ? 12.486  -5.864  19.352  1.00 28.14 ? 67  VAL A C   1 
ATOM   396  O  O   . VAL A 1 97  ? 11.426  -6.445  19.003  1.00 29.55 ? 67  VAL A O   1 
ATOM   397  C  CB  . VAL A 1 97  ? 11.462  -3.513  19.403  1.00 27.43 ? 67  VAL A CB  1 
ATOM   398  C  CG1 . VAL A 1 97  ? 11.268  -2.241  20.264  1.00 26.60 ? 67  VAL A CG1 1 
ATOM   399  C  CG2 . VAL A 1 97  ? 11.917  -3.158  17.964  1.00 26.82 ? 67  VAL A CG2 1 
ATOM   400  N  N   . VAL A 1 98  ? 13.690  -6.373  19.137  1.00 29.08 ? 68  VAL A N   1 
ATOM   401  C  CA  . VAL A 1 98  ? 13.905  -7.655  18.470  1.00 29.31 ? 68  VAL A CA  1 
ATOM   402  C  C   . VAL A 1 98  ? 14.193  -8.702  19.559  1.00 30.73 ? 68  VAL A C   1 
ATOM   403  O  O   . VAL A 1 98  ? 15.340  -8.846  20.042  1.00 30.79 ? 68  VAL A O   1 
ATOM   404  C  CB  . VAL A 1 98  ? 15.061  -7.571  17.458  1.00 29.33 ? 68  VAL A CB  1 
ATOM   405  C  CG1 . VAL A 1 98  ? 15.252  -8.903  16.693  1.00 29.48 ? 68  VAL A CG1 1 
ATOM   406  C  CG2 . VAL A 1 98  ? 14.841  -6.418  16.492  1.00 28.74 ? 68  VAL A CG2 1 
ATOM   407  N  N   . ASP A 1 99  ? 13.151  -9.446  19.911  1.00 31.54 ? 69  ASP A N   1 
ATOM   408  C  CA  . ASP A 1 99  ? 13.225  -10.412 20.992  1.00 33.43 ? 69  ASP A CA  1 
ATOM   409  C  C   . ASP A 1 99  ? 12.400  -11.619 20.625  1.00 33.00 ? 69  ASP A C   1 
ATOM   410  O  O   . ASP A 1 99  ? 11.176  -11.529 20.552  1.00 35.05 ? 69  ASP A O   1 
ATOM   411  C  CB  . ASP A 1 99  ? 12.676  -9.792  22.270  1.00 33.66 ? 69  ASP A CB  1 
ATOM   412  C  CG  . ASP A 1 99  ? 12.834  -10.700 23.496  1.00 37.93 ? 69  ASP A CG  1 
ATOM   413  O  OD1 . ASP A 1 99  ? 12.998  -11.953 23.378  1.00 38.57 ? 69  ASP A OD1 1 
ATOM   414  O  OD2 . ASP A 1 99  ? 12.779  -10.124 24.603  1.00 44.69 ? 69  ASP A OD2 1 
ATOM   415  N  N   . PRO A 1 100 ? 13.062  -12.761 20.411  1.00 32.94 ? 70  PRO A N   1 
ATOM   416  C  CA  . PRO A 1 100 ? 12.362  -13.928 19.912  1.00 32.97 ? 70  PRO A CA  1 
ATOM   417  C  C   . PRO A 1 100 ? 11.330  -14.488 20.892  1.00 32.85 ? 70  PRO A C   1 
ATOM   418  O  O   . PRO A 1 100 ? 10.464  -15.277 20.481  1.00 33.24 ? 70  PRO A O   1 
ATOM   419  C  CB  . PRO A 1 100 ? 13.487  -14.942 19.685  1.00 32.60 ? 70  PRO A CB  1 
ATOM   420  C  CG  . PRO A 1 100 ? 14.569  -14.509 20.619  1.00 33.49 ? 70  PRO A CG  1 
ATOM   421  C  CD  . PRO A 1 100 ? 14.498  -13.033 20.663  1.00 32.44 ? 70  PRO A CD  1 
ATOM   422  N  N   . ASP A 1 101 ? 11.418  -14.069 22.158  1.00 33.04 ? 71  ASP A N   1 
ATOM   423  C  CA  . ASP A 1 101 ? 10.429  -14.393 23.169  1.00 33.94 ? 71  ASP A CA  1 
ATOM   424  C  C   . ASP A 1 101 ? 9.290   -13.371 23.285  1.00 33.53 ? 71  ASP A C   1 
ATOM   425  O  O   . ASP A 1 101 ? 8.397   -13.559 24.086  1.00 33.30 ? 71  ASP A O   1 
ATOM   426  C  CB  . ASP A 1 101 ? 11.136  -14.590 24.514  1.00 34.26 ? 71  ASP A CB  1 
ATOM   427  C  CG  . ASP A 1 101 ? 12.083  -15.787 24.486  1.00 37.56 ? 71  ASP A CG  1 
ATOM   428  O  OD1 . ASP A 1 101 ? 11.597  -16.902 24.177  1.00 41.89 ? 71  ASP A OD1 1 
ATOM   429  O  OD2 . ASP A 1 101 ? 13.299  -15.610 24.739  1.00 39.82 ? 71  ASP A OD2 1 
ATOM   430  N  N   . ASP A 1 102 ? 9.281   -12.346 22.423  1.00 33.71 ? 72  ASP A N   1 
ATOM   431  C  CA  . ASP A 1 102 ? 8.206   -11.326 22.394  1.00 33.03 ? 72  ASP A CA  1 
ATOM   432  C  C   . ASP A 1 102 ? 8.069   -10.804 20.955  1.00 32.19 ? 72  ASP A C   1 
ATOM   433  O  O   . ASP A 1 102 ? 8.341   -9.653  20.673  1.00 33.11 ? 72  ASP A O   1 
ATOM   434  C  CB  . ASP A 1 102 ? 8.490   -10.171 23.376  1.00 32.78 ? 72  ASP A CB  1 
ATOM   435  C  CG  . ASP A 1 102 ? 7.284   -9.235  23.571  1.00 33.46 ? 72  ASP A CG  1 
ATOM   436  O  OD1 . ASP A 1 102 ? 6.193   -9.520  23.054  1.00 31.45 ? 72  ASP A OD1 1 
ATOM   437  O  OD2 . ASP A 1 102 ? 7.427   -8.223  24.290  1.00 36.37 ? 72  ASP A OD2 1 
ATOM   438  N  N   . VAL A 1 103 ? 7.683   -11.701 20.066  1.00 31.23 ? 73  VAL A N   1 
ATOM   439  C  CA  . VAL A 1 103 ? 7.480   -11.413 18.635  1.00 32.07 ? 73  VAL A CA  1 
ATOM   440  C  C   . VAL A 1 103 ? 6.238   -10.531 18.444  1.00 32.28 ? 73  VAL A C   1 
ATOM   441  O  O   . VAL A 1 103 ? 6.076   -9.839  17.427  1.00 31.17 ? 73  VAL A O   1 
ATOM   442  C  CB  . VAL A 1 103 ? 7.345   -12.762 17.911  1.00 32.07 ? 73  VAL A CB  1 
ATOM   443  C  CG1 . VAL A 1 103 ? 6.648   -12.673 16.683  1.00 34.28 ? 73  VAL A CG1 1 
ATOM   444  C  CG2 . VAL A 1 103 ? 8.753   -13.398 17.730  1.00 30.97 ? 73  VAL A CG2 1 
ATOM   445  N  N   . GLU A 1 104 ? 5.333   -10.580 19.409  1.00 32.70 ? 74  GLU A N   1 
ATOM   446  C  CA  . GLU A 1 104 ? 4.105   -9.766  19.312  1.00 34.02 ? 74  GLU A CA  1 
ATOM   447  C  C   . GLU A 1 104 ? 4.427   -8.282  19.342  1.00 33.99 ? 74  GLU A C   1 
ATOM   448  O  O   . GLU A 1 104 ? 3.825   -7.510  18.579  1.00 33.12 ? 74  GLU A O   1 
ATOM   449  C  CB  . GLU A 1 104 ? 3.114   -10.161 20.398  1.00 35.46 ? 74  GLU A CB  1 
ATOM   450  C  CG  . GLU A 1 104 ? 2.422   -11.506 20.133  1.00 38.92 ? 74  GLU A CG  1 
ATOM   451  C  CD  . GLU A 1 104 ? 3.326   -12.746 20.306  1.00 43.03 ? 74  GLU A CD  1 
ATOM   452  O  OE1 . GLU A 1 104 ? 4.334   -12.697 21.079  1.00 43.39 ? 74  GLU A OE1 1 
ATOM   453  O  OE2 . GLU A 1 104 ? 2.989   -13.789 19.668  1.00 46.06 ? 74  GLU A OE2 1 
HETATM 454  N  N   . MSE A 1 105 ? 5.371   -7.875  20.189  1.00 34.82 ? 75  MSE A N   1 
HETATM 455  C  CA  . MSE A 1 105 ? 5.858   -6.484  20.212  1.00 36.08 ? 75  MSE A CA  1 
HETATM 456  C  C   . MSE A 1 105 ? 6.280   -6.028  18.837  1.00 33.77 ? 75  MSE A C   1 
HETATM 457  O  O   . MSE A 1 105 ? 5.762   -5.030  18.338  1.00 30.84 ? 75  MSE A O   1 
HETATM 458  C  CB  . MSE A 1 105 ? 7.040   -6.313  21.165  1.00 36.08 ? 75  MSE A CB  1 
HETATM 459  C  CG  . MSE A 1 105 ? 7.912   -5.030  20.981  1.00 36.44 ? 75  MSE A CG  1 
HETATM 460  SE SE  . MSE A 1 105 ? 9.229   -4.877  22.482  1.00 48.04 ? 75  MSE A SE  1 
HETATM 461  C  CE  . MSE A 1 105 ? 10.197  -6.661  22.115  1.00 45.54 ? 75  MSE A CE  1 
ATOM   462  N  N   . LEU A 1 106 ? 7.238   -6.740  18.233  1.00 32.73 ? 76  LEU A N   1 
ATOM   463  C  CA  . LEU A 1 106 ? 7.717   -6.357  16.904  1.00 32.42 ? 76  LEU A CA  1 
ATOM   464  C  C   . LEU A 1 106 ? 6.608   -6.427  15.829  1.00 30.73 ? 76  LEU A C   1 
ATOM   465  O  O   . LEU A 1 106 ? 6.538   -5.567  14.958  1.00 29.65 ? 76  LEU A O   1 
ATOM   466  C  CB  . LEU A 1 106 ? 8.960   -7.180  16.494  1.00 33.28 ? 76  LEU A CB  1 
ATOM   467  C  CG  . LEU A 1 106 ? 9.759   -6.618  15.281  1.00 35.72 ? 76  LEU A CG  1 
ATOM   468  C  CD1 . LEU A 1 106 ? 9.671   -5.096  15.063  1.00 39.40 ? 76  LEU A CD1 1 
ATOM   469  C  CD2 . LEU A 1 106 ? 11.172  -6.937  15.463  1.00 39.00 ? 76  LEU A CD2 1 
ATOM   470  N  N   . GLN A 1 107 ? 5.758   -7.446  15.878  1.00 29.17 ? 77  GLN A N   1 
ATOM   471  C  CA  . GLN A 1 107 ? 4.639   -7.529  14.948  1.00 28.08 ? 77  GLN A CA  1 
ATOM   472  C  C   . GLN A 1 107 ? 3.777   -6.247  15.017  1.00 28.28 ? 77  GLN A C   1 
ATOM   473  O  O   . GLN A 1 107 ? 3.469   -5.643  13.971  1.00 27.34 ? 77  GLN A O   1 
ATOM   474  C  CB  . GLN A 1 107 ? 3.780   -8.777  15.233  1.00 28.24 ? 77  GLN A CB  1 
ATOM   475  C  CG  . GLN A 1 107 ? 4.410   -10.123 14.760  1.00 25.45 ? 77  GLN A CG  1 
ATOM   476  C  CD  . GLN A 1 107 ? 3.566   -11.349 15.049  1.00 26.47 ? 77  GLN A CD  1 
ATOM   477  O  OE1 . GLN A 1 107 ? 3.985   -12.462 14.768  1.00 23.33 ? 77  GLN A OE1 1 
ATOM   478  N  NE2 . GLN A 1 107 ? 2.380   -11.158 15.625  1.00 26.40 ? 77  GLN A NE2 1 
ATOM   479  N  N   . ASP A 1 108 ? 3.396   -5.859  16.233  1.00 27.99 ? 78  ASP A N   1 
ATOM   480  C  CA  . ASP A 1 108 ? 2.541   -4.678  16.499  1.00 28.41 ? 78  ASP A CA  1 
ATOM   481  C  C   . ASP A 1 108 ? 3.184   -3.399  15.984  1.00 27.75 ? 78  ASP A C   1 
ATOM   482  O  O   . ASP A 1 108 ? 2.511   -2.508  15.468  1.00 26.69 ? 78  ASP A O   1 
ATOM   483  C  CB  . ASP A 1 108 ? 2.354   -4.505  17.995  1.00 29.10 ? 78  ASP A CB  1 
ATOM   484  C  CG  . ASP A 1 108 ? 1.406   -5.511  18.592  1.00 30.01 ? 78  ASP A CG  1 
ATOM   485  O  OD1 . ASP A 1 108 ? 0.754   -6.270  17.839  1.00 32.92 ? 78  ASP A OD1 1 
ATOM   486  O  OD2 . ASP A 1 108 ? 1.316   -5.521  19.832  1.00 35.13 ? 78  ASP A OD2 1 
ATOM   487  N  N   . LEU A 1 109 ? 4.499   -3.327  16.168  1.00 27.60 ? 79  LEU A N   1 
ATOM   488  C  CA  . LEU A 1 109 ? 5.237   -2.122  15.877  1.00 27.56 ? 79  LEU A CA  1 
ATOM   489  C  C   . LEU A 1 109 ? 5.430   -1.944  14.377  1.00 28.54 ? 79  LEU A C   1 
ATOM   490  O  O   . LEU A 1 109 ? 5.182   -0.848  13.859  1.00 27.47 ? 79  LEU A O   1 
ATOM   491  C  CB  . LEU A 1 109 ? 6.564   -2.087  16.644  1.00 27.87 ? 79  LEU A CB  1 
ATOM   492  C  CG  . LEU A 1 109 ? 6.518   -1.752  18.135  1.00 27.14 ? 79  LEU A CG  1 
ATOM   493  C  CD1 . LEU A 1 109 ? 7.957   -1.936  18.643  1.00 29.92 ? 79  LEU A CD1 1 
ATOM   494  C  CD2 . LEU A 1 109 ? 5.978   -0.334  18.415  1.00 27.15 ? 79  LEU A CD2 1 
ATOM   495  N  N   . ILE A 1 110 ? 5.824   -3.024  13.689  1.00 28.61 ? 80  ILE A N   1 
ATOM   496  C  CA  . ILE A 1 110 ? 5.930   -3.037  12.234  1.00 29.62 ? 80  ILE A CA  1 
ATOM   497  C  C   . ILE A 1 110 ? 4.581   -2.660  11.635  1.00 28.85 ? 80  ILE A C   1 
ATOM   498  O  O   . ILE A 1 110 ? 4.480   -1.788  10.744  1.00 28.27 ? 80  ILE A O   1 
ATOM   499  C  CB  . ILE A 1 110 ? 6.331   -4.437  11.656  1.00 30.15 ? 80  ILE A CB  1 
ATOM   500  C  CG1 . ILE A 1 110 ? 7.663   -4.918  12.160  1.00 34.59 ? 80  ILE A CG1 1 
ATOM   501  C  CG2 . ILE A 1 110 ? 6.345   -4.418  10.068  1.00 30.77 ? 80  ILE A CG2 1 
ATOM   502  C  CD1 . ILE A 1 110 ? 8.765   -3.962  12.053  1.00 38.91 ? 80  ILE A CD1 1 
ATOM   503  N  N   . LEU A 1 111 ? 3.537   -3.299  12.143  1.00 27.89 ? 81  LEU A N   1 
ATOM   504  C  CA  . LEU A 1 111 ? 2.188   -3.110  11.571  1.00 28.69 ? 81  LEU A CA  1 
ATOM   505  C  C   . LEU A 1 111 ? 1.758   -1.648  11.665  1.00 27.26 ? 81  LEU A C   1 
ATOM   506  O  O   . LEU A 1 111 ? 1.269   -1.076  10.686  1.00 26.35 ? 81  LEU A O   1 
ATOM   507  C  CB  . LEU A 1 111 ? 1.190   -4.027  12.290  1.00 28.77 ? 81  LEU A CB  1 
ATOM   508  C  CG  . LEU A 1 111 ? -0.170  -4.320  11.675  1.00 29.47 ? 81  LEU A CG  1 
ATOM   509  C  CD1 . LEU A 1 111 ? -0.003  -5.053  10.380  1.00 30.69 ? 81  LEU A CD1 1 
ATOM   510  C  CD2 . LEU A 1 111 ? -0.997  -5.184  12.605  1.00 30.31 ? 81  LEU A CD2 1 
ATOM   511  N  N   . ALA A 1 112 ? 1.953   -1.039  12.834  1.00 26.50 ? 82  ALA A N   1 
ATOM   512  C  CA  . ALA A 1 112 ? 1.593   0.391   13.050  1.00 25.96 ? 82  ALA A CA  1 
ATOM   513  C  C   . ALA A 1 112 ? 2.390   1.329   12.128  1.00 25.03 ? 82  ALA A C   1 
ATOM   514  O  O   . ALA A 1 112 ? 1.796   2.186   11.481  1.00 23.45 ? 82  ALA A O   1 
ATOM   515  C  CB  . ALA A 1 112 ? 1.741   0.805   14.513  1.00 25.67 ? 82  ALA A CB  1 
ATOM   516  N  N   . ALA A 1 113 ? 3.712   1.103   12.013  1.00 24.36 ? 83  ALA A N   1 
ATOM   517  C  CA  . ALA A 1 113 ? 4.586   1.983   11.250  1.00 25.03 ? 83  ALA A CA  1 
ATOM   518  C  C   . ALA A 1 113 ? 4.408   1.832   9.741   1.00 25.13 ? 83  ALA A C   1 
ATOM   519  O  O   . ALA A 1 113 ? 4.367   2.842   9.014   1.00 25.97 ? 83  ALA A O   1 
ATOM   520  C  CB  . ALA A 1 113 ? 6.067   1.810   11.650  1.00 24.77 ? 83  ALA A CB  1 
ATOM   521  N  N   . VAL A 1 114 ? 4.188   0.603   9.277   1.00 25.40 ? 84  VAL A N   1 
ATOM   522  C  CA  . VAL A 1 114 ? 3.842   0.369   7.864   1.00 25.93 ? 84  VAL A CA  1 
ATOM   523  C  C   . VAL A 1 114 ? 2.504   1.024   7.481   1.00 26.23 ? 84  VAL A C   1 
ATOM   524  O  O   . VAL A 1 114 ? 2.428   1.736   6.489   1.00 23.84 ? 84  VAL A O   1 
ATOM   525  C  CB  . VAL A 1 114 ? 3.866   -1.125  7.456   1.00 25.29 ? 84  VAL A CB  1 
ATOM   526  C  CG1 . VAL A 1 114 ? 3.267   -1.324  6.033   1.00 27.50 ? 84  VAL A CG1 1 
ATOM   527  C  CG2 . VAL A 1 114 ? 5.306   -1.631  7.497   1.00 25.17 ? 84  VAL A CG2 1 
ATOM   528  N  N   . ASN A 1 115 ? 1.471   0.825   8.288   1.00 25.64 ? 85  ASN A N   1 
ATOM   529  C  CA  . ASN A 1 115 ? 0.190   1.433   7.974   1.00 26.86 ? 85  ASN A CA  1 
ATOM   530  C  C   . ASN A 1 115 ? 0.205   2.990   7.995   1.00 27.03 ? 85  ASN A C   1 
ATOM   531  O  O   . ASN A 1 115 ? -0.380  3.646   7.126   1.00 25.13 ? 85  ASN A O   1 
ATOM   532  C  CB  . ASN A 1 115 ? -0.892  0.831   8.850   1.00 26.51 ? 85  ASN A CB  1 
ATOM   533  C  CG  . ASN A 1 115 ? -1.340  -0.539  8.359   1.00 27.55 ? 85  ASN A CG  1 
ATOM   534  O  OD1 . ASN A 1 115 ? -1.554  -0.737  7.163   1.00 30.00 ? 85  ASN A OD1 1 
ATOM   535  N  ND2 . ASN A 1 115 ? -1.531  -1.471  9.287   1.00 28.95 ? 85  ASN A ND2 1 
ATOM   536  N  N   . GLU A 1 116 ? 0.904   3.567   8.964   1.00 27.76 ? 86  GLU A N   1 
ATOM   537  C  CA  . GLU A 1 116 ? 1.078   5.026   9.042   1.00 28.56 ? 86  GLU A CA  1 
ATOM   538  C  C   . GLU A 1 116 ? 1.918   5.566   7.853   1.00 27.92 ? 86  GLU A C   1 
ATOM   539  O  O   . GLU A 1 116 ? 1.614   6.646   7.307   1.00 26.34 ? 86  GLU A O   1 
ATOM   540  C  CB  . GLU A 1 116 ? 1.685   5.390   10.412  1.00 29.85 ? 86  GLU A CB  1 
ATOM   541  C  CG  . GLU A 1 116 ? 1.970   6.886   10.645  1.00 33.15 ? 86  GLU A CG  1 
ATOM   542  C  CD  . GLU A 1 116 ? 0.747   7.786   10.558  1.00 38.17 ? 86  GLU A CD  1 
ATOM   543  O  OE1 . GLU A 1 116 ? -0.414  7.290   10.484  1.00 41.76 ? 86  GLU A OE1 1 
ATOM   544  O  OE2 . GLU A 1 116 ? 0.953   9.023   10.573  1.00 43.31 ? 86  GLU A OE2 1 
ATOM   545  N  N   . ALA A 1 117 ? 2.944   4.826   7.432   1.00 27.77 ? 87  ALA A N   1 
ATOM   546  C  CA  . ALA A 1 117 ? 3.714   5.197   6.250   1.00 28.65 ? 87  ALA A CA  1 
ATOM   547  C  C   . ALA A 1 117 ? 2.837   5.179   4.976   1.00 28.50 ? 87  ALA A C   1 
ATOM   548  O  O   . ALA A 1 117 ? 2.885   6.120   4.170   1.00 27.56 ? 87  ALA A O   1 
ATOM   549  C  CB  . ALA A 1 117 ? 4.958   4.331   6.086   1.00 30.00 ? 87  ALA A CB  1 
ATOM   550  N  N   . LEU A 1 118 ? 2.028   4.128   4.825   1.00 27.43 ? 88  LEU A N   1 
ATOM   551  C  CA  . LEU A 1 118 ? 1.092   4.028   3.695   1.00 28.11 ? 88  LEU A CA  1 
ATOM   552  C  C   . LEU A 1 118 ? 0.054   5.171   3.713   1.00 27.81 ? 88  LEU A C   1 
ATOM   553  O  O   . LEU A 1 118 ? -0.220  5.780   2.679   1.00 27.88 ? 88  LEU A O   1 
ATOM   554  C  CB  . LEU A 1 118 ? 0.457   2.637   3.665   1.00 27.58 ? 88  LEU A CB  1 
ATOM   555  C  CG  . LEU A 1 118 ? 1.459   1.506   3.326   1.00 29.25 ? 88  LEU A CG  1 
ATOM   556  C  CD1 . LEU A 1 118 ? 0.833   0.130   3.467   1.00 32.05 ? 88  LEU A CD1 1 
ATOM   557  C  CD2 . LEU A 1 118 ? 2.022   1.676   1.918   1.00 31.50 ? 88  LEU A CD2 1 
ATOM   558  N  N   . ARG A 1 119 ? -0.472  5.486   4.893   1.00 28.45 ? 89  ARG A N   1 
ATOM   559  C  CA  . ARG A 1 119 ? -1.359  6.652   5.097   1.00 30.83 ? 89  ARG A CA  1 
ATOM   560  C  C   . ARG A 1 119 ? -0.703  7.979   4.662   1.00 30.33 ? 89  ARG A C   1 
ATOM   561  O  O   . ARG A 1 119 ? -1.313  8.784   3.946   1.00 28.74 ? 89  ARG A O   1 
ATOM   562  C  CB  . ARG A 1 119 ? -1.796  6.721   6.556   1.00 30.51 ? 89  ARG A CB  1 
ATOM   563  C  CG  . ARG A 1 119 ? -3.009  7.577   6.840   1.00 34.82 ? 89  ARG A CG  1 
ATOM   564  C  CD  . ARG A 1 119 ? -3.722  7.154   8.157   1.00 36.57 ? 89  ARG A CD  1 
ATOM   565  N  NE  . ARG A 1 119 ? -3.318  5.815   8.626   1.00 42.74 ? 89  ARG A NE  1 
ATOM   566  C  CZ  . ARG A 1 119 ? -3.018  5.500   9.890   1.00 45.26 ? 89  ARG A CZ  1 
ATOM   567  N  NH1 . ARG A 1 119 ? -3.139  6.406   10.868  1.00 49.51 ? 89  ARG A NH1 1 
ATOM   568  N  NH2 . ARG A 1 119 ? -2.617  4.257   10.196  1.00 43.67 ? 89  ARG A NH2 1 
ATOM   569  N  N   . LYS A 1 120 ? 0.536   8.202   5.093   1.00 30.27 ? 90  LYS A N   1 
ATOM   570  C  CA  . LYS A 1 120 ? 1.297   9.395   4.687   1.00 31.08 ? 90  LYS A CA  1 
ATOM   571  C  C   . LYS A 1 120 ? 1.560   9.475   3.180   1.00 31.26 ? 90  LYS A C   1 
ATOM   572  O  O   . LYS A 1 120 ? 1.570   10.566  2.603   1.00 32.28 ? 90  LYS A O   1 
ATOM   573  C  CB  . LYS A 1 120 ? 2.622   9.490   5.469   1.00 30.48 ? 90  LYS A CB  1 
ATOM   574  C  CG  . LYS A 1 120 ? 2.440   9.915   6.884   1.00 32.25 ? 90  LYS A CG  1 
ATOM   575  C  CD  . LYS A 1 120 ? 3.729   9.843   7.654   1.00 34.07 ? 90  LYS A CD  1 
ATOM   576  C  CE  . LYS A 1 120 ? 3.793   10.880  8.711   1.00 36.45 ? 90  LYS A CE  1 
ATOM   577  N  NZ  . LYS A 1 120 ? 4.772   10.482  9.749   1.00 37.04 ? 90  LYS A NZ  1 
ATOM   578  N  N   . ALA A 1 121 ? 1.749   8.328   2.533   1.00 31.42 ? 91  ALA A N   1 
ATOM   579  C  CA  . ALA A 1 121 ? 1.984   8.290   1.111   1.00 32.42 ? 91  ALA A CA  1 
ATOM   580  C  C   . ALA A 1 121 ? 0.711   8.700   0.350   1.00 32.33 ? 91  ALA A C   1 
ATOM   581  O  O   . ALA A 1 121 ? 0.786   9.515   -0.586  1.00 31.57 ? 91  ALA A O   1 
ATOM   582  C  CB  . ALA A 1 121 ? 2.485   6.909   0.669   1.00 32.74 ? 91  ALA A CB  1 
ATOM   583  N  N   . ASP A 1 122 ? -0.434  8.154   0.778   1.00 32.18 ? 92  ASP A N   1 
ATOM   584  C  CA  . ASP A 1 122 ? -1.758  8.561   0.266   1.00 33.14 ? 92  ASP A CA  1 
ATOM   585  C  C   . ASP A 1 122 ? -1.987  10.066  0.375   1.00 32.35 ? 92  ASP A C   1 
ATOM   586  O  O   . ASP A 1 122 ? -2.557  10.705  -0.511  1.00 30.87 ? 92  ASP A O   1 
ATOM   587  C  CB  . ASP A 1 122 ? -2.880  7.870   1.070   1.00 33.53 ? 92  ASP A CB  1 
ATOM   588  C  CG  . ASP A 1 122 ? -3.077  6.420   0.690   1.00 36.10 ? 92  ASP A CG  1 
ATOM   589  O  OD1 . ASP A 1 122 ? -2.758  6.037   -0.460  1.00 39.46 ? 92  ASP A OD1 1 
ATOM   590  O  OD2 . ASP A 1 122 ? -3.619  5.668   1.530   1.00 39.28 ? 92  ASP A OD2 1 
ATOM   591  N  N   . GLU A 1 123 ? -1.583  10.599  1.511   1.00 32.69 ? 93  GLU A N   1 
ATOM   592  C  CA  . GLU A 1 123 ? -1.739  12.009  1.833   1.00 33.71 ? 93  GLU A CA  1 
ATOM   593  C  C   . GLU A 1 123 ? -0.881  12.887  0.933   1.00 33.65 ? 93  GLU A C   1 
ATOM   594  O  O   . GLU A 1 123 ? -1.340  13.930  0.481   1.00 32.12 ? 93  GLU A O   1 
ATOM   595  C  CB  . GLU A 1 123 ? -1.329  12.185  3.284   1.00 34.91 ? 93  GLU A CB  1 
ATOM   596  C  CG  . GLU A 1 123 ? -1.332  13.557  3.865   1.00 36.90 ? 93  GLU A CG  1 
ATOM   597  C  CD  . GLU A 1 123 ? -0.855  13.485  5.299   1.00 42.04 ? 93  GLU A CD  1 
ATOM   598  O  OE1 . GLU A 1 123 ? 0.373   13.317  5.499   1.00 41.80 ? 93  GLU A OE1 1 
ATOM   599  O  OE2 . GLU A 1 123 ? -1.717  13.539  6.216   1.00 45.95 ? 93  GLU A OE2 1 
HETATM 600  N  N   . MSE A 1 124 ? 0.372   12.476  0.723   1.00 33.29 ? 94  MSE A N   1 
HETATM 601  C  CA  . MSE A 1 124 ? 1.297   13.162  -0.159  1.00 35.55 ? 94  MSE A CA  1 
HETATM 602  C  C   . MSE A 1 124 ? 0.790   13.183  -1.593  1.00 33.29 ? 94  MSE A C   1 
HETATM 603  O  O   . MSE A 1 124 ? 0.866   14.207  -2.235  1.00 32.69 ? 94  MSE A O   1 
HETATM 604  C  CB  . MSE A 1 124 ? 2.682   12.526  -0.152  1.00 34.65 ? 94  MSE A CB  1 
HETATM 605  C  CG  . MSE A 1 124 ? 3.564   12.973  -1.337  1.00 37.52 ? 94  MSE A CG  1 
HETATM 606  SE SE  . MSE A 1 124 ? 5.409   12.376  -1.097  1.00 46.35 ? 94  MSE A SE  1 
HETATM 607  C  CE  . MSE A 1 124 ? 5.161   10.602  -1.749  1.00 42.25 ? 94  MSE A CE  1 
ATOM   608  N  N   . VAL A 1 125 ? 0.308   12.043  -2.089  1.00 32.55 ? 95  VAL A N   1 
ATOM   609  C  CA  . VAL A 1 125 ? -0.322  11.983  -3.437  1.00 32.11 ? 95  VAL A CA  1 
ATOM   610  C  C   . VAL A 1 125 ? -1.508  12.947  -3.577  1.00 31.04 ? 95  VAL A C   1 
ATOM   611  O  O   . VAL A 1 125 ? -1.604  13.668  -4.570  1.00 30.44 ? 95  VAL A O   1 
ATOM   612  C  CB  . VAL A 1 125 ? -0.758  10.541  -3.815  1.00 31.97 ? 95  VAL A CB  1 
ATOM   613  C  CG1 . VAL A 1 125 ? -1.516  10.527  -5.144  1.00 32.38 ? 95  VAL A CG1 1 
ATOM   614  C  CG2 . VAL A 1 125 ? 0.449   9.605   -3.873  1.00 32.40 ? 95  VAL A CG2 1 
ATOM   615  N  N   . THR A 1 126 ? -2.403  12.969  -2.597  1.00 30.46 ? 96  THR A N   1 
ATOM   616  C  CA  . THR A 1 126 ? -3.558  13.885  -2.615  1.00 30.38 ? 96  THR A CA  1 
ATOM   617  C  C   . THR A 1 126 ? -3.132  15.348  -2.639  1.00 29.76 ? 96  THR A C   1 
ATOM   618  O  O   . THR A 1 126 ? -3.672  16.145  -3.409  1.00 28.78 ? 96  THR A O   1 
ATOM   619  C  CB  . THR A 1 126 ? -4.511  13.662  -1.399  1.00 30.77 ? 96  THR A CB  1 
ATOM   620  O  OG1 . THR A 1 126 ? -4.930  12.301  -1.352  1.00 32.31 ? 96  THR A OG1 1 
ATOM   621  C  CG2 . THR A 1 126 ? -5.739  14.536  -1.495  1.00 32.12 ? 96  THR A CG2 1 
ATOM   622  N  N   . ALA A 1 127 ? -2.154  15.687  -1.803  1.00 29.44 ? 97  ALA A N   1 
ATOM   623  C  CA  . ALA A 1 127 ? -1.570  17.022  -1.792  1.00 29.78 ? 97  ALA A CA  1 
ATOM   624  C  C   . ALA A 1 127 ? -1.033  17.403  -3.180  1.00 30.35 ? 97  ALA A C   1 
ATOM   625  O  O   . ALA A 1 127 ? -1.365  18.467  -3.713  1.00 29.14 ? 97  ALA A O   1 
ATOM   626  C  CB  . ALA A 1 127 ? -0.464  17.127  -0.734  1.00 28.61 ? 97  ALA A CB  1 
ATOM   627  N  N   . GLU A 1 128 ? -0.250  16.510  -3.784  1.00 31.71 ? 98  GLU A N   1 
ATOM   628  C  CA  . GLU A 1 128 ? 0.336   16.783  -5.090  1.00 32.96 ? 98  GLU A CA  1 
ATOM   629  C  C   . GLU A 1 128 ? -0.709  16.933  -6.208  1.00 33.40 ? 98  GLU A C   1 
ATOM   630  O  O   . GLU A 1 128 ? -0.575  17.778  -7.083  1.00 34.57 ? 98  GLU A O   1 
ATOM   631  C  CB  . GLU A 1 128 ? 1.376   15.702  -5.438  1.00 33.71 ? 98  GLU A CB  1 
ATOM   632  C  CG  . GLU A 1 128 ? 2.569   15.718  -4.517  1.00 34.90 ? 98  GLU A CG  1 
ATOM   633  C  CD  . GLU A 1 128 ? 3.300   17.037  -4.555  1.00 37.74 ? 98  GLU A CD  1 
ATOM   634  O  OE1 . GLU A 1 128 ? 3.508   17.555  -5.669  1.00 38.46 ? 98  GLU A OE1 1 
ATOM   635  O  OE2 . GLU A 1 128 ? 3.680   17.527  -3.465  1.00 40.45 ? 98  GLU A OE2 1 
ATOM   636  N  N   . ILE A 1 129 ? -1.770  16.139  -6.155  1.00 33.52 ? 99  ILE A N   1 
ATOM   637  C  CA  . ILE A 1 129 ? -2.872  16.271  -7.100  1.00 34.13 ? 99  ILE A CA  1 
ATOM   638  C  C   . ILE A 1 129 ? -3.679  17.552  -6.849  1.00 33.64 ? 99  ILE A C   1 
ATOM   639  O  O   . ILE A 1 129 ? -3.999  18.279  -7.801  1.00 33.33 ? 99  ILE A O   1 
ATOM   640  C  CB  . ILE A 1 129 ? -3.737  15.004  -7.075  1.00 34.38 ? 99  ILE A CB  1 
ATOM   641  C  CG1 . ILE A 1 129 ? -2.891  13.844  -7.641  1.00 37.17 ? 99  ILE A CG1 1 
ATOM   642  C  CG2 . ILE A 1 129 ? -5.011  15.185  -7.833  1.00 35.79 ? 99  ILE A CG2 1 
ATOM   643  C  CD1 . ILE A 1 129 ? -3.456  12.451  -7.336  1.00 40.14 ? 99  ILE A CD1 1 
ATOM   644  N  N   . SER A 1 130 ? -3.962  17.860  -5.586  1.00 32.32 ? 100 SER A N   1 
ATOM   645  C  CA  . SER A 1 130 ? -4.613  19.131  -5.237  1.00 32.52 ? 100 SER A CA  1 
ATOM   646  C  C   . SER A 1 130 ? -3.868  20.378  -5.744  1.00 32.04 ? 100 SER A C   1 
ATOM   647  O  O   . SER A 1 130 ? -4.510  21.349  -6.163  1.00 31.92 ? 100 SER A O   1 
ATOM   648  C  CB  . SER A 1 130 ? -4.805  19.240  -3.724  1.00 32.29 ? 100 SER A CB  1 
ATOM   649  O  OG  . SER A 1 130 ? -5.902  18.451  -3.331  1.00 33.70 ? 100 SER A OG  1 
ATOM   650  N  N   . LYS A 1 131 ? -2.535  20.347  -5.703  1.00 31.92 ? 101 LYS A N   1 
ATOM   651  C  CA  . LYS A 1 131 ? -1.717  21.498  -6.119  1.00 33.19 ? 101 LYS A CA  1 
ATOM   652  C  C   . LYS A 1 131 ? -1.865  21.806  -7.596  1.00 33.74 ? 101 LYS A C   1 
ATOM   653  O  O   . LYS A 1 131 ? -1.714  22.963  -7.989  1.00 34.46 ? 101 LYS A O   1 
ATOM   654  C  CB  . LYS A 1 131 ? -0.231  21.305  -5.819  1.00 32.80 ? 101 LYS A CB  1 
ATOM   655  C  CG  . LYS A 1 131 ? 0.139   21.431  -4.356  1.00 33.74 ? 101 LYS A CG  1 
ATOM   656  C  CD  . LYS A 1 131 ? 1.603   20.988  -4.137  1.00 33.88 ? 101 LYS A CD  1 
ATOM   657  C  CE  . LYS A 1 131 ? 1.859   20.555  -2.741  1.00 36.22 ? 101 LYS A CE  1 
ATOM   658  N  NZ  . LYS A 1 131 ? 3.274   20.123  -2.632  1.00 37.75 ? 101 LYS A NZ  1 
ATOM   659  N  N   . ILE A 1 132 ? -2.184  20.792  -8.405  1.00 34.28 ? 102 ILE A N   1 
ATOM   660  C  CA  . ILE A 1 132 ? -2.238  20.965  -9.861  1.00 34.91 ? 102 ILE A CA  1 
ATOM   661  C  C   . ILE A 1 132 ? -3.674  21.039  -10.415 1.00 35.19 ? 102 ILE A C   1 
ATOM   662  O  O   . ILE A 1 132 ? -3.874  21.426  -11.548 1.00 35.24 ? 102 ILE A O   1 
ATOM   663  C  CB  . ILE A 1 132 ? -1.345  19.904  -10.613 1.00 35.18 ? 102 ILE A CB  1 
ATOM   664  C  CG1 . ILE A 1 132 ? -1.885  18.482  -10.474 1.00 35.06 ? 102 ILE A CG1 1 
ATOM   665  C  CG2 . ILE A 1 132 ? 0.096   19.952  -10.111 1.00 36.15 ? 102 ILE A CG2 1 
ATOM   666  C  CD1 . ILE A 1 132 ? -1.007  17.437  -11.120 1.00 34.42 ? 102 ILE A CD1 1 
ATOM   667  N  N   . THR A 1 133 ? -4.649  20.667  -9.593  1.00 35.46 ? 103 THR A N   1 
ATOM   668  C  CA  . THR A 1 133 ? -6.067  20.930  -9.833  1.00 35.80 ? 103 THR A CA  1 
ATOM   669  C  C   . THR A 1 133 ? -6.478  22.048  -8.857  1.00 35.15 ? 103 THR A C   1 
ATOM   670  O  O   . THR A 1 133 ? -7.362  22.839  -9.140  1.00 35.97 ? 103 THR A O   1 
ATOM   671  C  CB  . THR A 1 133 ? -6.907  19.676  -9.525  1.00 35.97 ? 103 THR A CB  1 
ATOM   672  O  OG1 . THR A 1 133 ? -6.855  19.416  -8.119  1.00 37.36 ? 103 THR A OG1 1 
ATOM   673  C  CG2 . THR A 1 133 ? -6.376  18.432  -10.256 1.00 36.58 ? 103 THR A CG2 1 
ATOM   674  N  N   . ASN B 1 42  ? -31.747 0.531   -27.821 1.00 37.98 ? 12  ASN B N   1 
ATOM   675  C  CA  . ASN B 1 42  ? -30.445 1.248   -28.052 1.00 38.22 ? 12  ASN B CA  1 
ATOM   676  C  C   . ASN B 1 42  ? -30.122 2.178   -26.882 1.00 37.35 ? 12  ASN B C   1 
ATOM   677  O  O   . ASN B 1 42  ? -29.015 2.163   -26.342 1.00 37.02 ? 12  ASN B O   1 
ATOM   678  C  CB  . ASN B 1 42  ? -30.502 2.069   -29.358 1.00 38.85 ? 12  ASN B CB  1 
ATOM   679  C  CG  . ASN B 1 42  ? -30.145 1.249   -30.609 1.00 39.70 ? 12  ASN B CG  1 
ATOM   680  O  OD1 . ASN B 1 42  ? -31.013 0.941   -31.432 1.00 42.08 ? 12  ASN B OD1 1 
ATOM   681  N  ND2 . ASN B 1 42  ? -28.860 0.909   -30.755 1.00 39.85 ? 12  ASN B ND2 1 
ATOM   682  N  N   . ILE B 1 43  ? -31.108 3.011   -26.539 1.00 36.72 ? 13  ILE B N   1 
ATOM   683  C  CA  . ILE B 1 43  ? -31.021 3.940   -25.419 1.00 35.81 ? 13  ILE B CA  1 
ATOM   684  C  C   . ILE B 1 43  ? -31.357 3.202   -24.121 1.00 35.13 ? 13  ILE B C   1 
ATOM   685  O  O   . ILE B 1 43  ? -30.662 3.350   -23.124 1.00 34.69 ? 13  ILE B O   1 
ATOM   686  C  CB  . ILE B 1 43  ? -31.985 5.129   -25.617 1.00 35.96 ? 13  ILE B CB  1 
ATOM   687  N  N   . ASN B 1 44  ? -32.419 2.399   -24.148 1.00 34.38 ? 14  ASN B N   1 
ATOM   688  C  CA  . ASN B 1 44  ? -32.790 1.565   -23.004 1.00 33.86 ? 14  ASN B CA  1 
ATOM   689  C  C   . ASN B 1 44  ? -31.656 0.651   -22.553 1.00 33.34 ? 14  ASN B C   1 
ATOM   690  O  O   . ASN B 1 44  ? -31.392 0.516   -21.359 1.00 33.08 ? 14  ASN B O   1 
ATOM   691  C  CB  . ASN B 1 44  ? -34.025 0.731   -23.346 1.00 34.05 ? 14  ASN B CB  1 
ATOM   692  N  N   . ASN B 1 45  ? -30.968 0.049   -23.512 1.00 32.48 ? 15  ASN B N   1 
ATOM   693  C  CA  . ASN B 1 45  ? -29.864 -0.860  -23.210 1.00 31.45 ? 15  ASN B CA  1 
ATOM   694  C  C   . ASN B 1 45  ? -28.645 -0.128  -22.668 1.00 30.43 ? 15  ASN B C   1 
ATOM   695  O  O   . ASN B 1 45  ? -27.929 -0.660  -21.801 1.00 29.31 ? 15  ASN B O   1 
ATOM   696  C  CB  . ASN B 1 45  ? -29.520 -1.694  -24.445 1.00 31.83 ? 15  ASN B CB  1 
ATOM   697  C  CG  . ASN B 1 45  ? -30.705 -2.526  -24.920 1.00 33.70 ? 15  ASN B CG  1 
ATOM   698  O  OD1 . ASN B 1 45  ? -31.300 -3.273  -24.132 1.00 35.81 ? 15  ASN B OD1 1 
ATOM   699  N  ND2 . ASN B 1 45  ? -31.088 -2.366  -26.192 1.00 36.60 ? 15  ASN B ND2 1 
ATOM   700  N  N   . LEU B 1 46  ? -28.420 1.098   -23.143 1.00 29.25 ? 16  LEU B N   1 
ATOM   701  C  CA  . LEU B 1 46  ? -27.370 1.946   -22.555 1.00 28.58 ? 16  LEU B CA  1 
ATOM   702  C  C   . LEU B 1 46  ? -27.699 2.310   -21.108 1.00 27.16 ? 16  LEU B C   1 
ATOM   703  O  O   . LEU B 1 46  ? -26.814 2.322   -20.284 1.00 27.81 ? 16  LEU B O   1 
ATOM   704  C  CB  . LEU B 1 46  ? -27.137 3.225   -23.364 1.00 28.96 ? 16  LEU B CB  1 
ATOM   705  C  CG  . LEU B 1 46  ? -25.974 4.132   -22.899 1.00 29.03 ? 16  LEU B CG  1 
ATOM   706  C  CD1 . LEU B 1 46  ? -24.633 3.534   -23.268 1.00 31.53 ? 16  LEU B CD1 1 
ATOM   707  C  CD2 . LEU B 1 46  ? -26.114 5.551   -23.494 1.00 30.25 ? 16  LEU B CD2 1 
ATOM   708  N  N   . VAL B 1 47  ? -28.964 2.631   -20.820 1.00 26.72 ? 17  VAL B N   1 
ATOM   709  C  CA  . VAL B 1 47  ? -29.373 2.920   -19.450 1.00 25.44 ? 17  VAL B CA  1 
ATOM   710  C  C   . VAL B 1 47  ? -29.116 1.690   -18.561 1.00 24.51 ? 17  VAL B C   1 
ATOM   711  O  O   . VAL B 1 47  ? -28.511 1.801   -17.509 1.00 23.00 ? 17  VAL B O   1 
ATOM   712  C  CB  . VAL B 1 47  ? -30.852 3.356   -19.378 1.00 25.02 ? 17  VAL B CB  1 
ATOM   713  C  CG1 . VAL B 1 47  ? -31.346 3.423   -17.924 1.00 24.92 ? 17  VAL B CG1 1 
ATOM   714  C  CG2 . VAL B 1 47  ? -31.051 4.705   -20.085 1.00 24.75 ? 17  VAL B CG2 1 
ATOM   715  N  N   . LYS B 1 48  ? -29.602 0.535   -19.007 1.00 24.49 ? 18  LYS B N   1 
ATOM   716  C  CA  . LYS B 1 48  ? -29.362 -0.759  -18.347 1.00 24.46 ? 18  LYS B CA  1 
ATOM   717  C  C   . LYS B 1 48  ? -27.882 -1.115  -18.113 1.00 24.88 ? 18  LYS B C   1 
ATOM   718  O  O   . LYS B 1 48  ? -27.511 -1.615  -17.032 1.00 23.37 ? 18  LYS B O   1 
ATOM   719  C  CB  . LYS B 1 48  ? -30.089 -1.883  -19.128 1.00 24.58 ? 18  LYS B CB  1 
ATOM   720  C  CG  . LYS B 1 48  ? -31.502 -2.139  -18.691 1.00 24.60 ? 18  LYS B CG  1 
ATOM   721  N  N   . GLN B 1 49  ? -27.019 -0.877  -19.103 1.00 24.23 ? 19  GLN B N   1 
ATOM   722  C  CA  . GLN B 1 49  ? -25.626 -1.278  -18.985 1.00 24.10 ? 19  GLN B CA  1 
ATOM   723  C  C   . GLN B 1 49  ? -24.883 -0.346  -18.039 1.00 22.72 ? 19  GLN B C   1 
ATOM   724  O  O   . GLN B 1 49  ? -24.090 -0.786  -17.238 1.00 22.25 ? 19  GLN B O   1 
ATOM   725  C  CB  . GLN B 1 49  ? -24.942 -1.297  -20.355 1.00 24.42 ? 19  GLN B CB  1 
ATOM   726  N  N   . ALA B 1 50  ? -25.221 0.944   -18.107 1.00 22.52 ? 20  ALA B N   1 
ATOM   727  C  CA  . ALA B 1 50  ? -24.607 1.939   -17.228 1.00 21.52 ? 20  ALA B CA  1 
ATOM   728  C  C   . ALA B 1 50  ? -25.053 1.737   -15.765 1.00 21.11 ? 20  ALA B C   1 
ATOM   729  O  O   . ALA B 1 50  ? -24.225 1.868   -14.861 1.00 21.22 ? 20  ALA B O   1 
ATOM   730  C  CB  . ALA B 1 50  ? -24.910 3.376   -17.711 1.00 21.46 ? 20  ALA B CB  1 
ATOM   731  N  N   . GLN B 1 51  ? -26.333 1.406   -15.538 1.00 20.82 ? 21  GLN B N   1 
ATOM   732  C  CA  . GLN B 1 51  ? -26.791 1.066   -14.179 1.00 21.40 ? 21  GLN B CA  1 
ATOM   733  C  C   . GLN B 1 51  ? -26.116 -0.183  -13.613 1.00 21.07 ? 21  GLN B C   1 
ATOM   734  O  O   . GLN B 1 51  ? -25.698 -0.212  -12.449 1.00 20.58 ? 21  GLN B O   1 
ATOM   735  C  CB  . GLN B 1 51  ? -28.314 0.870   -14.151 1.00 20.67 ? 21  GLN B CB  1 
ATOM   736  C  CG  . GLN B 1 51  ? -29.150 2.132   -14.355 1.00 21.88 ? 21  GLN B CG  1 
ATOM   737  C  CD  . GLN B 1 51  ? -30.635 1.851   -14.455 1.00 22.42 ? 21  GLN B CD  1 
ATOM   738  O  OE1 . GLN B 1 51  ? -31.075 0.914   -15.115 1.00 25.31 ? 21  GLN B OE1 1 
ATOM   739  N  NE2 . GLN B 1 51  ? -31.429 2.716   -13.853 1.00 27.31 ? 21  GLN B NE2 1 
ATOM   740  N  N   . LYS B 1 52  ? -26.019 -1.224  -14.427 1.00 22.43 ? 22  LYS B N   1 
ATOM   741  C  CA  . LYS B 1 52  ? -25.271 -2.434  -14.015 1.00 23.42 ? 22  LYS B CA  1 
ATOM   742  C  C   . LYS B 1 52  ? -23.828 -2.134  -13.664 1.00 24.89 ? 22  LYS B C   1 
ATOM   743  O  O   . LYS B 1 52  ? -23.307 -2.627  -12.642 1.00 24.36 ? 22  LYS B O   1 
ATOM   744  C  CB  . LYS B 1 52  ? -25.309 -3.521  -15.098 1.00 23.85 ? 22  LYS B CB  1 
ATOM   745  C  CG  . LYS B 1 52  ? -24.534 -4.802  -14.697 1.00 24.44 ? 22  LYS B CG  1 
ATOM   746  C  CD  . LYS B 1 52  ? -25.013 -5.998  -15.500 1.00 25.20 ? 22  LYS B CD  1 
HETATM 747  N  N   . MSE B 1 53  ? -23.159 -1.362  -14.518 1.00 25.84 ? 23  MSE B N   1 
HETATM 748  C  CA  . MSE B 1 53  ? -21.772 -0.984  -14.261 1.00 27.96 ? 23  MSE B CA  1 
HETATM 749  C  C   . MSE B 1 53  ? -21.661 -0.266  -12.899 1.00 27.24 ? 23  MSE B C   1 
HETATM 750  O  O   . MSE B 1 53  ? -20.809 -0.591  -12.094 1.00 27.59 ? 23  MSE B O   1 
HETATM 751  C  CB  . MSE B 1 53  ? -21.244 -0.102  -15.397 1.00 28.98 ? 23  MSE B CB  1 
HETATM 752  C  CG  . MSE B 1 53  ? -19.814 0.348   -15.260 1.00 35.26 ? 23  MSE B CG  1 
HETATM 753  SE SE  . MSE B 1 53  ? -18.526 -1.181  -15.256 1.00 52.70 ? 23  MSE B SE  1 
HETATM 754  C  CE  . MSE B 1 53  ? -18.843 -1.843  -17.147 1.00 47.56 ? 23  MSE B CE  1 
ATOM   755  N  N   . GLN B 1 54  ? -22.558 0.698   -12.682 1.00 27.32 ? 24  GLN B N   1 
ATOM   756  C  CA  . GLN B 1 54  ? -22.695 1.467   -11.432 1.00 27.12 ? 24  GLN B CA  1 
ATOM   757  C  C   . GLN B 1 54  ? -22.836 0.592   -10.171 1.00 26.38 ? 24  GLN B C   1 
ATOM   758  O  O   . GLN B 1 54  ? -22.076 0.758   -9.199  1.00 25.63 ? 24  GLN B O   1 
ATOM   759  C  CB  . GLN B 1 54  ? -23.893 2.401   -11.566 1.00 27.42 ? 24  GLN B CB  1 
ATOM   760  C  CG  . GLN B 1 54  ? -24.107 3.399   -10.444 1.00 28.16 ? 24  GLN B CG  1 
ATOM   761  C  CD  . GLN B 1 54  ? -25.312 4.282   -10.712 1.00 28.94 ? 24  GLN B CD  1 
ATOM   762  O  OE1 . GLN B 1 54  ? -26.423 3.795   -10.953 1.00 31.10 ? 24  GLN B OE1 1 
ATOM   763  N  NE2 . GLN B 1 54  ? -25.097 5.593   -10.691 1.00 34.09 ? 24  GLN B NE2 1 
ATOM   764  N  N   . ARG B 1 55  ? -23.779 -0.347  -10.166 1.00 25.85 ? 25  ARG B N   1 
ATOM   765  C  CA  . ARG B 1 55  ? -23.936 -1.194  -8.954  1.00 25.56 ? 25  ARG B CA  1 
ATOM   766  C  C   . ARG B 1 55  ? -22.813 -2.217  -8.768  1.00 26.37 ? 25  ARG B C   1 
ATOM   767  O  O   . ARG B 1 55  ? -22.409 -2.486  -7.636  1.00 26.42 ? 25  ARG B O   1 
ATOM   768  C  CB  . ARG B 1 55  ? -25.306 -1.857  -8.887  1.00 25.09 ? 25  ARG B CB  1 
ATOM   769  C  CG  . ARG B 1 55  ? -25.654 -2.762  -10.015 1.00 24.49 ? 25  ARG B CG  1 
ATOM   770  C  CD  . ARG B 1 55  ? -27.043 -3.369  -9.811  1.00 24.79 ? 25  ARG B CD  1 
ATOM   771  N  NE  . ARG B 1 55  ? -27.343 -4.317  -10.884 1.00 23.87 ? 25  ARG B NE  1 
ATOM   772  C  CZ  . ARG B 1 55  ? -27.961 -4.014  -12.022 1.00 22.73 ? 25  ARG B CZ  1 
ATOM   773  N  NH1 . ARG B 1 55  ? -28.411 -2.794  -12.266 1.00 23.95 ? 25  ARG B NH1 1 
ATOM   774  N  NH2 . ARG B 1 55  ? -28.166 -4.964  -12.911 1.00 23.68 ? 25  ARG B NH2 1 
ATOM   775  N  N   . ASP B 1 56  ? -22.301 -2.763  -9.872  1.00 27.62 ? 26  ASP B N   1 
ATOM   776  C  CA  . ASP B 1 56  ? -21.184 -3.705  -9.809  1.00 29.22 ? 26  ASP B CA  1 
ATOM   777  C  C   . ASP B 1 56  ? -19.940 -3.004  -9.259  1.00 30.54 ? 26  ASP B C   1 
ATOM   778  O  O   . ASP B 1 56  ? -19.232 -3.565  -8.405  1.00 29.79 ? 26  ASP B O   1 
ATOM   779  C  CB  . ASP B 1 56  ? -20.854 -4.281  -11.182 1.00 28.96 ? 26  ASP B CB  1 
ATOM   780  C  CG  . ASP B 1 56  ? -21.818 -5.354  -11.630 1.00 30.72 ? 26  ASP B CG  1 
ATOM   781  O  OD1 . ASP B 1 56  ? -22.683 -5.839  -10.840 1.00 29.80 ? 26  ASP B OD1 1 
ATOM   782  O  OD2 . ASP B 1 56  ? -21.708 -5.696  -12.830 1.00 31.80 ? 26  ASP B OD2 1 
HETATM 783  N  N   A MSE B 1 57  ? -19.699 -1.775  -9.704  0.65 31.96 ? 27  MSE B N   1 
HETATM 784  N  N   B MSE B 1 57  ? -19.686 -1.783  -9.742  0.35 31.20 ? 27  MSE B N   1 
HETATM 785  C  CA  A MSE B 1 57  ? -18.535 -1.022  -9.220  0.65 33.58 ? 27  MSE B CA  1 
HETATM 786  C  CA  B MSE B 1 57  ? -18.563 -0.950  -9.256  0.35 32.37 ? 27  MSE B CA  1 
HETATM 787  C  C   A MSE B 1 57  ? -18.676 -0.696  -7.734  0.65 33.04 ? 27  MSE B C   1 
HETATM 788  C  C   B MSE B 1 57  ? -18.684 -0.693  -7.754  0.35 32.27 ? 27  MSE B C   1 
HETATM 789  O  O   A MSE B 1 57  ? -17.703 -0.828  -6.970  0.65 32.60 ? 27  MSE B O   1 
HETATM 790  O  O   B MSE B 1 57  ? -17.709 -0.857  -7.006  0.35 32.13 ? 27  MSE B O   1 
HETATM 791  C  CB  A MSE B 1 57  ? -18.330 0.262   -10.026 0.65 35.36 ? 27  MSE B CB  1 
HETATM 792  C  CB  B MSE B 1 57  ? -18.496 0.403   -9.999  0.35 32.32 ? 27  MSE B CB  1 
HETATM 793  C  CG  A MSE B 1 57  ? -16.994 0.938   -9.769  0.65 39.04 ? 27  MSE B CG  1 
HETATM 794  C  CG  B MSE B 1 57  ? -17.739 0.389   -11.340 0.35 32.78 ? 27  MSE B CG  1 
HETATM 795  SE SE  A MSE B 1 57  ? -15.432 -0.180  -10.214 0.65 50.48 ? 27  MSE B SE  1 
HETATM 796  SE SE  B MSE B 1 57  ? -17.786 2.134   -12.283 0.35 35.42 ? 27  MSE B SE  1 
HETATM 797  C  CE  A MSE B 1 57  ? -14.111 0.689   -9.020  0.65 44.83 ? 27  MSE B CE  1 
HETATM 798  C  CE  B MSE B 1 57  ? -16.377 3.066   -11.348 0.35 33.69 ? 27  MSE B CE  1 
ATOM   799  N  N   . GLU B 1 58  ? -19.883 -0.303  -7.324  1.00 32.59 ? 28  GLU B N   1 
ATOM   800  C  CA  . GLU B 1 58  ? -20.177 -0.041  -5.902  1.00 32.98 ? 28  GLU B CA  1 
ATOM   801  C  C   . GLU B 1 58  ? -19.936 -1.286  -5.035  1.00 32.14 ? 28  GLU B C   1 
ATOM   802  O  O   . GLU B 1 58  ? -19.233 -1.231  -3.985  1.00 31.66 ? 28  GLU B O   1 
ATOM   803  C  CB  . GLU B 1 58  ? -21.609 0.454   -5.731  1.00 32.61 ? 28  GLU B CB  1 
ATOM   804  C  CG  . GLU B 1 58  ? -21.945 0.823   -4.301  1.00 34.51 ? 28  GLU B CG  1 
ATOM   805  C  CD  . GLU B 1 58  ? -23.425 1.127   -4.064  1.00 35.51 ? 28  GLU B CD  1 
ATOM   806  O  OE1 . GLU B 1 58  ? -24.170 1.446   -5.022  1.00 39.28 ? 28  GLU B OE1 1 
ATOM   807  O  OE2 . GLU B 1 58  ? -23.857 1.034   -2.885  1.00 41.28 ? 28  GLU B OE2 1 
ATOM   808  N  N   . ARG B 1 59  ? -20.451 -2.414  -5.515  1.00 31.62 ? 29  ARG B N   1 
ATOM   809  C  CA  . ARG B 1 59  ? -20.303 -3.694  -4.810  1.00 31.94 ? 29  ARG B CA  1 
ATOM   810  C  C   . ARG B 1 59  ? -18.858 -4.145  -4.699  1.00 32.11 ? 29  ARG B C   1 
ATOM   811  O  O   . ARG B 1 59  ? -18.432 -4.620  -3.634  1.00 31.42 ? 29  ARG B O   1 
ATOM   812  C  CB  . ARG B 1 59  ? -21.143 -4.806  -5.456  1.00 32.01 ? 29  ARG B CB  1 
ATOM   813  C  CG  . ARG B 1 59  ? -21.036 -6.123  -4.652  1.00 32.76 ? 29  ARG B CG  1 
ATOM   814  C  CD  . ARG B 1 59  ? -21.689 -7.317  -5.310  1.00 32.66 ? 29  ARG B CD  1 
ATOM   815  N  NE  . ARG B 1 59  ? -21.526 -7.375  -6.759  1.00 34.78 ? 29  ARG B NE  1 
ATOM   816  C  CZ  . ARG B 1 59  ? -20.415 -7.707  -7.406  1.00 34.52 ? 29  ARG B CZ  1 
ATOM   817  N  NH1 . ARG B 1 59  ? -19.298 -8.025  -6.766  1.00 37.65 ? 29  ARG B NH1 1 
ATOM   818  N  NH2 . ARG B 1 59  ? -20.423 -7.703  -8.728  1.00 35.80 ? 29  ARG B NH2 1 
ATOM   819  N  N   . VAL B 1 60  ? -18.119 -4.016  -5.788  1.00 31.91 ? 30  VAL B N   1 
ATOM   820  C  CA  . VAL B 1 60  ? -16.741 -4.440  -5.831  1.00 34.07 ? 30  VAL B CA  1 
ATOM   821  C  C   . VAL B 1 60  ? -15.868 -3.582  -4.906  1.00 34.20 ? 30  VAL B C   1 
ATOM   822  O  O   . VAL B 1 60  ? -15.040 -4.115  -4.148  1.00 33.97 ? 30  VAL B O   1 
ATOM   823  C  CB  . VAL B 1 60  ? -16.194 -4.462  -7.295  1.00 34.00 ? 30  VAL B CB  1 
ATOM   824  C  CG1 . VAL B 1 60  ? -14.691 -4.649  -7.309  1.00 35.29 ? 30  VAL B CG1 1 
ATOM   825  C  CG2 . VAL B 1 60  ? -16.851 -5.593  -8.082  1.00 33.93 ? 30  VAL B CG2 1 
ATOM   826  N  N   . GLN B 1 61  ? -16.046 -2.262  -4.963  1.00 35.12 ? 31  GLN B N   1 
ATOM   827  C  CA  . GLN B 1 61  ? -15.378 -1.382  -4.007  1.00 36.26 ? 31  GLN B CA  1 
ATOM   828  C  C   . GLN B 1 61  ? -15.577 -1.862  -2.575  1.00 36.34 ? 31  GLN B C   1 
ATOM   829  O  O   . GLN B 1 61  ? -14.586 -2.001  -1.843  1.00 37.18 ? 31  GLN B O   1 
ATOM   830  C  CB  . GLN B 1 61  ? -15.835 0.067   -4.151  1.00 37.06 ? 31  GLN B CB  1 
ATOM   831  C  CG  . GLN B 1 61  ? -15.012 0.894   -5.142  1.00 38.46 ? 31  GLN B CG  1 
ATOM   832  N  N   . GLU B 1 62  ? -16.823 -2.159  -2.192  1.00 35.95 ? 32  GLU B N   1 
ATOM   833  C  CA  . GLU B 1 62  ? -17.144 -2.633  -0.836  1.00 35.92 ? 32  GLU B CA  1 
ATOM   834  C  C   . GLU B 1 62  ? -16.434 -3.934  -0.490  1.00 36.19 ? 32  GLU B C   1 
ATOM   835  O  O   . GLU B 1 62  ? -15.887 -4.079  0.604   1.00 36.72 ? 32  GLU B O   1 
ATOM   836  C  CB  . GLU B 1 62  ? -18.655 -2.822  -0.638  1.00 35.75 ? 32  GLU B CB  1 
ATOM   837  N  N   . GLU B 1 63  ? -16.465 -4.889  -1.409  1.00 36.06 ? 33  GLU B N   1 
ATOM   838  C  CA  . GLU B 1 63  ? -15.865 -6.210  -1.164  1.00 36.07 ? 33  GLU B CA  1 
ATOM   839  C  C   . GLU B 1 63  ? -14.334 -6.163  -1.029  1.00 36.30 ? 33  GLU B C   1 
ATOM   840  O  O   . GLU B 1 63  ? -13.758 -6.912  -0.219  1.00 36.36 ? 33  GLU B O   1 
ATOM   841  C  CB  . GLU B 1 63  ? -16.238 -7.171  -2.293  1.00 35.60 ? 33  GLU B CB  1 
ATOM   842  C  CG  . GLU B 1 63  ? -17.696 -7.589  -2.302  1.00 36.36 ? 33  GLU B CG  1 
ATOM   843  C  CD  . GLU B 1 63  ? -18.092 -8.306  -3.592  1.00 35.63 ? 33  GLU B CD  1 
ATOM   844  O  OE1 . GLU B 1 63  ? -17.275 -8.349  -4.541  1.00 35.90 ? 33  GLU B OE1 1 
ATOM   845  O  OE2 . GLU B 1 63  ? -19.205 -8.851  -3.655  1.00 35.47 ? 33  GLU B OE2 1 
ATOM   846  N  N   . LEU B 1 64  ? -13.681 -5.299  -1.814  1.00 36.27 ? 34  LEU B N   1 
ATOM   847  C  CA  . LEU B 1 64  ? -12.209 -5.127  -1.752  1.00 36.86 ? 34  LEU B CA  1 
ATOM   848  C  C   . LEU B 1 64  ? -11.688 -4.606  -0.414  1.00 37.73 ? 34  LEU B C   1 
ATOM   849  O  O   . LEU B 1 64  ? -10.524 -4.840  -0.044  1.00 37.24 ? 34  LEU B O   1 
ATOM   850  C  CB  . LEU B 1 64  ? -11.723 -4.183  -2.864  1.00 37.29 ? 34  LEU B CB  1 
ATOM   851  C  CG  . LEU B 1 64  ? -11.712 -4.743  -4.291  1.00 37.47 ? 34  LEU B CG  1 
ATOM   852  C  CD1 . LEU B 1 64  ? -11.558 -3.622  -5.308  1.00 35.96 ? 34  LEU B CD1 1 
ATOM   853  C  CD2 . LEU B 1 64  ? -10.625 -5.802  -4.465  1.00 36.76 ? 34  LEU B CD2 1 
ATOM   854  N  N   . LYS B 1 65  ? -12.528 -3.909  0.331   1.00 38.40 ? 35  LYS B N   1 
ATOM   855  C  CA  . LYS B 1 65  ? -12.156 -3.453  1.666   1.00 38.92 ? 35  LYS B CA  1 
ATOM   856  C  C   . LYS B 1 65  ? -11.885 -4.606  2.631   1.00 38.34 ? 35  LYS B C   1 
ATOM   857  O  O   . LYS B 1 65  ? -11.013 -4.500  3.480   1.00 39.75 ? 35  LYS B O   1 
ATOM   858  C  CB  . LYS B 1 65  ? -13.232 -2.516  2.222   1.00 39.14 ? 35  LYS B CB  1 
ATOM   859  C  CG  . LYS B 1 65  ? -13.199 -1.124  1.572   1.00 40.88 ? 35  LYS B CG  1 
ATOM   860  C  CD  . LYS B 1 65  ? -14.587 -0.573  1.267   1.00 42.03 ? 35  LYS B CD  1 
ATOM   861  N  N   . GLU B 1 66  ? -12.613 -5.710  2.484   1.00 37.59 ? 36  GLU B N   1 
ATOM   862  C  CA  . GLU B 1 66  ? -12.483 -6.870  3.354   1.00 36.64 ? 36  GLU B CA  1 
ATOM   863  C  C   . GLU B 1 66  ? -11.728 -8.052  2.736   1.00 35.76 ? 36  GLU B C   1 
ATOM   864  O  O   . GLU B 1 66  ? -11.271 -8.914  3.465   1.00 36.40 ? 36  GLU B O   1 
ATOM   865  C  CB  . GLU B 1 66  ? -13.875 -7.359  3.772   1.00 36.88 ? 36  GLU B CB  1 
ATOM   866  N  N   . LYS B 1 67  ? -11.647 -8.126  1.407   1.00 34.07 ? 37  LYS B N   1 
ATOM   867  C  CA  . LYS B 1 67  ? -10.964 -9.222  0.757   1.00 33.88 ? 37  LYS B CA  1 
ATOM   868  C  C   . LYS B 1 67  ? -9.481  -9.020  1.084   1.00 32.69 ? 37  LYS B C   1 
ATOM   869  O  O   . LYS B 1 67  ? -9.024  -7.884  1.175   1.00 31.15 ? 37  LYS B O   1 
ATOM   870  C  CB  . LYS B 1 67  ? -11.128 -9.225  -0.766  1.00 33.30 ? 37  LYS B CB  1 
ATOM   871  C  CG  . LYS B 1 67  ? -12.426 -9.817  -1.322  1.00 36.69 ? 37  LYS B CG  1 
ATOM   872  C  CD  . LYS B 1 67  ? -12.201 -10.394 -2.747  1.00 36.61 ? 37  LYS B CD  1 
ATOM   873  C  CE  . LYS B 1 67  ? -13.412 -10.214 -3.647  1.00 40.98 ? 37  LYS B CE  1 
ATOM   874  N  NZ  . LYS B 1 67  ? -14.638 -10.979 -3.249  1.00 42.62 ? 37  LYS B NZ  1 
ATOM   875  N  N   . THR B 1 68  ? -8.770  -10.123 1.251   1.00 32.45 ? 38  THR B N   1 
ATOM   876  C  CA  . THR B 1 68  ? -7.338  -10.082 1.562   1.00 32.46 ? 38  THR B CA  1 
ATOM   877  C  C   . THR B 1 68  ? -6.499  -10.910 0.596   1.00 32.64 ? 38  THR B C   1 
ATOM   878  O  O   . THR B 1 68  ? -7.011  -11.803 -0.094  1.00 33.75 ? 38  THR B O   1 
ATOM   879  C  CB  . THR B 1 68  ? -7.057  -10.552 3.003   1.00 32.50 ? 38  THR B CB  1 
ATOM   880  O  OG1 . THR B 1 68  ? -7.472  -11.911 3.156   1.00 30.83 ? 38  THR B OG1 1 
ATOM   881  C  CG2 . THR B 1 68  ? -7.800  -9.658  4.040   1.00 32.76 ? 38  THR B CG2 1 
ATOM   882  N  N   . VAL B 1 69  ? -5.210  -10.581 0.555   1.00 31.28 ? 39  VAL B N   1 
ATOM   883  C  CA  . VAL B 1 69  ? -4.180  -11.371 -0.110  1.00 31.05 ? 39  VAL B CA  1 
ATOM   884  C  C   . VAL B 1 69  ? -3.057  -11.588 0.926   1.00 30.09 ? 39  VAL B C   1 
ATOM   885  O  O   . VAL B 1 69  ? -2.954  -10.853 1.909   1.00 28.42 ? 39  VAL B O   1 
ATOM   886  C  CB  . VAL B 1 69  ? -3.575  -10.657 -1.362  1.00 30.75 ? 39  VAL B CB  1 
ATOM   887  C  CG1 . VAL B 1 69  ? -4.581  -10.527 -2.524  1.00 32.48 ? 39  VAL B CG1 1 
ATOM   888  C  CG2 . VAL B 1 69  ? -3.056  -9.272  -1.002  1.00 32.88 ? 39  VAL B CG2 1 
ATOM   889  N  N   . GLU B 1 70  ? -2.238  -12.603 0.694   1.00 30.17 ? 40  GLU B N   1 
ATOM   890  C  CA  . GLU B 1 70  ? -1.161  -12.940 1.609   1.00 30.78 ? 40  GLU B CA  1 
ATOM   891  C  C   . GLU B 1 70  ? 0.136   -13.176 0.859   1.00 30.56 ? 40  GLU B C   1 
ATOM   892  O  O   . GLU B 1 70  ? 0.129   -13.715 -0.245  1.00 30.49 ? 40  GLU B O   1 
ATOM   893  C  CB  . GLU B 1 70  ? -1.550  -14.207 2.353   1.00 31.45 ? 40  GLU B CB  1 
ATOM   894  C  CG  . GLU B 1 70  ? -0.673  -14.565 3.511   1.00 33.64 ? 40  GLU B CG  1 
ATOM   895  C  CD  . GLU B 1 70  ? -1.122  -15.844 4.125   1.00 36.05 ? 40  GLU B CD  1 
ATOM   896  O  OE1 . GLU B 1 70  ? -2.120  -15.824 4.898   1.00 36.92 ? 40  GLU B OE1 1 
ATOM   897  O  OE2 . GLU B 1 70  ? -0.496  -16.871 3.799   1.00 36.59 ? 40  GLU B OE2 1 
ATOM   898  N  N   . ALA B 1 71  ? 1.249   -12.778 1.473   1.00 30.08 ? 41  ALA B N   1 
ATOM   899  C  CA  . ALA B 1 71  ? 2.562   -13.003 0.915   1.00 29.90 ? 41  ALA B CA  1 
ATOM   900  C  C   . ALA B 1 71  ? 3.539   -13.360 2.036   1.00 30.08 ? 41  ALA B C   1 
ATOM   901  O  O   . ALA B 1 71  ? 3.342   -12.991 3.197   1.00 29.09 ? 41  ALA B O   1 
ATOM   902  C  CB  . ALA B 1 71  ? 3.038   -11.776 0.167   1.00 30.38 ? 41  ALA B CB  1 
ATOM   903  N  N   . SER B 1 72  ? 4.587   -14.064 1.653   1.00 30.33 ? 42  SER B N   1 
ATOM   904  C  CA  . SER B 1 72  ? 5.551   -14.637 2.578   1.00 31.49 ? 42  SER B CA  1 
ATOM   905  C  C   . SER B 1 72  ? 6.993   -14.384 2.116   1.00 31.38 ? 42  SER B C   1 
ATOM   906  O  O   . SER B 1 72  ? 7.253   -14.210 0.918   1.00 32.30 ? 42  SER B O   1 
ATOM   907  C  CB  . SER B 1 72  ? 5.313   -16.150 2.623   1.00 31.54 ? 42  SER B CB  1 
ATOM   908  O  OG  . SER B 1 72  ? 5.423   -16.604 3.937   1.00 37.59 ? 42  SER B OG  1 
ATOM   909  N  N   . ALA B 1 73  ? 7.917   -14.353 3.075   1.00 31.04 ? 43  ALA B N   1 
ATOM   910  C  CA  . ALA B 1 73  ? 9.373   -14.374 2.815   1.00 30.80 ? 43  ALA B CA  1 
ATOM   911  C  C   . ALA B 1 73  ? 10.049  -15.206 3.875   1.00 30.60 ? 43  ALA B C   1 
ATOM   912  O  O   . ALA B 1 73  ? 9.449   -15.540 4.915   1.00 28.63 ? 43  ALA B O   1 
ATOM   913  C  CB  . ALA B 1 73  ? 9.991   -12.957 2.780   1.00 30.26 ? 43  ALA B CB  1 
ATOM   914  N  N   . GLY B 1 74  ? 11.315  -15.533 3.599   1.00 31.66 ? 44  GLY B N   1 
ATOM   915  C  CA  . GLY B 1 74  ? 12.137  -16.354 4.483   1.00 31.09 ? 44  GLY B CA  1 
ATOM   916  C  C   . GLY B 1 74  ? 11.573  -17.746 4.722   1.00 32.16 ? 44  GLY B C   1 
ATOM   917  O  O   . GLY B 1 74  ? 11.619  -18.245 5.832   1.00 31.19 ? 44  GLY B O   1 
ATOM   918  N  N   . GLY B 1 75  ? 11.007  -18.363 3.690   1.00 33.49 ? 45  GLY B N   1 
ATOM   919  C  CA  . GLY B 1 75  ? 10.498  -19.728 3.805   1.00 34.15 ? 45  GLY B CA  1 
ATOM   920  C  C   . GLY B 1 75  ? 9.269   -19.862 4.693   1.00 33.86 ? 45  GLY B C   1 
ATOM   921  O  O   . GLY B 1 75  ? 9.118   -20.870 5.394   1.00 34.20 ? 45  GLY B O   1 
ATOM   922  N  N   . GLY B 1 76  ? 8.412   -18.849 4.684   1.00 32.82 ? 46  GLY B N   1 
ATOM   923  C  CA  . GLY B 1 76  ? 7.257   -18.806 5.584   1.00 32.80 ? 46  GLY B CA  1 
ATOM   924  C  C   . GLY B 1 76  ? 7.504   -18.075 6.900   1.00 32.29 ? 46  GLY B C   1 
ATOM   925  O  O   . GLY B 1 76  ? 6.583   -17.890 7.681   1.00 32.89 ? 46  GLY B O   1 
ATOM   926  N  N   . ALA B 1 77  ? 8.740   -17.650 7.142   1.00 30.67 ? 47  ALA B N   1 
ATOM   927  C  CA  . ALA B 1 77  ? 9.098   -16.991 8.385   1.00 30.54 ? 47  ALA B CA  1 
ATOM   928  C  C   . ALA B 1 77  ? 8.436   -15.635 8.627   1.00 29.78 ? 47  ALA B C   1 
ATOM   929  O  O   . ALA B 1 77  ? 8.223   -15.269 9.767   1.00 30.42 ? 47  ALA B O   1 
ATOM   930  C  CB  . ALA B 1 77  ? 10.610  -16.834 8.469   1.00 30.64 ? 47  ALA B CB  1 
ATOM   931  N  N   . VAL B 1 78  ? 8.138   -14.872 7.575   1.00 29.70 ? 48  VAL B N   1 
ATOM   932  C  CA  . VAL B 1 78  ? 7.423   -13.607 7.711   1.00 28.25 ? 48  VAL B CA  1 
ATOM   933  C  C   . VAL B 1 78  ? 6.246   -13.698 6.746   1.00 28.91 ? 48  VAL B C   1 
ATOM   934  O  O   . VAL B 1 78  ? 6.468   -13.982 5.555   1.00 29.08 ? 48  VAL B O   1 
ATOM   935  C  CB  . VAL B 1 78  ? 8.351   -12.412 7.370   1.00 29.24 ? 48  VAL B CB  1 
ATOM   936  C  CG1 . VAL B 1 78  ? 7.624   -11.101 7.270   1.00 29.02 ? 48  VAL B CG1 1 
ATOM   937  C  CG2 . VAL B 1 78  ? 9.510   -12.324 8.406   1.00 27.18 ? 48  VAL B CG2 1 
ATOM   938  N  N   . THR B 1 79  ? 5.024   -13.469 7.250   1.00 27.94 ? 49  THR B N   1 
ATOM   939  C  CA  . THR B 1 79  ? 3.799   -13.562 6.422   1.00 27.91 ? 49  THR B CA  1 
ATOM   940  C  C   . THR B 1 79  ? 3.015   -12.254 6.619   1.00 27.20 ? 49  THR B C   1 
ATOM   941  O  O   . THR B 1 79  ? 2.783   -11.804 7.749   1.00 26.96 ? 49  THR B O   1 
ATOM   942  C  CB  . THR B 1 79  ? 2.967   -14.821 6.792   1.00 28.31 ? 49  THR B CB  1 
ATOM   943  O  OG1 . THR B 1 79  ? 3.770   -15.999 6.606   1.00 31.93 ? 49  THR B OG1 1 
ATOM   944  C  CG2 . THR B 1 79  ? 1.682   -14.982 5.954   1.00 28.21 ? 49  THR B CG2 1 
ATOM   945  N  N   . VAL B 1 80  ? 2.626   -11.645 5.513   1.00 28.02 ? 50  VAL B N   1 
ATOM   946  C  CA  . VAL B 1 80  ? 1.909   -10.385 5.536   1.00 28.05 ? 50  VAL B CA  1 
ATOM   947  C  C   . VAL B 1 80  ? 0.543   -10.583 4.836   1.00 28.51 ? 50  VAL B C   1 
ATOM   948  O  O   . VAL B 1 80  ? 0.467   -11.181 3.760   1.00 29.61 ? 50  VAL B O   1 
ATOM   949  C  CB  . VAL B 1 80  ? 2.720   -9.240  4.847   1.00 28.60 ? 50  VAL B CB  1 
ATOM   950  C  CG1 . VAL B 1 80  ? 1.905   -7.914  4.837   1.00 29.67 ? 50  VAL B CG1 1 
ATOM   951  C  CG2 . VAL B 1 80  ? 4.065   -9.052  5.533   1.00 29.16 ? 50  VAL B CG2 1 
ATOM   952  N  N   . VAL B 1 81  ? -0.501  -10.092 5.482   1.00 27.28 ? 51  VAL B N   1 
ATOM   953  C  CA  . VAL B 1 81  ? -1.866  -10.115 4.946   1.00 27.83 ? 51  VAL B CA  1 
ATOM   954  C  C   . VAL B 1 81  ? -2.265  -8.642  4.691   1.00 27.52 ? 51  VAL B C   1 
ATOM   955  O  O   . VAL B 1 81  ? -2.196  -7.784  5.588   1.00 27.55 ? 51  VAL B O   1 
ATOM   956  C  CB  . VAL B 1 81  ? -2.825  -10.773 5.948   1.00 28.30 ? 51  VAL B CB  1 
ATOM   957  C  CG1 . VAL B 1 81  ? -4.279  -10.766 5.441   1.00 28.48 ? 51  VAL B CG1 1 
ATOM   958  C  CG2 . VAL B 1 81  ? -2.365  -12.193 6.307   1.00 28.86 ? 51  VAL B CG2 1 
ATOM   959  N  N   . ALA B 1 82  ? -2.682  -8.339  3.472   1.00 28.13 ? 52  ALA B N   1 
ATOM   960  C  CA  . ALA B 1 82  ? -3.135  -6.985  3.160   1.00 28.36 ? 52  ALA B CA  1 
ATOM   961  C  C   . ALA B 1 82  ? -4.532  -7.082  2.532   1.00 29.45 ? 52  ALA B C   1 
ATOM   962  O  O   . ALA B 1 82  ? -4.854  -8.097  1.923   1.00 29.38 ? 52  ALA B O   1 
ATOM   963  C  CB  . ALA B 1 82  ? -2.166  -6.303  2.190   1.00 28.29 ? 52  ALA B CB  1 
ATOM   964  N  N   . THR B 1 83  ? -5.326  -6.030  2.697   1.00 30.78 ? 53  THR B N   1 
ATOM   965  C  CA  . THR B 1 83  ? -6.653  -5.967  2.084   1.00 31.73 ? 53  THR B CA  1 
ATOM   966  C  C   . THR B 1 83  ? -6.604  -5.438  0.663   1.00 32.21 ? 53  THR B C   1 
ATOM   967  O  O   . THR B 1 83  ? -5.586  -4.942  0.193   1.00 31.66 ? 53  THR B O   1 
ATOM   968  C  CB  . THR B 1 83  ? -7.600  -5.072  2.891   1.00 31.84 ? 53  THR B CB  1 
ATOM   969  O  OG1 . THR B 1 83  ? -7.200  -3.707  2.744   1.00 32.55 ? 53  THR B OG1 1 
ATOM   970  C  CG2 . THR B 1 83  ? -7.637  -5.470  4.375   1.00 34.23 ? 53  THR B CG2 1 
ATOM   971  N  N   . GLY B 1 84  ? -7.739  -5.485  -0.032  1.00 33.17 ? 54  GLY B N   1 
ATOM   972  C  CA  . GLY B 1 84  ? -7.815  -4.860  -1.324  1.00 34.12 ? 54  GLY B CA  1 
ATOM   973  C  C   . GLY B 1 84  ? -7.644  -3.343  -1.320  1.00 35.13 ? 54  GLY B C   1 
ATOM   974  O  O   . GLY B 1 84  ? -7.437  -2.751  -2.385  1.00 37.19 ? 54  GLY B O   1 
ATOM   975  N  N   . ARG B 1 85  ? -7.723  -2.692  -0.160  1.00 35.18 ? 55  ARG B N   1 
ATOM   976  C  CA  . ARG B 1 85  ? -7.395  -1.276  -0.093  1.00 35.68 ? 55  ARG B CA  1 
ATOM   977  C  C   . ARG B 1 85  ? -5.963  -1.003  0.365   1.00 35.63 ? 55  ARG B C   1 
ATOM   978  O  O   . ARG B 1 85  ? -5.641  0.120   0.703   1.00 34.51 ? 55  ARG B O   1 
ATOM   979  C  CB  . ARG B 1 85  ? -8.404  -0.524  0.773   1.00 36.07 ? 55  ARG B CB  1 
ATOM   980  C  CG  . ARG B 1 85  ? -9.782  -0.459  0.119   1.00 37.84 ? 55  ARG B CG  1 
ATOM   981  N  N   . LYS B 1 86  ? -5.118  -2.028  0.307   1.00 36.11 ? 56  LYS B N   1 
ATOM   982  C  CA  . LYS B 1 86  ? -3.733  -1.974  0.789   1.00 37.91 ? 56  LYS B CA  1 
ATOM   983  C  C   . LYS B 1 86  ? -3.609  -1.555  2.249   1.00 36.97 ? 56  LYS B C   1 
ATOM   984  O  O   . LYS B 1 86  ? -2.665  -0.880  2.627   1.00 38.82 ? 56  LYS B O   1 
ATOM   985  C  CB  . LYS B 1 86  ? -2.850  -1.121  -0.134  1.00 37.88 ? 56  LYS B CB  1 
ATOM   986  C  CG  . LYS B 1 86  ? -2.682  -1.773  -1.528  1.00 39.94 ? 56  LYS B CG  1 
ATOM   987  C  CD  . LYS B 1 86  ? -2.366  -0.820  -2.668  1.00 40.91 ? 56  LYS B CD  1 
ATOM   988  C  CE  . LYS B 1 86  ? -0.939  -0.964  -3.171  1.00 42.52 ? 56  LYS B CE  1 
ATOM   989  N  NZ  . LYS B 1 86  ? -0.732  -0.027  -4.324  1.00 43.44 ? 56  LYS B NZ  1 
ATOM   990  N  N   . ASP B 1 87  ? -4.537  -1.991  3.079   1.00 36.92 ? 57  ASP B N   1 
ATOM   991  C  CA  . ASP B 1 87  ? -4.394  -1.835  4.532   1.00 36.60 ? 57  ASP B CA  1 
ATOM   992  C  C   . ASP B 1 87  ? -3.577  -3.074  4.849   1.00 35.76 ? 57  ASP B C   1 
ATOM   993  O  O   . ASP B 1 87  ? -3.832  -4.120  4.263   1.00 35.16 ? 57  ASP B O   1 
ATOM   994  C  CB  . ASP B 1 87  ? -5.788  -1.863  5.183   1.00 37.43 ? 57  ASP B CB  1 
ATOM   995  C  CG  . ASP B 1 87  ? -5.798  -1.451  6.680   1.00 40.52 ? 57  ASP B CG  1 
ATOM   996  O  OD1 . ASP B 1 87  ? -4.751  -1.209  7.307   1.00 42.91 ? 57  ASP B OD1 1 
ATOM   997  O  OD2 . ASP B 1 87  ? -6.912  -1.373  7.242   1.00 44.80 ? 57  ASP B OD2 1 
ATOM   998  N  N   . ILE B 1 88  ? -2.589  -2.980  5.738   1.00 33.80 ? 58  ILE B N   1 
ATOM   999  C  CA  . ILE B 1 88  ? -1.953  -4.209  6.231   1.00 33.00 ? 58  ILE B CA  1 
ATOM   1000 C  C   . ILE B 1 88  ? -2.758  -4.715  7.446   1.00 31.54 ? 58  ILE B C   1 
ATOM   1001 O  O   . ILE B 1 88  ? -2.916  -4.011  8.435   1.00 31.45 ? 58  ILE B O   1 
ATOM   1002 C  CB  . ILE B 1 88  ? -0.421  -4.046  6.557   1.00 33.18 ? 58  ILE B CB  1 
ATOM   1003 C  CG1 . ILE B 1 88  ? 0.351   -3.415  5.391   1.00 35.59 ? 58  ILE B CG1 1 
ATOM   1004 C  CG2 . ILE B 1 88  ? 0.205   -5.427  6.887   1.00 33.28 ? 58  ILE B CG2 1 
ATOM   1005 C  CD1 . ILE B 1 88  ? 0.395   -4.228  4.091   1.00 37.24 ? 58  ILE B CD1 1 
ATOM   1006 N  N   . LYS B 1 89  ? -3.332  -5.904  7.317   1.00 30.19 ? 59  LYS B N   1 
ATOM   1007 C  CA  . LYS B 1 89  ? -4.162  -6.492  8.353   1.00 30.25 ? 59  LYS B CA  1 
ATOM   1008 C  C   . LYS B 1 89  ? -3.344  -7.226  9.420   1.00 29.14 ? 59  LYS B C   1 
ATOM   1009 O  O   . LYS B 1 89  ? -3.660  -7.165  10.591  1.00 26.00 ? 59  LYS B O   1 
ATOM   1010 C  CB  . LYS B 1 89  ? -5.176  -7.453  7.703   1.00 30.80 ? 59  LYS B CB  1 
ATOM   1011 C  CG  . LYS B 1 89  ? -6.280  -8.000  8.606   1.00 32.60 ? 59  LYS B CG  1 
ATOM   1012 C  CD  . LYS B 1 89  ? -7.070  -9.109  7.873   1.00 32.77 ? 59  LYS B CD  1 
ATOM   1013 C  CE  . LYS B 1 89  ? -8.459  -9.365  8.472   1.00 34.36 ? 59  LYS B CE  1 
ATOM   1014 N  N   . GLU B 1 90  ? -2.317  -7.957  9.000   1.00 28.54 ? 60  GLU B N   1 
ATOM   1015 C  CA  . GLU B 1 90  ? -1.576  -8.806  9.942   1.00 30.33 ? 60  GLU B CA  1 
ATOM   1016 C  C   . GLU B 1 90  ? -0.162  -9.000  9.434   1.00 29.48 ? 60  GLU B C   1 
ATOM   1017 O  O   . GLU B 1 90  ? 0.056   -9.088  8.222   1.00 29.80 ? 60  GLU B O   1 
ATOM   1018 C  CB  . GLU B 1 90  ? -2.314  -10.154 10.086  1.00 30.24 ? 60  GLU B CB  1 
ATOM   1019 C  CG  . GLU B 1 90  ? -1.748  -11.155 11.077  1.00 33.34 ? 60  GLU B CG  1 
ATOM   1020 N  N   . ILE B 1 91  ? 0.794   -9.057  10.371  1.00 30.38 ? 61  ILE B N   1 
ATOM   1021 C  CA  . ILE B 1 91  ? 2.153   -9.496  10.082  1.00 30.18 ? 61  ILE B CA  1 
ATOM   1022 C  C   . ILE B 1 91  ? 2.460   -10.596 11.118  1.00 30.22 ? 61  ILE B C   1 
ATOM   1023 O  O   . ILE B 1 91  ? 2.233   -10.411 12.312  1.00 30.19 ? 61  ILE B O   1 
ATOM   1024 C  CB  . ILE B 1 91  ? 3.187   -8.335  10.177  1.00 30.28 ? 61  ILE B CB  1 
ATOM   1025 C  CG1 . ILE B 1 91  ? 2.842   -7.223  9.166   1.00 31.77 ? 61  ILE B CG1 1 
ATOM   1026 C  CG2 . ILE B 1 91  ? 4.630   -8.830  9.900   1.00 31.41 ? 61  ILE B CG2 1 
ATOM   1027 C  CD1 . ILE B 1 91  ? 3.543   -5.900  9.376   1.00 32.49 ? 61  ILE B CD1 1 
ATOM   1028 N  N   . THR B 1 92  ? 2.881   -11.755 10.643  1.00 29.24 ? 62  THR B N   1 
ATOM   1029 C  CA  . THR B 1 92  ? 3.258   -12.869 11.520  1.00 29.36 ? 62  THR B CA  1 
ATOM   1030 C  C   . THR B 1 92  ? 4.735   -13.156 11.305  1.00 28.68 ? 62  THR B C   1 
ATOM   1031 O  O   . THR B 1 92  ? 5.175   -13.392 10.164  1.00 28.25 ? 62  THR B O   1 
ATOM   1032 C  CB  . THR B 1 92  ? 2.414   -14.113 11.207  1.00 29.40 ? 62  THR B CB  1 
ATOM   1033 O  OG1 . THR B 1 92  ? 1.026   -13.769 11.290  1.00 29.87 ? 62  THR B OG1 1 
ATOM   1034 C  CG2 . THR B 1 92  ? 2.731   -15.265 12.155  1.00 30.85 ? 62  THR B CG2 1 
ATOM   1035 N  N   . ILE B 1 93  ? 5.495   -13.118 12.406  1.00 28.01 ? 63  ILE B N   1 
ATOM   1036 C  CA  . ILE B 1 93  ? 6.947   -13.285 12.363  1.00 27.60 ? 63  ILE B CA  1 
ATOM   1037 C  C   . ILE B 1 93  ? 7.322   -14.473 13.232  1.00 27.71 ? 63  ILE B C   1 
ATOM   1038 O  O   . ILE B 1 93  ? 7.065   -14.483 14.444  1.00 27.79 ? 63  ILE B O   1 
ATOM   1039 C  CB  . ILE B 1 93  ? 7.661   -12.027 12.887  1.00 27.83 ? 63  ILE B CB  1 
ATOM   1040 C  CG1 . ILE B 1 93  ? 7.328   -10.819 12.026  1.00 27.46 ? 63  ILE B CG1 1 
ATOM   1041 C  CG2 . ILE B 1 93  ? 9.193   -12.204 12.887  1.00 28.61 ? 63  ILE B CG2 1 
ATOM   1042 C  CD1 . ILE B 1 93  ? 7.577   -9.506  12.693  1.00 28.49 ? 63  ILE B CD1 1 
ATOM   1043 N  N   . LYS B 1 94  ? 7.915   -15.486 12.614  1.00 27.36 ? 64  LYS B N   1 
ATOM   1044 C  CA  . LYS B 1 94  ? 8.436   -16.645 13.366  1.00 27.42 ? 64  LYS B CA  1 
ATOM   1045 C  C   . LYS B 1 94  ? 9.756   -16.337 14.099  1.00 26.48 ? 64  LYS B C   1 
ATOM   1046 O  O   . LYS B 1 94  ? 10.650  -15.664 13.555  1.00 25.24 ? 64  LYS B O   1 
ATOM   1047 C  CB  . LYS B 1 94  ? 8.560   -17.854 12.440  1.00 27.45 ? 64  LYS B CB  1 
ATOM   1048 C  CG  . LYS B 1 94  ? 7.210   -18.314 11.873  1.00 28.31 ? 64  LYS B CG  1 
ATOM   1049 C  CD  . LYS B 1 94  ? 7.380   -19.577 11.053  1.00 30.63 ? 64  LYS B CD  1 
ATOM   1050 C  CE  . LYS B 1 94  ? 6.085   -20.024 10.352  1.00 33.84 ? 64  LYS B CE  1 
ATOM   1051 N  NZ  . LYS B 1 94  ? 6.277   -21.326 9.644   1.00 35.39 ? 64  LYS B NZ  1 
ATOM   1052 N  N   . PRO B 1 95  ? 9.883   -16.814 15.355  1.00 26.17 ? 65  PRO B N   1 
ATOM   1053 C  CA  . PRO B 1 95  ? 11.062  -16.499 16.151  1.00 26.19 ? 65  PRO B CA  1 
ATOM   1054 C  C   . PRO B 1 95  ? 12.388  -16.954 15.533  1.00 26.28 ? 65  PRO B C   1 
ATOM   1055 O  O   . PRO B 1 95  ? 13.408  -16.387 15.857  1.00 27.21 ? 65  PRO B O   1 
ATOM   1056 C  CB  . PRO B 1 95  ? 10.814  -17.227 17.494  1.00 26.64 ? 65  PRO B CB  1 
ATOM   1057 C  CG  . PRO B 1 95  ? 9.711   -18.167 17.256  1.00 26.41 ? 65  PRO B CG  1 
ATOM   1058 C  CD  . PRO B 1 95  ? 8.917   -17.646 16.093  1.00 26.23 ? 65  PRO B CD  1 
ATOM   1059 N  N   . GLU B 1 96  ? 12.381  -17.971 14.676  1.00 26.89 ? 66  GLU B N   1 
ATOM   1060 C  CA  . GLU B 1 96  ? 13.613  -18.369 13.982  1.00 27.76 ? 66  GLU B CA  1 
ATOM   1061 C  C   . GLU B 1 96  ? 14.303  -17.245 13.223  1.00 27.23 ? 66  GLU B C   1 
ATOM   1062 O  O   . GLU B 1 96  ? 15.487  -17.358 12.965  1.00 26.69 ? 66  GLU B O   1 
ATOM   1063 C  CB  . GLU B 1 96  ? 13.399  -19.539 13.029  1.00 28.54 ? 66  GLU B CB  1 
ATOM   1064 C  CG  . GLU B 1 96  ? 12.154  -19.487 12.159  1.00 30.67 ? 66  GLU B CG  1 
ATOM   1065 C  CD  . GLU B 1 96  ? 11.007  -20.299 12.760  1.00 32.91 ? 66  GLU B CD  1 
ATOM   1066 O  OE1 . GLU B 1 96  ? 10.700  -20.131 13.986  1.00 32.75 ? 66  GLU B OE1 1 
ATOM   1067 O  OE2 . GLU B 1 96  ? 10.449  -21.136 12.017  1.00 35.61 ? 66  GLU B OE2 1 
ATOM   1068 N  N   . VAL B 1 97  ? 13.596  -16.168 12.856  1.00 26.51 ? 67  VAL B N   1 
ATOM   1069 C  CA  . VAL B 1 97  ? 14.262  -15.029 12.170  1.00 26.92 ? 67  VAL B CA  1 
ATOM   1070 C  C   . VAL B 1 97  ? 14.386  -13.771 13.051  1.00 27.48 ? 67  VAL B C   1 
ATOM   1071 O  O   . VAL B 1 97  ? 14.613  -12.659 12.554  1.00 29.08 ? 67  VAL B O   1 
ATOM   1072 C  CB  . VAL B 1 97  ? 13.567  -14.698 10.824  1.00 26.84 ? 67  VAL B CB  1 
ATOM   1073 C  CG1 . VAL B 1 97  ? 13.741  -15.839 9.829   1.00 26.93 ? 67  VAL B CG1 1 
ATOM   1074 C  CG2 . VAL B 1 97  ? 12.080  -14.349 11.014  1.00 26.23 ? 67  VAL B CG2 1 
ATOM   1075 N  N   . VAL B 1 98  ? 14.216  -13.953 14.365  1.00 28.55 ? 68  VAL B N   1 
ATOM   1076 C  CA  . VAL B 1 98  ? 14.220  -12.837 15.304  1.00 29.28 ? 68  VAL B CA  1 
ATOM   1077 C  C   . VAL B 1 98  ? 15.478  -12.975 16.168  1.00 30.10 ? 68  VAL B C   1 
ATOM   1078 O  O   . VAL B 1 98  ? 15.515  -13.811 17.086  1.00 29.07 ? 68  VAL B O   1 
ATOM   1079 C  CB  . VAL B 1 98  ? 12.914  -12.757 16.121  1.00 29.69 ? 68  VAL B CB  1 
ATOM   1080 C  CG1 . VAL B 1 98  ? 12.887  -11.516 17.022  1.00 30.66 ? 68  VAL B CG1 1 
ATOM   1081 C  CG2 . VAL B 1 98  ? 11.725  -12.692 15.181  1.00 28.98 ? 68  VAL B CG2 1 
ATOM   1082 N  N   . ASP B 1 99  ? 16.486  -12.175 15.798  1.00 30.87 ? 69  ASP B N   1 
ATOM   1083 C  CA  . ASP B 1 99  ? 17.800  -12.132 16.453  1.00 31.90 ? 69  ASP B CA  1 
ATOM   1084 C  C   . ASP B 1 99  ? 18.229  -10.673 16.542  1.00 31.30 ? 69  ASP B C   1 
ATOM   1085 O  O   . ASP B 1 99  ? 18.422  -10.023 15.523  1.00 30.62 ? 69  ASP B O   1 
ATOM   1086 C  CB  . ASP B 1 99  ? 18.843  -12.882 15.620  1.00 32.61 ? 69  ASP B CB  1 
ATOM   1087 C  CG  . ASP B 1 99  ? 20.187  -13.014 16.335  1.00 35.66 ? 69  ASP B CG  1 
ATOM   1088 O  OD1 . ASP B 1 99  ? 20.395  -12.330 17.362  1.00 36.84 ? 69  ASP B OD1 1 
ATOM   1089 O  OD2 . ASP B 1 99  ? 21.024  -13.838 15.883  1.00 40.27 ? 69  ASP B OD2 1 
ATOM   1090 N  N   . PRO B 1 100 ? 18.395  -10.152 17.770  1.00 31.89 ? 70  PRO B N   1 
ATOM   1091 C  CA  . PRO B 1 100 ? 18.837  -8.769  17.891  1.00 31.20 ? 70  PRO B CA  1 
ATOM   1092 C  C   . PRO B 1 100 ? 20.262  -8.537  17.403  1.00 30.96 ? 70  PRO B C   1 
ATOM   1093 O  O   . PRO B 1 100 ? 20.630  -7.397  17.185  1.00 31.60 ? 70  PRO B O   1 
ATOM   1094 C  CB  . PRO B 1 100 ? 18.676  -8.468  19.385  1.00 31.49 ? 70  PRO B CB  1 
ATOM   1095 C  CG  . PRO B 1 100 ? 18.707  -9.770  20.065  1.00 32.22 ? 70  PRO B CG  1 
ATOM   1096 C  CD  . PRO B 1 100 ? 18.144  -10.779 19.084  1.00 32.31 ? 70  PRO B CD  1 
ATOM   1097 N  N   . ASP B 1 101 ? 21.034  -9.591  17.177  1.00 30.73 ? 71  ASP B N   1 
ATOM   1098 C  CA  . ASP B 1 101 ? 22.349  -9.445  16.589  1.00 31.87 ? 71  ASP B CA  1 
ATOM   1099 C  C   . ASP B 1 101 ? 22.294  -9.424  15.064  1.00 32.38 ? 71  ASP B C   1 
ATOM   1100 O  O   . ASP B 1 101 ? 23.320  -9.259  14.424  1.00 32.12 ? 71  ASP B O   1 
ATOM   1101 C  CB  . ASP B 1 101 ? 23.287  -10.563 17.070  1.00 32.62 ? 71  ASP B CB  1 
ATOM   1102 C  CG  . ASP B 1 101 ? 23.468  -10.547 18.598  1.00 36.99 ? 71  ASP B CG  1 
ATOM   1103 O  OD1 . ASP B 1 101 ? 23.381  -9.452  19.213  1.00 42.45 ? 71  ASP B OD1 1 
ATOM   1104 O  OD2 . ASP B 1 101 ? 23.644  -11.633 19.190  1.00 41.20 ? 71  ASP B OD2 1 
ATOM   1105 N  N   . ASP B 1 102 ? 21.096  -9.557  14.492  1.00 32.41 ? 72  ASP B N   1 
ATOM   1106 C  CA  . ASP B 1 102 ? 20.954  -9.559  13.029  1.00 32.85 ? 72  ASP B CA  1 
ATOM   1107 C  C   . ASP B 1 102 ? 19.625  -8.944  12.651  1.00 33.03 ? 72  ASP B C   1 
ATOM   1108 O  O   . ASP B 1 102 ? 18.756  -9.630  12.074  1.00 33.85 ? 72  ASP B O   1 
ATOM   1109 C  CB  . ASP B 1 102 ? 21.076  -10.989 12.460  1.00 33.25 ? 72  ASP B CB  1 
ATOM   1110 C  CG  . ASP B 1 102 ? 21.256  -11.008 10.919  1.00 34.00 ? 72  ASP B CG  1 
ATOM   1111 O  OD1 . ASP B 1 102 ? 21.205  -9.921  10.279  1.00 37.81 ? 72  ASP B OD1 1 
ATOM   1112 O  OD2 . ASP B 1 102 ? 21.426  -12.109 10.347  1.00 35.02 ? 72  ASP B OD2 1 
ATOM   1113 N  N   . VAL B 1 103 ? 19.461  -7.654  12.968  1.00 32.23 ? 73  VAL B N   1 
ATOM   1114 C  CA  . VAL B 1 103 ? 18.229  -6.951  12.615  1.00 32.03 ? 73  VAL B CA  1 
ATOM   1115 C  C   . VAL B 1 103 ? 18.036  -6.800  11.124  1.00 32.52 ? 73  VAL B C   1 
ATOM   1116 O  O   . VAL B 1 103 ? 16.896  -6.576  10.712  1.00 30.15 ? 73  VAL B O   1 
ATOM   1117 C  CB  . VAL B 1 103 ? 18.071  -5.517  13.255  1.00 31.84 ? 73  VAL B CB  1 
ATOM   1118 C  CG1 . VAL B 1 103 ? 18.116  -5.569  14.772  1.00 31.09 ? 73  VAL B CG1 1 
ATOM   1119 C  CG2 . VAL B 1 103 ? 19.093  -4.548  12.719  1.00 33.18 ? 73  VAL B CG2 1 
ATOM   1120 N  N   . GLU B 1 104 ? 19.111  -6.921  10.330  1.00 31.72 ? 74  GLU B N   1 
ATOM   1121 C  CA  . GLU B 1 104 ? 19.034  -6.780  8.850   1.00 33.72 ? 74  GLU B CA  1 
ATOM   1122 C  C   . GLU B 1 104 ? 18.245  -7.916  8.213   1.00 33.26 ? 74  GLU B C   1 
ATOM   1123 O  O   . GLU B 1 104 ? 17.476  -7.688  7.257   1.00 32.93 ? 74  GLU B O   1 
ATOM   1124 C  CB  . GLU B 1 104 ? 20.440  -6.739  8.235   1.00 35.16 ? 74  GLU B CB  1 
ATOM   1125 C  CG  . GLU B 1 104 ? 21.268  -5.465  8.479   1.00 38.02 ? 74  GLU B CG  1 
ATOM   1126 C  CD  . GLU B 1 104 ? 21.675  -5.213  9.946   1.00 42.99 ? 74  GLU B CD  1 
ATOM   1127 O  OE1 . GLU B 1 104 ? 21.886  -6.191  10.755  1.00 40.55 ? 74  GLU B OE1 1 
ATOM   1128 O  OE2 . GLU B 1 104 ? 21.762  -3.982  10.266  1.00 45.05 ? 74  GLU B OE2 1 
HETATM 1129 N  N   . MSE B 1 105 ? 18.405  -9.129  8.739   1.00 32.30 ? 75  MSE B N   1 
HETATM 1130 C  CA  . MSE B 1 105 ? 17.583  -10.280 8.340   1.00 34.03 ? 75  MSE B CA  1 
HETATM 1131 C  C   . MSE B 1 105 ? 16.092  -9.988  8.393   1.00 32.38 ? 75  MSE B C   1 
HETATM 1132 O  O   . MSE B 1 105 ? 15.353  -10.221 7.415   1.00 31.93 ? 75  MSE B O   1 
HETATM 1133 C  CB  . MSE B 1 105 ? 17.878  -11.488 9.237   1.00 33.39 ? 75  MSE B CB  1 
HETATM 1134 C  CG  . MSE B 1 105 ? 16.883  -12.635 9.106   1.00 33.94 ? 75  MSE B CG  1 
HETATM 1135 SE SE  . MSE B 1 105 ? 17.456  -14.257 9.952   1.00 44.91 ? 75  MSE B SE  1 
HETATM 1136 C  CE  . MSE B 1 105 ? 18.077  -13.578 11.698  1.00 46.15 ? 75  MSE B CE  1 
ATOM   1137 N  N   . LEU B 1 106 ? 15.665  -9.459  9.527   1.00 31.05 ? 76  LEU B N   1 
ATOM   1138 C  CA  . LEU B 1 106 ? 14.265  -9.117  9.736   1.00 32.36 ? 76  LEU B CA  1 
ATOM   1139 C  C   . LEU B 1 106 ? 13.816  -7.958  8.861   1.00 30.62 ? 76  LEU B C   1 
ATOM   1140 O  O   . LEU B 1 106 ? 12.759  -8.055  8.266   1.00 29.75 ? 76  LEU B O   1 
ATOM   1141 C  CB  . LEU B 1 106 ? 13.936  -8.861  11.216  1.00 33.53 ? 76  LEU B CB  1 
ATOM   1142 C  CG  . LEU B 1 106 ? 12.434  -9.139  11.521  1.00 37.34 ? 76  LEU B CG  1 
ATOM   1143 C  CD1 . LEU B 1 106 ? 12.259  -10.600 11.820  1.00 39.22 ? 76  LEU B CD1 1 
ATOM   1144 C  CD2 . LEU B 1 106 ? 11.900  -8.357  12.687  1.00 39.56 ? 76  LEU B CD2 1 
ATOM   1145 N  N   . GLN B 1 107 ? 14.611  -6.889  8.779   1.00 29.93 ? 77  GLN B N   1 
ATOM   1146 C  CA  . GLN B 1 107 ? 14.284  -5.740  7.917   1.00 29.10 ? 77  GLN B CA  1 
ATOM   1147 C  C   . GLN B 1 107 ? 14.018  -6.206  6.476   1.00 29.42 ? 77  GLN B C   1 
ATOM   1148 O  O   . GLN B 1 107 ? 12.991  -5.838  5.834   1.00 27.12 ? 77  GLN B O   1 
ATOM   1149 C  CB  . GLN B 1 107 ? 15.426  -4.721  7.963   1.00 29.92 ? 77  GLN B CB  1 
ATOM   1150 C  CG  . GLN B 1 107 ? 15.618  -4.045  9.328   1.00 28.63 ? 77  GLN B CG  1 
ATOM   1151 C  CD  . GLN B 1 107 ? 16.838  -3.128  9.460   1.00 29.35 ? 77  GLN B CD  1 
ATOM   1152 O  OE1 . GLN B 1 107 ? 16.979  -2.452  10.493  1.00 27.56 ? 77  GLN B OE1 1 
ATOM   1153 N  NE2 . GLN B 1 107 ? 17.700  -3.074  8.431   1.00 29.05 ? 77  GLN B NE2 1 
ATOM   1154 N  N   . ASP B 1 108 ? 14.946  -7.021  6.002   1.00 28.50 ? 78  ASP B N   1 
ATOM   1155 C  CA  . ASP B 1 108 ? 14.948  -7.539  4.631   1.00 29.06 ? 78  ASP B CA  1 
ATOM   1156 C  C   . ASP B 1 108 ? 13.718  -8.391  4.323   1.00 27.75 ? 78  ASP B C   1 
ATOM   1157 O  O   . ASP B 1 108 ? 13.080  -8.196  3.290   1.00 27.52 ? 78  ASP B O   1 
ATOM   1158 C  CB  . ASP B 1 108 ? 16.208  -8.370  4.372   1.00 28.75 ? 78  ASP B CB  1 
ATOM   1159 C  CG  . ASP B 1 108 ? 17.474  -7.524  4.160   1.00 29.99 ? 78  ASP B CG  1 
ATOM   1160 O  OD1 . ASP B 1 108 ? 17.409  -6.270  4.058   1.00 31.38 ? 78  ASP B OD1 1 
ATOM   1161 O  OD2 . ASP B 1 108 ? 18.575  -8.160  4.099   1.00 32.33 ? 78  ASP B OD2 1 
ATOM   1162 N  N   . LEU B 1 109 ? 13.401  -9.317  5.211   1.00 27.60 ? 79  LEU B N   1 
ATOM   1163 C  CA  . LEU B 1 109 ? 12.244  -10.205 5.045   1.00 26.99 ? 79  LEU B CA  1 
ATOM   1164 C  C   . LEU B 1 109 ? 10.938  -9.452  5.162   1.00 27.28 ? 79  LEU B C   1 
ATOM   1165 O  O   . LEU B 1 109 ? 10.005  -9.725  4.379   1.00 26.80 ? 79  LEU B O   1 
ATOM   1166 C  CB  . LEU B 1 109 ? 12.253  -11.343 6.087   1.00 27.26 ? 79  LEU B CB  1 
ATOM   1167 C  CG  . LEU B 1 109 ? 13.440  -12.284 6.083   1.00 28.23 ? 79  LEU B CG  1 
ATOM   1168 C  CD1 . LEU B 1 109 ? 13.369  -13.333 7.220   1.00 31.04 ? 79  LEU B CD1 1 
ATOM   1169 C  CD2 . LEU B 1 109 ? 13.580  -12.947 4.666   1.00 29.82 ? 79  LEU B CD2 1 
ATOM   1170 N  N   . ILE B 1 110 ? 10.863  -8.498  6.090   1.00 26.55 ? 80  ILE B N   1 
ATOM   1171 C  CA  . ILE B 1 110 ? 9.632   -7.685  6.205   1.00 28.15 ? 80  ILE B CA  1 
ATOM   1172 C  C   . ILE B 1 110 ? 9.417   -6.834  4.936   1.00 26.88 ? 80  ILE B C   1 
ATOM   1173 O  O   . ILE B 1 110 ? 8.335   -6.815  4.378   1.00 24.91 ? 80  ILE B O   1 
ATOM   1174 C  CB  . ILE B 1 110 ? 9.606   -6.808  7.456   1.00 27.80 ? 80  ILE B CB  1 
ATOM   1175 C  CG1 . ILE B 1 110 ? 9.420   -7.670  8.730   1.00 30.82 ? 80  ILE B CG1 1 
ATOM   1176 C  CG2 . ILE B 1 110 ? 8.429   -5.847  7.373   1.00 29.00 ? 80  ILE B CG2 1 
ATOM   1177 C  CD1 . ILE B 1 110 ? 10.020  -7.059  9.949   1.00 33.77 ? 80  ILE B CD1 1 
ATOM   1178 N  N   . LEU B 1 111 ? 10.454  -6.150  4.479   1.00 27.55 ? 81  LEU B N   1 
ATOM   1179 C  CA  . LEU B 1 111 ? 10.382  -5.349  3.259   1.00 28.38 ? 81  LEU B CA  1 
ATOM   1180 C  C   . LEU B 1 111 ? 9.909   -6.174  2.067   1.00 28.85 ? 81  LEU B C   1 
ATOM   1181 O  O   . LEU B 1 111 ? 8.966   -5.771  1.373   1.00 27.74 ? 81  LEU B O   1 
ATOM   1182 C  CB  . LEU B 1 111 ? 11.711  -4.638  2.983   1.00 28.66 ? 81  LEU B CB  1 
ATOM   1183 C  CG  . LEU B 1 111 ? 11.826  -3.790  1.708   1.00 29.78 ? 81  LEU B CG  1 
ATOM   1184 C  CD1 . LEU B 1 111 ? 12.909  -2.744  1.921   1.00 32.57 ? 81  LEU B CD1 1 
ATOM   1185 C  CD2 . LEU B 1 111 ? 12.109  -4.632  0.427   1.00 30.16 ? 81  LEU B CD2 1 
ATOM   1186 N  N   . ALA B 1 112 ? 10.502  -7.345  1.853   1.00 27.97 ? 82  ALA B N   1 
ATOM   1187 C  CA  . ALA B 1 112 ? 10.075  -8.214  0.732   1.00 28.82 ? 82  ALA B CA  1 
ATOM   1188 C  C   . ALA B 1 112 ? 8.623   -8.661  0.824   1.00 28.36 ? 82  ALA B C   1 
ATOM   1189 O  O   . ALA B 1 112 ? 7.891   -8.562  -0.160  1.00 28.30 ? 82  ALA B O   1 
ATOM   1190 C  CB  . ALA B 1 112 ? 10.967  -9.417  0.579   1.00 28.09 ? 82  ALA B CB  1 
ATOM   1191 N  N   . ALA B 1 113 ? 8.240   -9.154  1.992   1.00 28.58 ? 83  ALA B N   1 
ATOM   1192 C  CA  . ALA B 1 113 ? 6.912   -9.701  2.236   1.00 28.71 ? 83  ALA B CA  1 
ATOM   1193 C  C   . ALA B 1 113 ? 5.854   -8.617  2.087   1.00 28.09 ? 83  ALA B C   1 
ATOM   1194 O  O   . ALA B 1 113 ? 4.859   -8.825  1.388   1.00 26.63 ? 83  ALA B O   1 
ATOM   1195 C  CB  . ALA B 1 113 ? 6.840   -10.323 3.611   1.00 29.07 ? 83  ALA B CB  1 
ATOM   1196 N  N   . VAL B 1 114 ? 6.110   -7.451  2.670   1.00 26.71 ? 84  VAL B N   1 
ATOM   1197 C  CA  . VAL B 1 114 ? 5.178   -6.320  2.527   1.00 27.79 ? 84  VAL B CA  1 
ATOM   1198 C  C   . VAL B 1 114 ? 5.025   -5.878  1.065   1.00 27.67 ? 84  VAL B C   1 
ATOM   1199 O  O   . VAL B 1 114 ? 3.883   -5.714  0.596   1.00 26.49 ? 84  VAL B O   1 
ATOM   1200 C  CB  . VAL B 1 114 ? 5.538   -5.106  3.434   1.00 26.54 ? 84  VAL B CB  1 
ATOM   1201 C  CG1 . VAL B 1 114 ? 4.581   -3.931  3.149   1.00 27.56 ? 84  VAL B CG1 1 
ATOM   1202 C  CG2 . VAL B 1 114 ? 5.477   -5.495  4.864   1.00 28.91 ? 84  VAL B CG2 1 
ATOM   1203 N  N   . ASN B 1 115 ? 6.149   -5.686  0.366   1.00 27.13 ? 85  ASN B N   1 
ATOM   1204 C  CA  . ASN B 1 115 ? 6.103   -5.295  -1.018  1.00 27.89 ? 85  ASN B CA  1 
ATOM   1205 C  C   . ASN B 1 115 ? 5.387   -6.286  -1.931  1.00 27.84 ? 85  ASN B C   1 
ATOM   1206 O  O   . ASN B 1 115 ? 4.652   -5.885  -2.822  1.00 25.96 ? 85  ASN B O   1 
ATOM   1207 C  CB  . ASN B 1 115 ? 7.497   -4.935  -1.562  1.00 28.50 ? 85  ASN B CB  1 
ATOM   1208 C  CG  . ASN B 1 115 ? 7.936   -3.537  -1.165  1.00 27.02 ? 85  ASN B CG  1 
ATOM   1209 O  OD1 . ASN B 1 115 ? 7.122   -2.652  -1.012  1.00 28.99 ? 85  ASN B OD1 1 
ATOM   1210 N  ND2 . ASN B 1 115 ? 9.228   -3.334  -1.032  1.00 25.37 ? 85  ASN B ND2 1 
ATOM   1211 N  N   . GLU B 1 116 ? 5.593   -7.568  -1.729  1.00 27.15 ? 86  GLU B N   1 
ATOM   1212 C  CA  . GLU B 1 116 ? 4.883   -8.586  -2.498  1.00 28.54 ? 86  GLU B CA  1 
ATOM   1213 C  C   . GLU B 1 116 ? 3.388   -8.600  -2.168  1.00 28.77 ? 86  GLU B C   1 
ATOM   1214 O  O   . GLU B 1 116 ? 2.569   -8.688  -3.095  1.00 29.57 ? 86  GLU B O   1 
ATOM   1215 C  CB  . GLU B 1 116 ? 5.534   -9.961  -2.270  1.00 29.03 ? 86  GLU B CB  1 
ATOM   1216 C  CG  . GLU B 1 116 ? 4.869   -11.143 -2.975  1.00 31.05 ? 86  GLU B CG  1 
ATOM   1217 C  CD  . GLU B 1 116 ? 4.967   -11.114 -4.500  1.00 38.55 ? 86  GLU B CD  1 
ATOM   1218 O  OE1 . GLU B 1 116 ? 5.515   -10.160 -5.127  1.00 38.96 ? 86  GLU B OE1 1 
ATOM   1219 O  OE2 . GLU B 1 116 ? 4.483   -12.098 -5.094  1.00 43.94 ? 86  GLU B OE2 1 
ATOM   1220 N  N   . ALA B 1 117 ? 3.025   -8.464  -0.885  1.00 28.92 ? 87  ALA B N   1 
ATOM   1221 C  CA  . ALA B 1 117 ? 1.600   -8.345  -0.447  1.00 28.10 ? 87  ALA B CA  1 
ATOM   1222 C  C   . ALA B 1 117 ? 0.900   -7.169  -1.134  1.00 28.95 ? 87  ALA B C   1 
ATOM   1223 O  O   . ALA B 1 117 ? -0.236  -7.303  -1.666  1.00 28.75 ? 87  ALA B O   1 
ATOM   1224 C  CB  . ALA B 1 117 ? 1.502   -8.158  1.017   1.00 28.36 ? 87  ALA B CB  1 
ATOM   1225 N  N   . LEU B 1 118 ? 1.570   -6.016  -1.114  1.00 27.98 ? 88  LEU B N   1 
ATOM   1226 C  CA  . LEU B 1 118 ? 1.045   -4.828  -1.776  1.00 28.81 ? 88  LEU B CA  1 
ATOM   1227 C  C   . LEU B 1 118 ? 0.862   -5.042  -3.296  1.00 29.23 ? 88  LEU B C   1 
ATOM   1228 O  O   . LEU B 1 118 ? -0.181  -4.613  -3.862  1.00 28.41 ? 88  LEU B O   1 
ATOM   1229 C  CB  . LEU B 1 118 ? 1.909   -3.603  -1.455  1.00 28.59 ? 88  LEU B CB  1 
ATOM   1230 C  CG  . LEU B 1 118 ? 1.847   -3.047  -0.009  1.00 28.35 ? 88  LEU B CG  1 
ATOM   1231 C  CD1 . LEU B 1 118 ? 2.850   -1.960  0.214   1.00 30.19 ? 88  LEU B CD1 1 
ATOM   1232 C  CD2 . LEU B 1 118 ? 0.455   -2.560  0.382   1.00 32.95 ? 88  LEU B CD2 1 
ATOM   1233 N  N   . ARG B 1 119 ? 1.818   -5.724  -3.954  1.00 29.14 ? 89  ARG B N   1 
ATOM   1234 C  CA  . ARG B 1 119 ? 1.706   -6.062  -5.399  1.00 30.29 ? 89  ARG B CA  1 
ATOM   1235 C  C   . ARG B 1 119 ? 0.542   -7.047  -5.697  1.00 30.23 ? 89  ARG B C   1 
ATOM   1236 O  O   . ARG B 1 119 ? -0.165  -6.910  -6.720  1.00 29.46 ? 89  ARG B O   1 
ATOM   1237 C  CB  . ARG B 1 119 ? 3.051   -6.624  -5.933  1.00 30.87 ? 89  ARG B CB  1 
ATOM   1238 C  CG  . ARG B 1 119 ? 4.137   -5.549  -6.101  1.00 31.85 ? 89  ARG B CG  1 
ATOM   1239 C  CD  . ARG B 1 119 ? 5.343   -6.006  -6.899  1.00 34.24 ? 89  ARG B CD  1 
ATOM   1240 N  NE  . ARG B 1 119 ? 5.985   -7.165  -6.283  1.00 37.89 ? 89  ARG B NE  1 
ATOM   1241 C  CZ  . ARG B 1 119 ? 7.076   -7.156  -5.513  1.00 37.50 ? 89  ARG B CZ  1 
ATOM   1242 N  NH1 . ARG B 1 119 ? 7.715   -6.032  -5.206  1.00 41.15 ? 89  ARG B NH1 1 
ATOM   1243 N  NH2 . ARG B 1 119 ? 7.515   -8.299  -5.037  1.00 35.34 ? 89  ARG B NH2 1 
ATOM   1244 N  N   . LYS B 1 120 ? 0.323   -8.006  -4.791  1.00 29.38 ? 90  LYS B N   1 
ATOM   1245 C  CA  . LYS B 1 120 ? -0.805  -8.951  -4.880  1.00 30.61 ? 90  LYS B CA  1 
ATOM   1246 C  C   . LYS B 1 120 ? -2.141  -8.254  -4.642  1.00 29.97 ? 90  LYS B C   1 
ATOM   1247 O  O   . LYS B 1 120 ? -3.164  -8.649  -5.222  1.00 29.56 ? 90  LYS B O   1 
ATOM   1248 C  CB  . LYS B 1 120 ? -0.669  -10.111 -3.868  1.00 30.43 ? 90  LYS B CB  1 
ATOM   1249 C  CG  . LYS B 1 120 ? 0.432   -11.084 -4.140  1.00 34.42 ? 90  LYS B CG  1 
ATOM   1250 C  CD  . LYS B 1 120 ? 0.195   -12.388 -3.399  1.00 36.98 ? 90  LYS B CD  1 
ATOM   1251 C  CE  . LYS B 1 120 ? 1.332   -13.374 -3.633  1.00 40.31 ? 90  LYS B CE  1 
ATOM   1252 N  NZ  . LYS B 1 120 ? 1.152   -14.668 -2.915  1.00 41.86 ? 90  LYS B NZ  1 
ATOM   1253 N  N   . ALA B 1 121 ? -2.143  -7.256  -3.760  1.00 29.70 ? 91  ALA B N   1 
ATOM   1254 C  CA  . ALA B 1 121 ? -3.323  -6.425  -3.564  1.00 30.31 ? 91  ALA B CA  1 
ATOM   1255 C  C   . ALA B 1 121 ? -3.702  -5.699  -4.886  1.00 30.59 ? 91  ALA B C   1 
ATOM   1256 O  O   . ALA B 1 121 ? -4.874  -5.719  -5.314  1.00 30.11 ? 91  ALA B O   1 
ATOM   1257 C  CB  . ALA B 1 121 ? -3.110  -5.437  -2.419  1.00 30.08 ? 91  ALA B CB  1 
ATOM   1258 N  N   . ASP B 1 122 ? -2.721  -5.078  -5.538  1.00 31.03 ? 92  ASP B N   1 
ATOM   1259 C  CA  . ASP B 1 122 ? -2.954  -4.403  -6.829  1.00 32.64 ? 92  ASP B CA  1 
ATOM   1260 C  C   . ASP B 1 122 ? -3.520  -5.370  -7.863  1.00 32.50 ? 92  ASP B C   1 
ATOM   1261 O  O   . ASP B 1 122 ? -4.447  -5.029  -8.604  1.00 32.01 ? 92  ASP B O   1 
ATOM   1262 C  CB  . ASP B 1 122 ? -1.686  -3.755  -7.382  1.00 33.18 ? 92  ASP B CB  1 
ATOM   1263 C  CG  . ASP B 1 122 ? -1.324  -2.460  -6.677  1.00 36.45 ? 92  ASP B CG  1 
ATOM   1264 O  OD1 . ASP B 1 122 ? -2.216  -1.796  -6.119  1.00 42.53 ? 92  ASP B OD1 1 
ATOM   1265 O  OD2 . ASP B 1 122 ? -0.132  -2.090  -6.704  1.00 42.43 ? 92  ASP B OD2 1 
ATOM   1266 N  N   . GLU B 1 123 ? -2.994  -6.590  -7.867  1.00 32.56 ? 93  GLU B N   1 
ATOM   1267 C  CA  . GLU B 1 123 ? -3.399  -7.611  -8.837  1.00 33.53 ? 93  GLU B CA  1 
ATOM   1268 C  C   . GLU B 1 123 ? -4.825  -8.111  -8.607  1.00 34.01 ? 93  GLU B C   1 
ATOM   1269 O  O   . GLU B 1 123 ? -5.534  -8.464  -9.566  1.00 32.45 ? 93  GLU B O   1 
ATOM   1270 C  CB  . GLU B 1 123 ? -2.421  -8.790  -8.788  1.00 33.56 ? 93  GLU B CB  1 
ATOM   1271 C  CG  . GLU B 1 123 ? -1.033  -8.464  -9.348  1.00 35.40 ? 93  GLU B CG  1 
HETATM 1272 N  N   . MSE B 1 124 ? -5.235  -8.183  -7.340  1.00 34.58 ? 94  MSE B N   1 
HETATM 1273 C  CA  . MSE B 1 124 ? -6.596  -8.577  -6.999  1.00 37.31 ? 94  MSE B CA  1 
HETATM 1274 C  C   . MSE B 1 124 ? -7.596  -7.514  -7.421  1.00 35.68 ? 94  MSE B C   1 
HETATM 1275 O  O   . MSE B 1 124 ? -8.671  -7.847  -7.923  1.00 35.04 ? 94  MSE B O   1 
HETATM 1276 C  CB  . MSE B 1 124 ? -6.753  -8.845  -5.507  1.00 36.82 ? 94  MSE B CB  1 
HETATM 1277 C  CG  . MSE B 1 124 ? -8.198  -8.963  -5.038  1.00 39.00 ? 94  MSE B CG  1 
HETATM 1278 SE SE  . MSE B 1 124 ? -8.308  -9.433  -3.142  1.00 47.91 ? 94  MSE B SE  1 
HETATM 1279 C  CE  . MSE B 1 124 ? -7.874  -7.702  -2.525  1.00 45.54 ? 94  MSE B CE  1 
ATOM   1280 N  N   . VAL B 1 125 ? -7.248  -6.247  -7.213  1.00 34.88 ? 95  VAL B N   1 
ATOM   1281 C  CA  . VAL B 1 125 ? -8.129  -5.160  -7.616  1.00 34.56 ? 95  VAL B CA  1 
ATOM   1282 C  C   . VAL B 1 125 ? -8.317  -5.244  -9.135  1.00 33.99 ? 95  VAL B C   1 
ATOM   1283 O  O   . VAL B 1 125 ? -9.448  -5.187  -9.628  1.00 33.09 ? 95  VAL B O   1 
ATOM   1284 C  CB  . VAL B 1 125 ? -7.588  -3.776  -7.169  1.00 34.56 ? 95  VAL B CB  1 
ATOM   1285 C  CG1 . VAL B 1 125 ? -8.420  -2.640  -7.758  1.00 35.52 ? 95  VAL B CG1 1 
ATOM   1286 C  CG2 . VAL B 1 125 ? -7.534  -3.671  -5.633  1.00 34.95 ? 95  VAL B CG2 1 
ATOM   1287 N  N   . THR B 1 126 ? -7.219  -5.395  -9.876  1.00 33.49 ? 96  THR B N   1 
ATOM   1288 C  CA  . THR B 1 126 ? -7.295  -5.496  -11.350 1.00 33.45 ? 96  THR B CA  1 
ATOM   1289 C  C   . THR B 1 126 ? -8.199  -6.657  -11.780 1.00 32.88 ? 96  THR B C   1 
ATOM   1290 O  O   . THR B 1 126 ? -9.061  -6.499  -12.650 1.00 32.43 ? 96  THR B O   1 
ATOM   1291 C  CB  . THR B 1 126 ? -5.888  -5.650  -11.987 1.00 33.74 ? 96  THR B CB  1 
ATOM   1292 O  OG1 . THR B 1 126 ? -5.128  -4.452  -11.759 1.00 32.65 ? 96  THR B OG1 1 
ATOM   1293 C  CG2 . THR B 1 126 ? -5.984  -5.924  -13.505 1.00 34.32 ? 96  THR B CG2 1 
ATOM   1294 N  N   . ALA B 1 127 ? -7.987  -7.812  -11.159 1.00 32.54 ? 97  ALA B N   1 
ATOM   1295 C  CA  . ALA B 1 127 ? -8.750  -9.019  -11.412 1.00 32.73 ? 97  ALA B CA  1 
ATOM   1296 C  C   . ALA B 1 127 ? -10.238 -8.804  -11.171 1.00 32.21 ? 97  ALA B C   1 
ATOM   1297 O  O   . ALA B 1 127 ? -11.053 -9.159  -12.021 1.00 31.94 ? 97  ALA B O   1 
ATOM   1298 C  CB  . ALA B 1 127 ? -8.219  -10.184 -10.517 1.00 32.97 ? 97  ALA B CB  1 
ATOM   1299 N  N   . GLU B 1 128 ? -10.589 -8.208  -10.031 1.00 31.79 ? 98  GLU B N   1 
ATOM   1300 C  CA  . GLU B 1 128 ? -12.020 -7.977  -9.685  1.00 32.62 ? 98  GLU B CA  1 
ATOM   1301 C  C   . GLU B 1 128 ? -12.691 -7.001  -10.625 1.00 32.39 ? 98  GLU B C   1 
ATOM   1302 O  O   . GLU B 1 128 ? -13.844 -7.183  -10.971 1.00 32.24 ? 98  GLU B O   1 
ATOM   1303 C  CB  . GLU B 1 128 ? -12.181 -7.511  -8.223  1.00 32.64 ? 98  GLU B CB  1 
ATOM   1304 C  CG  . GLU B 1 128 ? -11.745 -8.587  -7.218  1.00 33.60 ? 98  GLU B CG  1 
ATOM   1305 C  CD  . GLU B 1 128 ? -12.502 -9.874  -7.431  1.00 34.04 ? 98  GLU B CD  1 
ATOM   1306 O  OE1 . GLU B 1 128 ? -13.731 -9.801  -7.599  1.00 33.69 ? 98  GLU B OE1 1 
ATOM   1307 O  OE2 . GLU B 1 128 ? -11.877 -10.951 -7.439  1.00 37.38 ? 98  GLU B OE2 1 
ATOM   1308 N  N   . ILE B 1 129 ? -11.956 -5.980  -11.058 1.00 33.31 ? 99  ILE B N   1 
ATOM   1309 C  CA  . ILE B 1 129 ? -12.485 -5.041  -12.066 1.00 33.81 ? 99  ILE B CA  1 
ATOM   1310 C  C   . ILE B 1 129 ? -12.670 -5.706  -13.463 1.00 33.12 ? 99  ILE B C   1 
ATOM   1311 O  O   . ILE B 1 129 ? -13.665 -5.465  -14.135 1.00 32.45 ? 99  ILE B O   1 
ATOM   1312 C  CB  . ILE B 1 129 ? -11.580 -3.770  -12.187 1.00 34.79 ? 99  ILE B CB  1 
ATOM   1313 C  CG1 . ILE B 1 129 ? -11.760 -2.872  -10.951 1.00 35.56 ? 99  ILE B CG1 1 
ATOM   1314 C  CG2 . ILE B 1 129 ? -11.932 -2.989  -13.430 1.00 34.18 ? 99  ILE B CG2 1 
ATOM   1315 C  CD1 . ILE B 1 129 ? -10.703 -1.763  -10.813 1.00 35.22 ? 99  ILE B CD1 1 
ATOM   1316 N  N   . SER B 1 130 ? -11.718 -6.542  -13.880 1.00 32.44 ? 100 SER B N   1 
ATOM   1317 C  CA  . SER B 1 130 ? -11.843 -7.286  -15.138 1.00 32.48 ? 100 SER B CA  1 
ATOM   1318 C  C   . SER B 1 130 ? -13.103 -8.139  -15.159 1.00 31.94 ? 100 SER B C   1 
ATOM   1319 O  O   . SER B 1 130 ? -13.693 -8.350  -16.214 1.00 32.16 ? 100 SER B O   1 
ATOM   1320 C  CB  . SER B 1 130 ? -10.623 -8.197  -15.371 1.00 32.60 ? 100 SER B CB  1 
ATOM   1321 O  OG  . SER B 1 130 ? -9.450  -7.426  -15.461 1.00 33.64 ? 100 SER B OG  1 
ATOM   1322 N  N   . LYS B 1 131 ? -13.499 -8.646  -13.999 1.00 31.33 ? 101 LYS B N   1 
ATOM   1323 C  CA  . LYS B 1 131 ? -14.676 -9.498  -13.914 1.00 31.07 ? 101 LYS B CA  1 
ATOM   1324 C  C   . LYS B 1 131 ? -15.958 -8.726  -14.162 1.00 31.57 ? 101 LYS B C   1 
ATOM   1325 O  O   . LYS B 1 131 ? -16.937 -9.323  -14.613 1.00 31.29 ? 101 LYS B O   1 
ATOM   1326 C  CB  . LYS B 1 131 ? -14.741 -10.202 -12.558 1.00 31.02 ? 101 LYS B CB  1 
ATOM   1327 C  CG  . LYS B 1 131 ? -13.697 -11.304 -12.407 1.00 31.15 ? 101 LYS B CG  1 
ATOM   1328 C  CD  . LYS B 1 131 ? -13.611 -11.824 -10.987 1.00 31.43 ? 101 LYS B CD  1 
ATOM   1329 C  CE  . LYS B 1 131 ? -12.536 -12.860 -10.871 1.00 32.95 ? 101 LYS B CE  1 
ATOM   1330 N  NZ  . LYS B 1 131 ? -12.306 -13.232 -9.445  1.00 33.17 ? 101 LYS B NZ  1 
ATOM   1331 N  N   . ILE B 1 132 ? -15.949 -7.416  -13.897 1.00 31.33 ? 102 ILE B N   1 
ATOM   1332 C  CA  . ILE B 1 132 ? -17.139 -6.577  -14.112 1.00 32.02 ? 102 ILE B CA  1 
ATOM   1333 C  C   . ILE B 1 132 ? -17.089 -5.726  -15.382 1.00 32.52 ? 102 ILE B C   1 
ATOM   1334 O  O   . ILE B 1 132 ? -17.986 -4.916  -15.626 1.00 31.87 ? 102 ILE B O   1 
ATOM   1335 C  CB  . ILE B 1 132 ? -17.492 -5.714  -12.852 1.00 32.12 ? 102 ILE B CB  1 
ATOM   1336 C  CG1 . ILE B 1 132 ? -16.433 -4.643  -12.558 1.00 32.29 ? 102 ILE B CG1 1 
ATOM   1337 C  CG2 . ILE B 1 132 ? -17.714 -6.633  -11.647 1.00 32.27 ? 102 ILE B CG2 1 
ATOM   1338 C  CD1 . ILE B 1 132 ? -16.977 -3.449  -11.769 1.00 32.54 ? 102 ILE B CD1 1 
ATOM   1339 N  N   . THR B 1 133 ? -16.075 -5.941  -16.218 1.00 33.12 ? 103 THR B N   1 
ATOM   1340 C  CA  . THR B 1 133 ? -15.946 -5.188  -17.469 1.00 33.95 ? 103 THR B CA  1 
ATOM   1341 C  C   . THR B 1 133 ? -15.825 -6.119  -18.695 1.00 34.51 ? 103 THR B C   1 
ATOM   1342 O  O   . THR B 1 133 ? -15.490 -7.305  -18.561 1.00 34.50 ? 103 THR B O   1 
ATOM   1343 C  CB  . THR B 1 133 ? -14.758 -4.185  -17.383 1.00 33.91 ? 103 THR B CB  1 
ATOM   1344 O  OG1 . THR B 1 133 ? -13.542 -4.884  -17.090 1.00 32.98 ? 103 THR B OG1 1 
ATOM   1345 C  CG2 . THR B 1 133 ? -15.018 -3.148  -16.282 1.00 34.31 ? 103 THR B CG2 1 
HETATM 1346 X  UNK . UNX C 2 .   ? 17.956  -0.842  20.332  0.01 2.00  ? 201 UNX A UNK 1 
HETATM 1347 X  UNK . UNX D 2 .   ? -0.426  3.259   12.487  0.01 2.00  ? 202 UNX A UNK 1 
HETATM 1348 X  UNK . UNX E 2 .   ? 20.473  1.336   17.418  0.01 2.00  ? 203 UNX A UNK 1 
HETATM 1349 X  UNK . UNX F 2 .   ? 15.045  -16.836 6.376   0.01 2.00  ? 204 UNX B UNK 1 
HETATM 1350 O  O   . HOH G 3 .   ? -1.548  -1.248  12.797  1.00 36.88 ? 301 HOH A O   1 
HETATM 1351 O  O   . HOH G 3 .   ? 10.142  16.955  -12.543 1.00 24.71 ? 303 HOH A O   1 
HETATM 1352 O  O   . HOH G 3 .   ? 4.397   20.405  -16.161 1.00 25.58 ? 304 HOH A O   1 
HETATM 1353 O  O   . HOH G 3 .   ? 14.059  3.142   7.550   1.00 30.74 ? 305 HOH A O   1 
HETATM 1354 O  O   . HOH G 3 .   ? 9.507   14.880  -14.533 1.00 33.68 ? 311 HOH A O   1 
HETATM 1355 O  O   . HOH G 3 .   ? 4.670   16.361  -18.515 1.00 25.97 ? 313 HOH A O   1 
HETATM 1356 O  O   . HOH G 3 .   ? 14.080  2.756   13.637  1.00 29.98 ? 314 HOH A O   1 
HETATM 1357 O  O   . HOH G 3 .   ? 17.379  0.211   6.786   1.00 29.67 ? 316 HOH A O   1 
HETATM 1358 O  O   . HOH G 3 .   ? 16.148  -0.961  1.963   1.00 28.46 ? 319 HOH A O   1 
HETATM 1359 O  O   . HOH G 3 .   ? -0.227  -2.415  15.243  1.00 32.73 ? 320 HOH A O   1 
HETATM 1360 O  O   . HOH G 3 .   ? 1.956   18.954  -7.374  1.00 36.17 ? 321 HOH A O   1 
HETATM 1361 O  O   . HOH G 3 .   ? 6.130   14.156  -17.871 1.00 28.85 ? 325 HOH A O   1 
HETATM 1362 O  O   . HOH G 3 .   ? 7.724   6.355   17.133  1.00 30.09 ? 327 HOH A O   1 
HETATM 1363 O  O   . HOH G 3 .   ? 15.524  -1.594  4.890   1.00 25.24 ? 329 HOH A O   1 
HETATM 1364 O  O   . HOH G 3 .   ? 5.360   15.948  -6.796  1.00 27.46 ? 330 HOH A O   1 
HETATM 1365 O  O   . HOH G 3 .   ? 2.023   -0.795  17.797  1.00 24.61 ? 332 HOH A O   1 
HETATM 1366 O  O   . HOH G 3 .   ? -2.450  22.168  -13.689 1.00 30.87 ? 334 HOH A O   1 
HETATM 1367 O  O   . HOH G 3 .   ? 16.651  -7.366  22.245  1.00 33.07 ? 335 HOH A O   1 
HETATM 1368 O  O   . HOH G 3 .   ? 17.468  0.849   24.318  1.00 34.99 ? 338 HOH A O   1 
HETATM 1369 O  O   . HOH G 3 .   ? 11.635  -0.908  -2.512  1.00 40.03 ? 339 HOH A O   1 
HETATM 1370 O  O   . HOH G 3 .   ? 7.838   3.754   -6.331  1.00 40.06 ? 340 HOH A O   1 
HETATM 1371 O  O   . HOH G 3 .   ? 1.075   -8.686  16.926  1.00 38.76 ? 341 HOH A O   1 
HETATM 1372 O  O   . HOH G 3 .   ? 7.252   -14.507 20.985  1.00 45.25 ? 342 HOH A O   1 
HETATM 1373 O  O   . HOH G 3 .   ? 3.988   10.062  -16.068 1.00 27.41 ? 348 HOH A O   1 
HETATM 1374 O  O   . HOH G 3 .   ? 10.249  -8.903  19.129  1.00 33.84 ? 352 HOH A O   1 
HETATM 1375 O  O   . HOH G 3 .   ? 13.049  9.217   5.023   1.00 37.37 ? 354 HOH A O   1 
HETATM 1376 O  O   . HOH G 3 .   ? 12.157  -2.665  24.332  1.00 40.14 ? 355 HOH A O   1 
HETATM 1377 O  O   . HOH G 3 .   ? -4.436  23.803  -15.655 1.00 39.87 ? 359 HOH A O   1 
HETATM 1378 O  O   . HOH G 3 .   ? -3.118  15.578  1.541   1.00 29.41 ? 362 HOH A O   1 
HETATM 1379 O  O   . HOH G 3 .   ? 16.034  -9.825  22.638  1.00 40.84 ? 363 HOH A O   1 
HETATM 1380 O  O   . HOH G 3 .   ? 1.796   7.635   -7.281  1.00 38.10 ? 366 HOH A O   1 
HETATM 1381 O  O   . HOH G 3 .   ? 14.869  -0.111  -1.420  1.00 33.44 ? 367 HOH A O   1 
HETATM 1382 O  O   . HOH G 3 .   ? 18.789  -0.947  13.566  1.00 32.18 ? 369 HOH A O   1 
HETATM 1383 O  O   . HOH G 3 .   ? 3.166   16.565  -1.152  1.00 43.56 ? 370 HOH A O   1 
HETATM 1384 O  O   . HOH G 3 .   ? 18.975  5.585   19.612  1.00 49.41 ? 372 HOH A O   1 
HETATM 1385 O  O   . HOH G 3 .   ? 0.186   19.585  -23.639 1.00 33.20 ? 374 HOH A O   1 
HETATM 1386 O  O   . HOH G 3 .   ? 9.312   -3.636  -4.855  1.00 38.92 ? 375 HOH A O   1 
HETATM 1387 O  O   . HOH G 3 .   ? -1.781  21.511  -29.138 1.00 39.10 ? 379 HOH A O   1 
HETATM 1388 O  O   . HOH G 3 .   ? -2.437  1.687   5.659   1.00 38.01 ? 380 HOH A O   1 
HETATM 1389 O  O   . HOH G 3 .   ? 10.479  13.044  -0.737  1.00 46.60 ? 383 HOH A O   1 
HETATM 1390 O  O   . HOH G 3 .   ? 7.102   11.888  6.106   1.00 37.95 ? 384 HOH A O   1 
HETATM 1391 O  O   . HOH G 3 .   ? -0.995  10.104  12.706  1.00 53.32 ? 385 HOH A O   1 
HETATM 1392 O  O   . HOH G 3 .   ? 10.957  10.104  3.610   1.00 46.03 ? 386 HOH A O   1 
HETATM 1393 O  O   . HOH G 3 .   ? 9.293   12.517  5.069   1.00 48.87 ? 387 HOH A O   1 
HETATM 1394 O  O   . HOH G 3 .   ? 16.353  3.239   22.087  1.00 41.31 ? 388 HOH A O   1 
HETATM 1395 O  O   . HOH G 3 .   ? 2.288   12.843  3.782   1.00 32.22 ? 389 HOH A O   1 
HETATM 1396 O  O   . HOH H 3 .   ? 14.384  -10.100 1.656   1.00 19.40 ? 302 HOH B O   1 
HETATM 1397 O  O   . HOH H 3 .   ? 17.392  -15.336 17.967  1.00 28.45 ? 306 HOH B O   1 
HETATM 1398 O  O   . HOH H 3 .   ? 5.049   -16.099 9.389   1.00 27.52 ? 307 HOH B O   1 
HETATM 1399 O  O   . HOH H 3 .   ? 21.718  -13.058 7.956   1.00 23.51 ? 308 HOH B O   1 
HETATM 1400 O  O   . HOH H 3 .   ? 0.047   -13.012 9.017   1.00 31.47 ? 309 HOH B O   1 
HETATM 1401 O  O   . HOH H 3 .   ? -24.175 -2.495  -5.383  1.00 27.57 ? 310 HOH B O   1 
HETATM 1402 O  O   . HOH H 3 .   ? -30.162 -2.338  -14.868 1.00 42.02 ? 312 HOH B O   1 
HETATM 1403 O  O   . HOH H 3 .   ? 19.197  -1.236  11.242  1.00 29.96 ? 315 HOH B O   1 
HETATM 1404 O  O   . HOH H 3 .   ? -21.124 -8.683  -1.764  1.00 30.29 ? 317 HOH B O   1 
HETATM 1405 O  O   . HOH H 3 .   ? -28.811 -0.510  -10.637 1.00 30.50 ? 318 HOH B O   1 
HETATM 1406 O  O   . HOH H 3 .   ? 8.217   -17.664 1.800   1.00 27.94 ? 322 HOH B O   1 
HETATM 1407 O  O   . HOH H 3 .   ? -15.507 -8.622  -9.200  1.00 32.11 ? 323 HOH B O   1 
HETATM 1408 O  O   . HOH H 3 .   ? 15.931  -6.045  1.445   1.00 31.58 ? 324 HOH B O   1 
HETATM 1409 O  O   . HOH H 3 .   ? -23.010 -2.211  -2.924  1.00 29.40 ? 326 HOH B O   1 
HETATM 1410 O  O   . HOH H 3 .   ? -23.646 -6.105  -8.290  1.00 30.32 ? 328 HOH B O   1 
HETATM 1411 O  O   . HOH H 3 .   ? 16.658  -11.135 12.959  1.00 34.80 ? 331 HOH B O   1 
HETATM 1412 O  O   . HOH H 3 .   ? -3.171  -14.188 -1.642  1.00 35.70 ? 333 HOH B O   1 
HETATM 1413 O  O   . HOH H 3 .   ? 21.763  -6.327  14.406  1.00 29.68 ? 336 HOH B O   1 
HETATM 1414 O  O   . HOH H 3 .   ? 7.175   -23.328 11.305  1.00 47.13 ? 337 HOH B O   1 
HETATM 1415 O  O   . HOH H 3 .   ? 4.503   -15.170 -1.193  1.00 39.66 ? 343 HOH B O   1 
HETATM 1416 O  O   . HOH H 3 .   ? -3.534  -11.176 -6.141  1.00 36.51 ? 344 HOH B O   1 
HETATM 1417 O  O   . HOH H 3 .   ? -1.305  -15.170 7.812   1.00 38.08 ? 345 HOH B O   1 
HETATM 1418 O  O   . HOH H 3 .   ? -5.258  -13.835 2.315   1.00 33.12 ? 346 HOH B O   1 
HETATM 1419 O  O   . HOH H 3 .   ? 2.517   -2.107  -4.834  1.00 34.44 ? 347 HOH B O   1 
HETATM 1420 O  O   . HOH H 3 .   ? -4.431  -14.865 4.613   1.00 34.98 ? 349 HOH B O   1 
HETATM 1421 O  O   . HOH H 3 .   ? -17.888 -10.093 -9.592  1.00 38.99 ? 350 HOH B O   1 
HETATM 1422 O  O   . HOH H 3 .   ? -6.173  1.862   2.874   1.00 44.38 ? 351 HOH B O   1 
HETATM 1423 O  O   . HOH H 3 .   ? 4.813   -2.906  -3.460  1.00 35.09 ? 353 HOH B O   1 
HETATM 1424 O  O   . HOH H 3 .   ? 24.517  -6.824  18.206  1.00 40.32 ? 356 HOH B O   1 
HETATM 1425 O  O   . HOH H 3 .   ? -18.868 1.111   -2.619  1.00 36.82 ? 357 HOH B O   1 
HETATM 1426 O  O   . HOH H 3 .   ? -9.992  -13.941 -9.051  1.00 32.23 ? 358 HOH B O   1 
HETATM 1427 O  O   . HOH H 3 .   ? -10.321 -8.365  6.068   1.00 40.21 ? 360 HOH B O   1 
HETATM 1428 O  O   . HOH H 3 .   ? 16.809  -18.105 10.540  1.00 37.66 ? 361 HOH B O   1 
HETATM 1429 O  O   . HOH H 3 .   ? -27.058 1.404   -9.421  1.00 45.92 ? 364 HOH B O   1 
HETATM 1430 O  O   . HOH H 3 .   ? -0.537  -9.020  13.200  1.00 36.56 ? 365 HOH B O   1 
HETATM 1431 O  O   . HOH H 3 .   ? 3.078   -17.786 9.931   1.00 42.42 ? 368 HOH B O   1 
HETATM 1432 O  O   . HOH H 3 .   ? -4.793  -2.684  10.503  1.00 42.39 ? 371 HOH B O   1 
HETATM 1433 O  O   . HOH H 3 .   ? -1.074  -16.519 -1.238  1.00 50.37 ? 373 HOH B O   1 
HETATM 1434 O  O   . HOH H 3 .   ? -20.706 -4.467  -14.928 1.00 38.14 ? 376 HOH B O   1 
HETATM 1435 O  O   . HOH H 3 .   ? 5.954   -11.233 -7.611  1.00 44.29 ? 377 HOH B O   1 
HETATM 1436 O  O   . HOH H 3 .   ? 23.180  -8.550  10.056  1.00 49.23 ? 378 HOH B O   1 
HETATM 1437 O  O   . HOH H 3 .   ? -9.142  -2.070  3.689   1.00 53.94 ? 381 HOH B O   1 
HETATM 1438 O  O   . HOH H 3 .   ? 13.328  -19.427 8.224   1.00 43.96 ? 382 HOH B O   1 
HETATM 1439 O  O   . HOH H 3 .   ? 17.342  -3.906  5.595   1.00 33.09 ? 390 HOH B O   1 
# 
